data_5A4J
#
_entry.id   5A4J
#
_cell.length_a   90.038
_cell.length_b   100.980
_cell.length_c   258.050
_cell.angle_alpha   90.00
_cell.angle_beta   90.00
_cell.angle_gamma   90.00
#
_symmetry.space_group_name_H-M   'P 21 21 21'
#
loop_
_entity.id
_entity.type
_entity.pdbx_description
1 polymer 'FORMATE--TETRAHYDROFOLATE LIGASE'
2 non-polymer 1,2-ETHANEDIOL
3 non-polymer DI(HYDROXYETHYL)ETHER
4 non-polymer 'D(-)-TARTARIC ACID'
5 non-polymer GLYCEROL
6 non-polymer 'POTASSIUM ION'
7 non-polymer 'ACETATE ION'
8 water water
#
_entity_poly.entity_id   1
_entity_poly.type   'polypeptide(L)'
_entity_poly.pdbx_seq_one_letter_code
;MSYKSDIEIAQEAKIEHIKDVATKIGLCEDDIEYYGKYKAKIDYNLLKRFEDKKDAKLILTTAINPTPAGEGKTTTTVGL
GDALRRLGKNAMIALREPSLGPVFGIKGGAAGGGYAQVVPMEDINLHFTGDFHAIGAANNLLAAMIDNHIYQGNELNIDP
RRITWKRCVDMNDRQLRFVVDGLGGKANGTPREDGYDITVASEIMAVFCLANDMEDLKNRLARIIIGYTYDGKPVTAGQL
KAQGAMAALLKDAFKPNLVQTLEGTPAFVHGGPFANIAHGCNSIIATKMALKLADYVVTEAGFGADLGAEKFLDIKCRMA
DIRPDAVVIVATIRALKYNGGVKKEDLNQENLDALKKGLPNLLKHVENITEKYGIPTVVAINQFPTDTERELALVQEECN
RLGVNAVLSEVWAKGGEGGLELAKEVVRIIEEGKNNFKPIYDLDMGIADKITTIAKEIYGADGVEFAPAALKEINTLEEL
GFKNVPVCIAKTQYSLTDDPKLLGRPTGFKINVRNVKISAGAGFVVALTGAIMTMPGLPKRPAAEKIDVDVNGKIAGLF
;
_entity_poly.pdbx_strand_id   A,B,C,D
#
loop_
_chem_comp.id
_chem_comp.type
_chem_comp.name
_chem_comp.formula
ACT non-polymer 'ACETATE ION' 'C2 H3 O2 -1'
EDO non-polymer 1,2-ETHANEDIOL 'C2 H6 O2'
GOL non-polymer GLYCEROL 'C3 H8 O3'
K non-polymer 'POTASSIUM ION' 'K 1'
PEG non-polymer DI(HYDROXYETHYL)ETHER 'C4 H10 O3'
TAR non-polymer 'D(-)-TARTARIC ACID' 'C4 H6 O6'
#
# COMPACT_ATOMS: atom_id res chain seq x y z
N MET A 1 -23.69 -52.02 8.91
CA MET A 1 -23.83 -51.11 7.74
C MET A 1 -22.47 -50.58 7.29
N SER A 2 -22.22 -50.68 5.98
CA SER A 2 -20.99 -50.19 5.38
C SER A 2 -21.31 -49.44 4.09
N TYR A 3 -20.99 -48.15 4.07
CA TYR A 3 -21.23 -47.32 2.89
C TYR A 3 -19.92 -47.14 2.13
N LYS A 4 -19.92 -47.50 0.85
CA LYS A 4 -18.83 -47.15 -0.05
C LYS A 4 -18.77 -45.63 -0.19
N SER A 5 -17.57 -45.08 -0.23
CA SER A 5 -17.40 -43.64 -0.41
C SER A 5 -17.90 -43.18 -1.79
N ASP A 6 -18.11 -41.87 -1.91
CA ASP A 6 -18.57 -41.28 -3.17
C ASP A 6 -17.62 -41.61 -4.31
N ILE A 7 -16.32 -41.56 -4.06
CA ILE A 7 -15.33 -41.83 -5.11
C ILE A 7 -15.26 -43.32 -5.45
N GLU A 8 -15.46 -44.19 -4.46
CA GLU A 8 -15.48 -45.63 -4.69
C GLU A 8 -16.64 -46.00 -5.63
N ILE A 9 -17.83 -45.48 -5.33
CA ILE A 9 -19.01 -45.67 -6.19
C ILE A 9 -18.72 -45.19 -7.61
N ALA A 10 -18.20 -43.97 -7.73
CA ALA A 10 -17.85 -43.38 -9.03
C ALA A 10 -16.85 -44.23 -9.82
N GLN A 11 -15.84 -44.77 -9.13
CA GLN A 11 -14.81 -45.60 -9.76
C GLN A 11 -15.35 -46.95 -10.20
N GLU A 12 -16.20 -47.56 -9.38
CA GLU A 12 -16.81 -48.85 -9.72
C GLU A 12 -17.91 -48.73 -10.79
N ALA A 13 -18.38 -47.51 -11.05
CA ALA A 13 -19.52 -47.29 -11.94
C ALA A 13 -19.17 -47.55 -13.39
N LYS A 14 -20.09 -48.22 -14.10
CA LYS A 14 -19.97 -48.41 -15.53
C LYS A 14 -20.54 -47.16 -16.19
N ILE A 15 -19.67 -46.37 -16.80
CA ILE A 15 -20.04 -45.06 -17.36
C ILE A 15 -20.14 -45.17 -18.88
N GLU A 16 -21.04 -44.41 -19.48
CA GLU A 16 -21.20 -44.42 -20.93
C GLU A 16 -20.33 -43.36 -21.61
N HIS A 17 -19.87 -43.68 -22.81
CA HIS A 17 -19.23 -42.69 -23.69
C HIS A 17 -20.25 -41.58 -23.92
N ILE A 18 -19.78 -40.34 -23.90
CA ILE A 18 -20.67 -39.18 -23.93
C ILE A 18 -21.47 -39.04 -25.23
N LYS A 19 -20.94 -39.60 -26.32
CA LYS A 19 -21.70 -39.71 -27.57
C LYS A 19 -23.05 -40.41 -27.37
N ASP A 20 -23.03 -41.51 -26.62
CA ASP A 20 -24.22 -42.32 -26.36
C ASP A 20 -25.20 -41.56 -25.45
N VAL A 21 -24.66 -40.74 -24.54
CA VAL A 21 -25.49 -39.90 -23.67
C VAL A 21 -26.14 -38.80 -24.50
N ALA A 22 -25.36 -38.19 -25.39
CA ALA A 22 -25.86 -37.15 -26.29
C ALA A 22 -27.00 -37.65 -27.19
N THR A 23 -26.89 -38.89 -27.64
CA THR A 23 -27.90 -39.52 -28.48
C THR A 23 -29.25 -39.61 -27.76
N LYS A 24 -29.23 -39.86 -26.45
CA LYS A 24 -30.45 -39.92 -25.64
C LYS A 24 -31.29 -38.63 -25.75
N ILE A 25 -30.62 -37.49 -25.97
CA ILE A 25 -31.36 -36.24 -26.19
C ILE A 25 -31.33 -35.77 -27.65
N GLY A 26 -31.15 -36.71 -28.56
CA GLY A 26 -31.26 -36.45 -30.00
C GLY A 26 -30.16 -35.61 -30.64
N LEU A 27 -29.01 -35.48 -29.97
CA LEU A 27 -27.94 -34.62 -30.45
C LEU A 27 -27.07 -35.35 -31.46
N CYS A 28 -26.77 -34.70 -32.59
CA CYS A 28 -25.89 -35.30 -33.59
C CYS A 28 -24.46 -34.79 -33.43
N GLU A 29 -23.51 -35.53 -33.99
CA GLU A 29 -22.08 -35.26 -33.75
CA GLU A 29 -22.07 -35.28 -33.79
C GLU A 29 -21.63 -33.90 -34.27
N ASP A 30 -22.31 -33.36 -35.27
CA ASP A 30 -21.97 -32.01 -35.77
C ASP A 30 -22.18 -30.91 -34.73
N ASP A 31 -23.03 -31.17 -33.74
CA ASP A 31 -23.32 -30.17 -32.71
C ASP A 31 -22.57 -30.41 -31.40
N ILE A 32 -21.75 -31.46 -31.32
CA ILE A 32 -21.01 -31.74 -30.09
C ILE A 32 -19.50 -31.72 -30.30
N GLU A 33 -18.79 -31.16 -29.33
CA GLU A 33 -17.33 -31.14 -29.35
C GLU A 33 -16.83 -31.90 -28.13
N TYR A 34 -16.09 -32.98 -28.38
CA TYR A 34 -15.62 -33.83 -27.29
C TYR A 34 -14.48 -33.18 -26.51
N TYR A 35 -14.52 -33.38 -25.19
CA TYR A 35 -13.39 -33.16 -24.31
C TYR A 35 -13.13 -34.50 -23.65
N GLY A 36 -12.38 -35.36 -24.33
CA GLY A 36 -12.24 -36.76 -23.94
C GLY A 36 -13.51 -37.54 -24.21
N LYS A 37 -13.60 -38.72 -23.63
CA LYS A 37 -14.72 -39.62 -23.90
C LYS A 37 -15.98 -39.29 -23.11
N TYR A 38 -15.84 -38.54 -22.01
CA TYR A 38 -16.92 -38.38 -21.03
C TYR A 38 -17.42 -36.96 -20.82
N LYS A 39 -17.03 -36.05 -21.70
CA LYS A 39 -17.51 -34.67 -21.66
C LYS A 39 -17.65 -34.12 -23.07
N ALA A 40 -18.59 -33.20 -23.26
CA ALA A 40 -18.71 -32.51 -24.54
C ALA A 40 -19.29 -31.11 -24.34
N LYS A 41 -18.95 -30.23 -25.26
CA LYS A 41 -19.59 -28.92 -25.35
C LYS A 41 -20.61 -28.93 -26.48
N ILE A 42 -21.79 -28.38 -26.21
CA ILE A 42 -22.89 -28.40 -27.16
C ILE A 42 -23.10 -27.02 -27.75
N ASP A 43 -23.11 -26.95 -29.08
CA ASP A 43 -23.21 -25.70 -29.81
C ASP A 43 -24.49 -24.93 -29.46
N TYR A 44 -24.32 -23.72 -28.95
CA TYR A 44 -25.45 -22.86 -28.60
C TYR A 44 -26.28 -22.39 -29.80
N ASN A 45 -25.71 -22.43 -30.99
CA ASN A 45 -26.41 -22.08 -32.22
C ASN A 45 -27.52 -23.05 -32.63
N LEU A 46 -27.56 -24.24 -32.03
CA LEU A 46 -28.64 -25.18 -32.33
C LEU A 46 -29.96 -24.72 -31.70
N LEU A 47 -29.88 -23.91 -30.65
CA LEU A 47 -31.07 -23.40 -29.96
C LEU A 47 -31.98 -22.60 -30.90
N LYS A 48 -31.38 -21.95 -31.90
CA LYS A 48 -32.12 -21.18 -32.89
C LYS A 48 -33.03 -22.05 -33.77
N ARG A 49 -32.61 -23.28 -34.03
CA ARG A 49 -33.42 -24.21 -34.83
C ARG A 49 -34.65 -24.74 -34.08
N PHE A 50 -34.69 -24.57 -32.77
CA PHE A 50 -35.78 -25.10 -31.94
C PHE A 50 -36.77 -24.03 -31.45
N GLU A 51 -36.73 -22.86 -32.07
CA GLU A 51 -37.61 -21.74 -31.66
C GLU A 51 -39.09 -22.13 -31.66
N ASP A 52 -39.48 -23.03 -32.55
CA ASP A 52 -40.88 -23.50 -32.63
C ASP A 52 -41.23 -24.56 -31.58
N LYS A 53 -40.25 -25.33 -31.14
CA LYS A 53 -40.51 -26.46 -30.25
C LYS A 53 -40.88 -26.02 -28.83
N LYS A 54 -41.94 -26.62 -28.30
CA LYS A 54 -42.42 -26.31 -26.95
C LYS A 54 -41.42 -26.77 -25.89
N ASP A 55 -41.25 -25.95 -24.87
CA ASP A 55 -40.36 -26.26 -23.76
C ASP A 55 -40.76 -27.54 -23.05
N ALA A 56 -39.76 -28.27 -22.58
CA ALA A 56 -39.96 -29.39 -21.65
C ALA A 56 -40.69 -28.94 -20.40
N LYS A 57 -41.16 -29.89 -19.61
CA LYS A 57 -41.63 -29.58 -18.26
C LYS A 57 -40.40 -29.16 -17.45
N LEU A 58 -40.53 -28.02 -16.76
CA LEU A 58 -39.44 -27.46 -15.98
C LEU A 58 -39.69 -27.68 -14.48
N ILE A 59 -38.77 -28.39 -13.84
CA ILE A 59 -38.84 -28.70 -12.43
C ILE A 59 -37.69 -28.01 -11.69
N LEU A 60 -38.03 -27.13 -10.74
CA LEU A 60 -37.04 -26.48 -9.88
C LEU A 60 -36.87 -27.24 -8.56
N THR A 61 -35.64 -27.66 -8.26
CA THR A 61 -35.32 -28.20 -6.95
C THR A 61 -34.77 -27.09 -6.06
N THR A 62 -35.35 -26.96 -4.88
CA THR A 62 -34.91 -25.97 -3.91
C THR A 62 -34.95 -26.64 -2.53
N ALA A 63 -34.81 -25.86 -1.47
CA ALA A 63 -34.76 -26.44 -0.14
C ALA A 63 -35.14 -25.44 0.95
N ILE A 64 -35.30 -25.97 2.15
CA ILE A 64 -35.40 -25.15 3.35
C ILE A 64 -34.05 -24.47 3.58
N ASN A 65 -34.00 -23.54 4.53
CA ASN A 65 -32.74 -22.87 4.83
C ASN A 65 -31.68 -23.89 5.20
N PRO A 66 -30.45 -23.74 4.67
CA PRO A 66 -29.41 -24.70 5.03
C PRO A 66 -29.11 -24.72 6.53
N THR A 67 -28.77 -25.90 7.04
CA THR A 67 -28.44 -26.10 8.44
C THR A 67 -27.22 -27.02 8.52
N PRO A 68 -26.61 -27.14 9.71
CA PRO A 68 -25.54 -28.13 9.87
C PRO A 68 -25.96 -29.60 9.64
N ALA A 69 -27.26 -29.85 9.48
CA ALA A 69 -27.76 -31.21 9.23
C ALA A 69 -27.38 -31.75 7.84
N GLY A 70 -27.48 -30.92 6.80
CA GLY A 70 -27.03 -31.29 5.45
C GLY A 70 -27.99 -30.99 4.32
N GLU A 71 -29.20 -31.56 4.39
CA GLU A 71 -30.25 -31.35 3.37
CA GLU A 71 -30.22 -31.34 3.36
C GLU A 71 -30.11 -32.30 2.17
N GLY A 72 -29.09 -32.11 1.35
CA GLY A 72 -28.88 -32.95 0.16
C GLY A 72 -29.75 -32.54 -1.02
N LYS A 73 -29.68 -31.26 -1.38
CA LYS A 73 -30.46 -30.75 -2.50
C LYS A 73 -30.04 -31.32 -3.86
N THR A 74 -28.75 -31.21 -4.17
CA THR A 74 -28.24 -31.64 -5.47
C THR A 74 -28.40 -33.15 -5.68
N THR A 75 -28.25 -33.90 -4.60
CA THR A 75 -28.50 -35.34 -4.57
C THR A 75 -29.93 -35.65 -5.05
N THR A 76 -30.89 -34.81 -4.66
CA THR A 76 -32.28 -34.95 -5.07
C THR A 76 -32.50 -34.58 -6.54
N THR A 77 -31.84 -33.53 -7.01
CA THR A 77 -31.92 -33.13 -8.40
C THR A 77 -31.44 -34.28 -9.30
N VAL A 78 -30.29 -34.84 -8.96
CA VAL A 78 -29.72 -35.95 -9.72
C VAL A 78 -30.61 -37.19 -9.66
N GLY A 79 -30.98 -37.58 -8.43
CA GLY A 79 -31.83 -38.74 -8.21
C GLY A 79 -33.19 -38.62 -8.89
N LEU A 80 -33.76 -37.42 -8.88
CA LEU A 80 -35.05 -37.19 -9.53
C LEU A 80 -34.95 -37.39 -11.03
N GLY A 81 -33.88 -36.89 -11.64
CA GLY A 81 -33.65 -37.10 -13.07
C GLY A 81 -33.50 -38.57 -13.41
N ASP A 82 -32.73 -39.28 -12.60
CA ASP A 82 -32.57 -40.72 -12.73
C ASP A 82 -33.90 -41.46 -12.59
N ALA A 83 -34.71 -41.07 -11.59
CA ALA A 83 -36.02 -41.70 -11.35
C ALA A 83 -37.00 -41.46 -12.49
N LEU A 84 -37.04 -40.23 -13.00
CA LEU A 84 -37.89 -39.90 -14.14
C LEU A 84 -37.56 -40.73 -15.37
N ARG A 85 -36.27 -40.98 -15.60
CA ARG A 85 -35.86 -41.84 -16.71
C ARG A 85 -36.28 -43.29 -16.47
N ARG A 86 -36.17 -43.76 -15.23
CA ARG A 86 -36.64 -45.11 -14.88
C ARG A 86 -38.16 -45.28 -15.11
N LEU A 87 -38.91 -44.18 -15.04
CA LEU A 87 -40.34 -44.20 -15.36
C LEU A 87 -40.63 -44.08 -16.86
N GLY A 88 -39.59 -44.09 -17.69
CA GLY A 88 -39.74 -43.96 -19.14
C GLY A 88 -39.87 -42.54 -19.67
N LYS A 89 -39.52 -41.54 -18.86
CA LYS A 89 -39.59 -40.14 -19.31
C LYS A 89 -38.25 -39.74 -19.92
N ASN A 90 -38.27 -38.92 -20.97
CA ASN A 90 -37.04 -38.37 -21.49
C ASN A 90 -36.69 -37.14 -20.65
N ALA A 91 -35.92 -37.39 -19.59
CA ALA A 91 -35.57 -36.38 -18.62
C ALA A 91 -34.06 -36.13 -18.62
N MET A 92 -33.66 -34.90 -18.33
CA MET A 92 -32.26 -34.56 -18.11
C MET A 92 -32.16 -33.50 -17.02
N ILE A 93 -30.96 -33.24 -16.53
CA ILE A 93 -30.76 -32.26 -15.47
C ILE A 93 -29.82 -31.12 -15.89
N ALA A 94 -29.92 -30.02 -15.16
CA ALA A 94 -29.07 -28.84 -15.35
C ALA A 94 -28.57 -28.33 -14.00
N LEU A 95 -27.25 -28.29 -13.83
CA LEU A 95 -26.59 -27.96 -12.58
C LEU A 95 -25.52 -26.88 -12.79
N ARG A 96 -25.05 -26.32 -11.68
CA ARG A 96 -23.95 -25.36 -11.71
C ARG A 96 -22.62 -26.09 -11.67
N GLU A 97 -21.61 -25.52 -12.32
CA GLU A 97 -20.25 -25.98 -12.16
C GLU A 97 -19.67 -25.37 -10.87
N PRO A 98 -18.96 -26.18 -10.07
CA PRO A 98 -18.37 -25.68 -8.83
C PRO A 98 -17.06 -24.88 -9.03
N SER A 99 -16.82 -23.94 -8.12
CA SER A 99 -15.61 -23.13 -8.13
C SER A 99 -14.35 -23.99 -7.89
N LEU A 100 -13.24 -23.63 -8.53
CA LEU A 100 -11.98 -24.37 -8.38
C LEU A 100 -11.36 -24.15 -7.00
N GLY A 101 -11.29 -22.91 -6.56
CA GLY A 101 -10.64 -22.54 -5.30
C GLY A 101 -10.98 -23.34 -4.04
N PRO A 102 -12.28 -23.49 -3.73
CA PRO A 102 -12.64 -24.18 -2.48
C PRO A 102 -12.17 -25.62 -2.38
N VAL A 103 -11.97 -26.26 -3.53
CA VAL A 103 -11.43 -27.63 -3.59
C VAL A 103 -10.10 -27.78 -2.84
N PHE A 104 -9.32 -26.71 -2.81
CA PHE A 104 -8.02 -26.75 -2.14
C PHE A 104 -8.06 -26.31 -0.67
N GLY A 105 -9.20 -25.78 -0.23
CA GLY A 105 -9.41 -25.39 1.16
C GLY A 105 -10.08 -26.51 1.94
N ILE A 106 -11.40 -26.60 1.85
N ILE A 106 -11.40 -26.55 1.85
CA ILE A 106 -12.14 -27.69 2.46
CA ILE A 106 -12.21 -27.65 2.38
C ILE A 106 -12.44 -28.73 1.39
C ILE A 106 -12.25 -28.73 1.31
N LYS A 107 -12.17 -29.99 1.71
CA LYS A 107 -12.21 -31.09 0.73
C LYS A 107 -13.44 -31.03 -0.18
N GLY A 108 -13.21 -31.07 -1.49
CA GLY A 108 -14.29 -31.10 -2.47
C GLY A 108 -15.21 -32.31 -2.29
N GLY A 109 -16.40 -32.22 -2.87
CA GLY A 109 -17.39 -33.29 -2.78
C GLY A 109 -18.04 -33.53 -4.13
N ALA A 110 -18.84 -34.60 -4.21
CA ALA A 110 -19.52 -34.94 -5.47
C ALA A 110 -20.60 -33.91 -5.81
N ALA A 111 -20.96 -33.87 -7.09
CA ALA A 111 -22.15 -33.16 -7.51
C ALA A 111 -23.28 -34.13 -7.20
N GLY A 112 -23.82 -34.03 -5.99
CA GLY A 112 -24.73 -35.02 -5.44
C GLY A 112 -24.00 -35.86 -4.41
N GLY A 113 -24.23 -37.17 -4.41
CA GLY A 113 -23.58 -38.06 -3.47
C GLY A 113 -24.20 -39.44 -3.50
N GLY A 114 -23.47 -40.40 -2.95
CA GLY A 114 -23.93 -41.79 -2.93
C GLY A 114 -24.16 -42.29 -4.35
N TYR A 115 -25.33 -42.85 -4.60
CA TYR A 115 -25.69 -43.35 -5.92
C TYR A 115 -26.45 -42.32 -6.75
N ALA A 116 -26.43 -41.07 -6.32
CA ALA A 116 -26.96 -39.96 -7.11
C ALA A 116 -25.87 -38.91 -7.33
N GLN A 117 -25.00 -39.18 -8.31
CA GLN A 117 -23.86 -38.32 -8.64
C GLN A 117 -23.80 -38.02 -10.14
N VAL A 118 -23.19 -36.90 -10.47
CA VAL A 118 -22.77 -36.59 -11.84
C VAL A 118 -21.32 -37.04 -11.95
N VAL A 119 -20.90 -37.40 -13.16
CA VAL A 119 -19.52 -37.85 -13.40
C VAL A 119 -19.04 -37.23 -14.72
N PRO A 120 -17.71 -37.04 -14.87
CA PRO A 120 -16.62 -37.37 -13.95
C PRO A 120 -16.31 -36.27 -12.94
N MET A 121 -16.43 -36.59 -11.66
CA MET A 121 -16.31 -35.58 -10.61
C MET A 121 -14.90 -35.03 -10.52
N GLU A 122 -13.91 -35.87 -10.77
CA GLU A 122 -12.51 -35.41 -10.78
C GLU A 122 -12.30 -34.24 -11.76
N ASP A 123 -12.93 -34.30 -12.94
CA ASP A 123 -12.83 -33.22 -13.94
C ASP A 123 -13.67 -32.01 -13.56
N ILE A 124 -14.90 -32.26 -13.13
CA ILE A 124 -15.85 -31.22 -12.77
C ILE A 124 -15.33 -30.37 -11.61
N ASN A 125 -14.67 -31.04 -10.64
CA ASN A 125 -14.04 -30.36 -9.50
C ASN A 125 -12.68 -29.72 -9.78
N LEU A 126 -12.13 -29.90 -10.98
CA LEU A 126 -10.89 -29.22 -11.37
C LEU A 126 -11.17 -28.22 -12.50
N HIS A 127 -10.46 -28.33 -13.63
CA HIS A 127 -10.59 -27.35 -14.71
C HIS A 127 -11.88 -27.56 -15.51
N PHE A 128 -12.43 -28.77 -15.43
CA PHE A 128 -13.59 -29.19 -16.22
C PHE A 128 -13.34 -28.89 -17.71
N THR A 129 -14.12 -28.01 -18.33
CA THR A 129 -13.93 -27.68 -19.75
C THR A 129 -13.35 -26.28 -19.96
N GLY A 130 -12.90 -25.64 -18.88
CA GLY A 130 -12.19 -24.36 -18.93
C GLY A 130 -13.04 -23.10 -18.83
N ASP A 131 -14.33 -23.25 -18.51
CA ASP A 131 -15.26 -22.11 -18.49
C ASP A 131 -14.87 -21.01 -17.50
N PHE A 132 -14.51 -21.41 -16.30
CA PHE A 132 -14.22 -20.44 -15.25
C PHE A 132 -12.89 -19.71 -15.50
N HIS A 133 -11.97 -20.36 -16.22
CA HIS A 133 -10.73 -19.69 -16.66
C HIS A 133 -11.05 -18.62 -17.69
N ALA A 134 -11.97 -18.91 -18.58
CA ALA A 134 -12.39 -17.96 -19.60
C ALA A 134 -13.09 -16.77 -18.96
N ILE A 135 -13.98 -17.06 -18.00
CA ILE A 135 -14.69 -16.02 -17.28
C ILE A 135 -13.70 -15.13 -16.52
N GLY A 136 -12.71 -15.73 -15.88
CA GLY A 136 -11.67 -14.97 -15.18
C GLY A 136 -10.81 -14.15 -16.13
N ALA A 137 -10.53 -14.71 -17.31
CA ALA A 137 -9.77 -14.00 -18.35
C ALA A 137 -10.49 -12.75 -18.84
N ALA A 138 -11.78 -12.88 -19.08
CA ALA A 138 -12.59 -11.74 -19.53
C ALA A 138 -12.66 -10.67 -18.45
N ASN A 139 -12.82 -11.10 -17.20
CA ASN A 139 -12.84 -10.19 -16.06
C ASN A 139 -11.54 -9.39 -15.95
N ASN A 140 -10.43 -10.09 -16.04
CA ASN A 140 -9.11 -9.49 -15.83
C ASN A 140 -8.60 -8.70 -17.04
N LEU A 141 -9.05 -9.06 -18.23
CA LEU A 141 -8.82 -8.23 -19.40
C LEU A 141 -9.47 -6.86 -19.16
N LEU A 142 -10.72 -6.85 -18.71
CA LEU A 142 -11.43 -5.61 -18.49
C LEU A 142 -10.69 -4.75 -17.46
N ALA A 143 -10.31 -5.36 -16.33
CA ALA A 143 -9.54 -4.65 -15.32
C ALA A 143 -8.29 -4.03 -15.93
N ALA A 144 -7.56 -4.83 -16.71
CA ALA A 144 -6.33 -4.37 -17.37
C ALA A 144 -6.59 -3.21 -18.34
N MET A 145 -7.72 -3.26 -19.02
CA MET A 145 -8.09 -2.22 -19.99
C MET A 145 -8.53 -0.93 -19.29
N ILE A 146 -9.17 -1.05 -18.13
CA ILE A 146 -9.54 0.12 -17.33
C ILE A 146 -8.30 0.90 -16.94
N ASP A 147 -7.34 0.21 -16.34
CA ASP A 147 -6.11 0.84 -15.88
C ASP A 147 -5.26 1.37 -17.04
N ASN A 148 -5.16 0.60 -18.12
CA ASN A 148 -4.44 1.06 -19.31
C ASN A 148 -5.05 2.36 -19.84
N HIS A 149 -6.36 2.43 -19.88
CA HIS A 149 -7.03 3.62 -20.38
C HIS A 149 -6.66 4.87 -19.58
N ILE A 150 -6.65 4.75 -18.26
CA ILE A 150 -6.27 5.83 -17.37
C ILE A 150 -4.79 6.15 -17.59
N TYR A 151 -3.99 5.11 -17.67
CA TYR A 151 -2.54 5.22 -17.83
C TYR A 151 -2.13 5.94 -19.12
N GLN A 152 -2.88 5.70 -20.18
CA GLN A 152 -2.53 6.22 -21.50
C GLN A 152 -3.07 7.64 -21.77
N GLY A 153 -3.79 8.24 -20.82
CA GLY A 153 -4.30 9.60 -21.00
C GLY A 153 -5.65 9.88 -20.37
N ASN A 154 -6.43 8.84 -20.10
CA ASN A 154 -7.70 8.94 -19.39
C ASN A 154 -8.70 9.92 -20.01
N GLU A 155 -8.99 9.73 -21.30
CA GLU A 155 -9.94 10.59 -22.00
C GLU A 155 -11.36 10.50 -21.45
N LEU A 156 -11.71 9.36 -20.84
CA LEU A 156 -13.03 9.17 -20.22
C LEU A 156 -13.13 9.80 -18.83
N ASN A 157 -12.00 10.30 -18.32
CA ASN A 157 -11.97 11.02 -17.06
C ASN A 157 -12.41 10.18 -15.85
N ILE A 158 -12.01 8.91 -15.86
CA ILE A 158 -12.32 7.99 -14.78
C ILE A 158 -11.56 8.41 -13.53
N ASP A 159 -12.26 8.50 -12.41
CA ASP A 159 -11.62 8.69 -11.12
C ASP A 159 -11.13 7.33 -10.63
N PRO A 160 -9.79 7.11 -10.58
CA PRO A 160 -9.25 5.80 -10.20
C PRO A 160 -9.72 5.32 -8.83
N ARG A 161 -10.09 6.27 -7.96
CA ARG A 161 -10.61 5.95 -6.64
C ARG A 161 -12.05 5.44 -6.69
N ARG A 162 -12.71 5.57 -7.85
CA ARG A 162 -14.12 5.22 -7.99
C ARG A 162 -14.33 4.09 -8.98
N ILE A 163 -13.28 3.34 -9.25
CA ILE A 163 -13.40 2.10 -10.01
C ILE A 163 -14.06 1.05 -9.13
N THR A 164 -15.22 0.54 -9.54
CA THR A 164 -15.89 -0.51 -8.78
C THR A 164 -15.53 -1.90 -9.30
N TRP A 165 -15.01 -1.97 -10.52
CA TRP A 165 -14.61 -3.26 -11.09
C TRP A 165 -13.44 -3.83 -10.30
N LYS A 166 -13.48 -5.12 -10.05
CA LYS A 166 -12.42 -5.80 -9.31
C LYS A 166 -11.77 -6.89 -10.14
N ARG A 167 -10.54 -7.23 -9.77
CA ARG A 167 -9.87 -8.35 -10.38
C ARG A 167 -10.37 -9.65 -9.75
N CYS A 168 -9.99 -10.79 -10.32
CA CYS A 168 -10.41 -12.06 -9.80
C CYS A 168 -9.40 -13.17 -10.05
N VAL A 169 -9.54 -14.23 -9.28
CA VAL A 169 -8.76 -15.44 -9.43
C VAL A 169 -9.64 -16.56 -8.83
N ASP A 170 -9.52 -17.78 -9.35
CA ASP A 170 -10.32 -18.89 -8.80
C ASP A 170 -9.49 -19.68 -7.79
N MET A 171 -9.10 -18.97 -6.73
CA MET A 171 -8.40 -19.54 -5.60
C MET A 171 -8.99 -18.91 -4.35
N ASN A 172 -8.91 -19.64 -3.24
CA ASN A 172 -9.31 -19.10 -1.95
C ASN A 172 -8.15 -18.33 -1.36
N ASP A 173 -8.07 -17.04 -1.69
CA ASP A 173 -6.89 -16.25 -1.35
C ASP A 173 -7.21 -14.93 -0.68
N ARG A 174 -7.33 -14.97 0.65
CA ARG A 174 -7.69 -13.79 1.43
C ARG A 174 -6.69 -12.64 1.26
N GLN A 175 -5.43 -12.99 0.96
CA GLN A 175 -4.37 -11.99 0.78
C GLN A 175 -4.70 -10.94 -0.30
N LEU A 176 -5.63 -11.28 -1.20
CA LEU A 176 -5.99 -10.39 -2.31
C LEU A 176 -7.31 -9.64 -2.10
N ARG A 177 -7.89 -9.74 -0.92
CA ARG A 177 -9.16 -9.06 -0.62
C ARG A 177 -9.01 -7.55 -0.74
N PHE A 178 -7.96 -7.01 -0.12
CA PHE A 178 -7.66 -5.58 -0.18
C PHE A 178 -6.18 -5.39 -0.56
N VAL A 179 -5.96 -4.71 -1.67
CA VAL A 179 -4.61 -4.46 -2.17
C VAL A 179 -4.47 -3.00 -2.59
N VAL A 180 -3.22 -2.56 -2.76
CA VAL A 180 -2.94 -1.34 -3.49
C VAL A 180 -2.05 -1.74 -4.65
N ASP A 181 -2.45 -1.39 -5.87
CA ASP A 181 -1.68 -1.72 -7.04
C ASP A 181 -1.34 -0.48 -7.88
N GLY A 182 -0.58 -0.68 -8.94
CA GLY A 182 -0.10 0.41 -9.76
C GLY A 182 1.01 1.22 -9.13
N LEU A 183 1.85 0.56 -8.33
CA LEU A 183 2.98 1.21 -7.68
C LEU A 183 4.24 1.09 -8.53
N GLY A 184 5.36 1.60 -7.99
CA GLY A 184 6.65 1.56 -8.69
C GLY A 184 6.90 2.73 -9.62
N GLY A 185 6.22 3.85 -9.38
CA GLY A 185 6.42 5.06 -10.18
C GLY A 185 5.59 5.09 -11.44
N LYS A 186 5.67 6.21 -12.16
CA LYS A 186 4.84 6.46 -13.34
C LYS A 186 5.05 5.48 -14.51
N ALA A 187 6.20 4.82 -14.57
CA ALA A 187 6.41 3.81 -15.60
C ALA A 187 5.47 2.59 -15.44
N ASN A 188 4.95 2.38 -14.23
CA ASN A 188 4.33 1.11 -13.87
C ASN A 188 2.85 1.15 -13.48
N GLY A 189 2.22 2.33 -13.57
CA GLY A 189 0.77 2.41 -13.41
C GLY A 189 0.31 3.69 -12.74
N THR A 190 -0.91 3.65 -12.20
CA THR A 190 -1.46 4.74 -11.38
C THR A 190 -1.93 4.14 -10.07
N PRO A 191 -1.31 4.54 -8.93
CA PRO A 191 -1.66 3.92 -7.66
C PRO A 191 -3.15 3.99 -7.35
N ARG A 192 -3.71 2.87 -6.91
CA ARG A 192 -5.10 2.84 -6.47
C ARG A 192 -5.39 1.66 -5.56
N GLU A 193 -6.43 1.82 -4.76
CA GLU A 193 -6.93 0.74 -3.91
C GLU A 193 -7.75 -0.18 -4.79
N ASP A 194 -7.59 -1.49 -4.59
CA ASP A 194 -8.16 -2.50 -5.46
C ASP A 194 -8.41 -3.74 -4.61
N GLY A 195 -8.98 -4.77 -5.21
CA GLY A 195 -9.20 -6.02 -4.51
C GLY A 195 -9.62 -7.10 -5.47
N TYR A 196 -9.58 -8.34 -5.01
CA TYR A 196 -9.97 -9.49 -5.80
C TYR A 196 -11.22 -10.16 -5.24
N ASP A 197 -12.12 -10.56 -6.12
CA ASP A 197 -13.17 -11.52 -5.79
C ASP A 197 -12.73 -12.88 -6.29
N ILE A 198 -13.27 -13.95 -5.71
CA ILE A 198 -13.12 -15.25 -6.34
C ILE A 198 -13.90 -15.17 -7.66
N THR A 199 -13.42 -15.88 -8.67
CA THR A 199 -13.92 -15.72 -10.04
C THR A 199 -15.43 -15.86 -10.17
N VAL A 200 -16.02 -16.79 -9.43
CA VAL A 200 -17.46 -17.03 -9.55
C VAL A 200 -18.30 -15.87 -8.99
N ALA A 201 -17.68 -14.97 -8.24
CA ALA A 201 -18.37 -13.77 -7.73
C ALA A 201 -18.27 -12.57 -8.67
N SER A 202 -17.46 -12.67 -9.72
CA SER A 202 -17.37 -11.60 -10.73
C SER A 202 -18.72 -11.38 -11.42
N GLU A 203 -19.01 -10.14 -11.81
CA GLU A 203 -20.21 -9.85 -12.59
C GLU A 203 -20.18 -10.53 -13.95
N ILE A 204 -18.99 -10.83 -14.47
CA ILE A 204 -18.89 -11.63 -15.69
C ILE A 204 -19.63 -12.97 -15.54
N MET A 205 -19.57 -13.58 -14.36
CA MET A 205 -20.26 -14.85 -14.11
C MET A 205 -21.78 -14.68 -14.22
N ALA A 206 -22.30 -13.62 -13.63
CA ALA A 206 -23.74 -13.34 -13.68
C ALA A 206 -24.19 -13.04 -15.11
N VAL A 207 -23.38 -12.27 -15.84
CA VAL A 207 -23.63 -11.98 -17.27
C VAL A 207 -23.64 -13.27 -18.09
N PHE A 208 -22.60 -14.07 -17.93
CA PHE A 208 -22.48 -15.38 -18.57
C PHE A 208 -23.74 -16.23 -18.34
N CYS A 209 -24.22 -16.24 -17.10
CA CYS A 209 -25.35 -17.09 -16.71
C CYS A 209 -26.70 -16.55 -17.10
N LEU A 210 -26.78 -15.26 -17.42
CA LEU A 210 -28.06 -14.63 -17.74
C LEU A 210 -28.23 -14.30 -19.23
N ALA A 211 -27.16 -14.41 -20.02
CA ALA A 211 -27.25 -14.15 -21.46
C ALA A 211 -28.12 -15.17 -22.17
N ASN A 212 -28.99 -14.69 -23.05
CA ASN A 212 -29.84 -15.57 -23.85
C ASN A 212 -29.12 -16.15 -25.06
N ASP A 213 -28.14 -15.40 -25.57
CA ASP A 213 -27.38 -15.81 -26.75
C ASP A 213 -26.12 -14.95 -26.84
N MET A 214 -25.28 -15.22 -27.84
CA MET A 214 -24.02 -14.51 -28.01
CA MET A 214 -24.02 -14.50 -27.98
C MET A 214 -24.22 -13.00 -28.22
N GLU A 215 -25.29 -12.63 -28.92
CA GLU A 215 -25.60 -11.22 -29.15
C GLU A 215 -25.95 -10.54 -27.83
N ASP A 216 -26.79 -11.19 -27.04
CA ASP A 216 -27.19 -10.65 -25.74
C ASP A 216 -26.00 -10.63 -24.76
N LEU A 217 -25.14 -11.65 -24.85
CA LEU A 217 -23.93 -11.70 -24.02
C LEU A 217 -23.08 -10.45 -24.27
N LYS A 218 -22.83 -10.17 -25.54
CA LYS A 218 -22.00 -9.03 -25.90
C LYS A 218 -22.64 -7.71 -25.47
N ASN A 219 -23.94 -7.55 -25.68
CA ASN A 219 -24.66 -6.36 -25.24
C ASN A 219 -24.59 -6.18 -23.73
N ARG A 220 -24.78 -7.28 -22.98
CA ARG A 220 -24.70 -7.23 -21.53
C ARG A 220 -23.30 -6.84 -21.07
N LEU A 221 -22.29 -7.42 -21.71
CA LEU A 221 -20.90 -7.07 -21.40
C LEU A 221 -20.62 -5.58 -21.58
N ALA A 222 -21.15 -5.00 -22.66
CA ALA A 222 -20.95 -3.56 -22.93
C ALA A 222 -21.60 -2.65 -21.88
N ARG A 223 -22.71 -3.12 -21.32
CA ARG A 223 -23.50 -2.38 -20.31
C ARG A 223 -22.83 -2.32 -18.95
N ILE A 224 -21.87 -3.20 -18.69
CA ILE A 224 -21.22 -3.23 -17.38
C ILE A 224 -20.71 -1.85 -17.01
N ILE A 225 -21.07 -1.39 -15.81
CA ILE A 225 -20.50 -0.16 -15.26
C ILE A 225 -19.25 -0.54 -14.48
N ILE A 226 -18.11 0.02 -14.88
CA ILE A 226 -16.82 -0.33 -14.27
C ILE A 226 -16.38 0.66 -13.20
N GLY A 227 -17.00 1.84 -13.18
CA GLY A 227 -16.65 2.88 -12.20
C GLY A 227 -17.26 4.21 -12.58
N TYR A 228 -16.70 5.29 -12.04
CA TYR A 228 -17.27 6.62 -12.21
C TYR A 228 -16.20 7.67 -12.50
N THR A 229 -16.59 8.70 -13.24
CA THR A 229 -15.73 9.84 -13.52
C THR A 229 -15.55 10.68 -12.26
N TYR A 230 -14.66 11.67 -12.34
CA TYR A 230 -14.49 12.63 -11.26
C TYR A 230 -15.79 13.37 -10.91
N ASP A 231 -16.64 13.59 -11.91
CA ASP A 231 -17.91 14.29 -11.70
C ASP A 231 -19.08 13.31 -11.42
N GLY A 232 -18.77 12.04 -11.19
CA GLY A 232 -19.77 11.07 -10.76
C GLY A 232 -20.58 10.39 -11.85
N LYS A 233 -20.17 10.55 -13.12
CA LYS A 233 -20.83 9.87 -14.23
C LYS A 233 -20.34 8.42 -14.37
N PRO A 234 -21.26 7.48 -14.64
CA PRO A 234 -20.85 6.10 -14.87
C PRO A 234 -20.03 5.92 -16.15
N VAL A 235 -19.06 5.01 -16.11
CA VAL A 235 -18.27 4.62 -17.27
C VAL A 235 -18.49 3.13 -17.51
N THR A 236 -18.73 2.74 -18.76
CA THR A 236 -19.06 1.36 -19.09
C THR A 236 -17.91 0.63 -19.79
N ALA A 237 -17.98 -0.69 -19.82
CA ALA A 237 -17.02 -1.50 -20.58
C ALA A 237 -17.12 -1.21 -22.08
N GLY A 238 -18.32 -0.88 -22.53
CA GLY A 238 -18.55 -0.49 -23.93
C GLY A 238 -17.82 0.79 -24.32
N GLN A 239 -17.75 1.73 -23.40
CA GLN A 239 -16.95 2.94 -23.62
C GLN A 239 -15.45 2.64 -23.70
N LEU A 240 -15.02 1.53 -23.10
CA LEU A 240 -13.63 1.09 -23.20
C LEU A 240 -13.41 0.15 -24.41
N LYS A 241 -14.49 -0.13 -25.15
CA LYS A 241 -14.46 -1.04 -26.29
C LYS A 241 -13.93 -2.44 -25.92
N ALA A 242 -14.37 -2.95 -24.78
CA ALA A 242 -13.89 -4.23 -24.27
C ALA A 242 -14.85 -5.39 -24.56
N GLN A 243 -16.08 -5.10 -24.98
CA GLN A 243 -17.13 -6.12 -25.01
C GLN A 243 -16.88 -7.22 -26.05
N GLY A 244 -16.32 -6.85 -27.20
CA GLY A 244 -16.01 -7.80 -28.26
C GLY A 244 -14.93 -8.78 -27.87
N ALA A 245 -13.86 -8.25 -27.26
CA ALA A 245 -12.74 -9.08 -26.81
C ALA A 245 -13.15 -10.04 -25.70
N MET A 246 -13.95 -9.55 -24.75
N MET A 246 -13.96 -9.56 -24.76
CA MET A 246 -14.50 -10.38 -23.68
CA MET A 246 -14.47 -10.41 -23.69
C MET A 246 -15.40 -11.47 -24.25
C MET A 246 -15.41 -11.49 -24.24
N ALA A 247 -16.25 -11.12 -25.22
CA ALA A 247 -17.11 -12.12 -25.87
C ALA A 247 -16.30 -13.20 -26.58
N ALA A 248 -15.20 -12.80 -27.23
CA ALA A 248 -14.33 -13.75 -27.92
C ALA A 248 -13.71 -14.72 -26.92
N LEU A 249 -13.28 -14.21 -25.77
CA LEU A 249 -12.74 -15.04 -24.71
C LEU A 249 -13.76 -16.05 -24.15
N LEU A 250 -15.06 -15.78 -24.35
CA LEU A 250 -16.14 -16.63 -23.84
C LEU A 250 -16.84 -17.44 -24.95
N LYS A 251 -16.38 -17.30 -26.17
CA LYS A 251 -17.01 -17.93 -27.35
C LYS A 251 -17.29 -19.42 -27.17
N ASP A 252 -16.29 -20.18 -26.71
CA ASP A 252 -16.47 -21.61 -26.48
C ASP A 252 -17.07 -21.91 -25.11
N ALA A 253 -16.70 -21.11 -24.10
CA ALA A 253 -17.17 -21.32 -22.75
C ALA A 253 -18.70 -21.25 -22.67
N PHE A 254 -19.29 -20.37 -23.47
CA PHE A 254 -20.74 -20.17 -23.49
C PHE A 254 -21.53 -21.38 -23.99
N LYS A 255 -20.84 -22.35 -24.60
CA LYS A 255 -21.45 -23.63 -24.97
C LYS A 255 -21.67 -24.51 -23.74
N PRO A 256 -22.92 -24.94 -23.49
CA PRO A 256 -23.13 -25.80 -22.31
C PRO A 256 -22.32 -27.10 -22.36
N ASN A 257 -21.96 -27.59 -21.19
CA ASN A 257 -21.19 -28.81 -21.04
C ASN A 257 -22.11 -29.99 -20.74
N LEU A 258 -22.01 -31.03 -21.57
CA LEU A 258 -22.76 -32.27 -21.36
C LEU A 258 -21.89 -33.31 -20.65
N VAL A 259 -22.40 -33.78 -19.52
CA VAL A 259 -21.84 -34.88 -18.76
C VAL A 259 -23.02 -35.81 -18.44
N GLN A 260 -22.93 -36.63 -17.40
CA GLN A 260 -23.96 -37.63 -17.14
C GLN A 260 -23.97 -38.03 -15.68
N THR A 261 -25.07 -38.64 -15.26
CA THR A 261 -25.18 -39.19 -13.92
C THR A 261 -24.67 -40.63 -13.94
N LEU A 262 -24.55 -41.24 -12.77
CA LEU A 262 -24.14 -42.64 -12.67
C LEU A 262 -25.04 -43.59 -13.49
N GLU A 263 -26.31 -43.25 -13.65
CA GLU A 263 -27.26 -44.10 -14.37
C GLU A 263 -27.42 -43.69 -15.84
N GLY A 264 -26.54 -42.80 -16.30
CA GLY A 264 -26.51 -42.39 -17.70
C GLY A 264 -27.52 -41.34 -18.09
N THR A 265 -28.02 -40.58 -17.11
CA THR A 265 -28.94 -39.48 -17.36
C THR A 265 -28.16 -38.27 -17.86
N PRO A 266 -28.56 -37.68 -19.01
CA PRO A 266 -27.84 -36.51 -19.50
C PRO A 266 -27.88 -35.35 -18.50
N ALA A 267 -26.76 -34.64 -18.36
CA ALA A 267 -26.67 -33.55 -17.41
C ALA A 267 -25.86 -32.42 -17.98
N PHE A 268 -26.44 -31.23 -18.03
CA PHE A 268 -25.69 -30.01 -18.29
C PHE A 268 -25.15 -29.47 -16.97
N VAL A 269 -23.89 -29.05 -17.01
CA VAL A 269 -23.21 -28.41 -15.89
C VAL A 269 -22.53 -27.18 -16.46
N HIS A 270 -23.02 -26.00 -16.09
CA HIS A 270 -22.68 -24.79 -16.81
C HIS A 270 -22.94 -23.54 -16.00
N GLY A 271 -21.88 -22.80 -15.67
CA GLY A 271 -21.99 -21.59 -14.88
C GLY A 271 -22.13 -21.88 -13.40
N GLY A 272 -21.90 -20.87 -12.56
CA GLY A 272 -22.01 -21.04 -11.12
C GLY A 272 -21.84 -19.74 -10.35
N PRO A 273 -22.85 -18.86 -10.40
CA PRO A 273 -22.82 -17.63 -9.61
C PRO A 273 -23.14 -17.87 -8.14
N PHE A 274 -22.78 -16.92 -7.29
CA PHE A 274 -23.23 -16.89 -5.90
C PHE A 274 -24.76 -16.75 -5.86
N ALA A 275 -25.35 -17.11 -4.73
CA ALA A 275 -26.80 -17.01 -4.55
C ALA A 275 -27.19 -15.87 -3.61
N ASN A 276 -26.22 -15.08 -3.15
CA ASN A 276 -26.51 -13.90 -2.35
C ASN A 276 -26.34 -12.61 -3.15
N ILE A 277 -25.13 -12.34 -3.64
CA ILE A 277 -24.91 -11.17 -4.50
C ILE A 277 -25.28 -11.44 -5.96
N ALA A 278 -25.66 -12.68 -6.26
CA ALA A 278 -26.26 -13.00 -7.55
C ALA A 278 -27.40 -13.99 -7.33
N HIS A 279 -27.84 -14.64 -8.41
CA HIS A 279 -29.11 -15.39 -8.44
C HIS A 279 -28.98 -16.91 -8.22
N GLY A 280 -27.76 -17.42 -8.15
CA GLY A 280 -27.52 -18.80 -7.72
C GLY A 280 -28.07 -19.92 -8.61
N CYS A 281 -28.13 -19.66 -9.92
CA CYS A 281 -28.65 -20.63 -10.88
C CYS A 281 -27.59 -20.95 -11.93
N ASN A 282 -27.70 -22.12 -12.57
CA ASN A 282 -26.89 -22.39 -13.74
C ASN A 282 -27.33 -21.49 -14.89
N SER A 283 -26.62 -21.57 -16.02
CA SER A 283 -26.81 -20.62 -17.09
C SER A 283 -28.18 -20.73 -17.74
N ILE A 284 -28.67 -19.58 -18.22
CA ILE A 284 -29.90 -19.55 -19.01
C ILE A 284 -29.73 -20.35 -20.28
N ILE A 285 -28.56 -20.24 -20.93
CA ILE A 285 -28.35 -20.94 -22.21
C ILE A 285 -28.48 -22.46 -22.03
N ALA A 286 -27.93 -22.99 -20.94
CA ALA A 286 -28.02 -24.43 -20.65
C ALA A 286 -29.45 -24.88 -20.33
N THR A 287 -30.15 -24.09 -19.52
CA THR A 287 -31.53 -24.43 -19.15
C THR A 287 -32.43 -24.37 -20.38
N LYS A 288 -32.31 -23.30 -21.16
CA LYS A 288 -33.12 -23.15 -22.39
C LYS A 288 -32.86 -24.28 -23.39
N MET A 289 -31.58 -24.62 -23.59
CA MET A 289 -31.20 -25.71 -24.48
CA MET A 289 -31.24 -25.70 -24.50
C MET A 289 -31.79 -27.04 -24.01
N ALA A 290 -31.69 -27.29 -22.70
CA ALA A 290 -32.21 -28.52 -22.11
C ALA A 290 -33.72 -28.61 -22.32
N LEU A 291 -34.42 -27.48 -22.15
CA LEU A 291 -35.85 -27.41 -22.34
C LEU A 291 -36.29 -27.74 -23.78
N LYS A 292 -35.41 -27.50 -24.77
CA LYS A 292 -35.71 -27.86 -26.15
C LYS A 292 -35.37 -29.32 -26.48
N LEU A 293 -34.40 -29.88 -25.78
CA LEU A 293 -33.90 -31.23 -26.08
C LEU A 293 -34.62 -32.37 -25.34
N ALA A 294 -35.05 -32.13 -24.10
CA ALA A 294 -35.68 -33.17 -23.31
C ALA A 294 -37.19 -32.93 -23.17
N ASP A 295 -37.89 -33.86 -22.52
CA ASP A 295 -39.32 -33.68 -22.16
C ASP A 295 -39.50 -33.18 -20.73
N TYR A 296 -38.55 -33.51 -19.86
CA TYR A 296 -38.52 -33.03 -18.48
C TYR A 296 -37.10 -32.54 -18.14
N VAL A 297 -37.01 -31.37 -17.51
CA VAL A 297 -35.72 -30.82 -17.10
C VAL A 297 -35.75 -30.51 -15.61
N VAL A 298 -34.82 -31.10 -14.87
CA VAL A 298 -34.68 -30.80 -13.45
C VAL A 298 -33.46 -29.90 -13.25
N THR A 299 -33.67 -28.73 -12.66
CA THR A 299 -32.58 -27.82 -12.33
C THR A 299 -32.72 -27.41 -10.86
N GLU A 300 -31.80 -26.60 -10.37
CA GLU A 300 -31.85 -26.16 -8.98
C GLU A 300 -31.35 -24.73 -8.83
N ALA A 301 -31.47 -24.21 -7.62
CA ALA A 301 -30.91 -22.91 -7.28
C ALA A 301 -30.29 -22.97 -5.90
N GLY A 302 -29.26 -22.15 -5.67
CA GLY A 302 -28.46 -22.22 -4.45
C GLY A 302 -29.18 -21.76 -3.20
N PHE A 303 -28.70 -22.26 -2.05
CA PHE A 303 -29.28 -21.94 -0.74
C PHE A 303 -30.77 -22.32 -0.66
N GLY A 304 -31.50 -21.82 0.32
CA GLY A 304 -32.90 -22.16 0.51
C GLY A 304 -33.81 -21.45 -0.46
N ALA A 305 -35.09 -21.78 -0.41
CA ALA A 305 -36.08 -21.23 -1.33
C ALA A 305 -36.32 -19.74 -1.16
N ASP A 306 -35.92 -19.19 0.00
CA ASP A 306 -35.99 -17.74 0.23
C ASP A 306 -34.96 -16.95 -0.58
N LEU A 307 -33.88 -17.61 -1.00
CA LEU A 307 -32.85 -16.95 -1.81
C LEU A 307 -32.85 -17.48 -3.24
N GLY A 308 -32.37 -18.71 -3.43
CA GLY A 308 -32.23 -19.30 -4.75
C GLY A 308 -33.51 -19.43 -5.55
N ALA A 309 -34.53 -20.06 -4.96
CA ALA A 309 -35.81 -20.22 -5.67
C ALA A 309 -36.42 -18.86 -5.97
N GLU A 310 -36.36 -17.95 -4.99
CA GLU A 310 -36.88 -16.59 -5.15
C GLU A 310 -36.28 -15.91 -6.37
N LYS A 311 -34.96 -16.00 -6.50
CA LYS A 311 -34.24 -15.33 -7.58
C LYS A 311 -34.40 -16.08 -8.92
N PHE A 312 -34.47 -17.40 -8.86
CA PHE A 312 -34.80 -18.21 -10.03
C PHE A 312 -36.15 -17.76 -10.62
N LEU A 313 -37.14 -17.61 -9.74
CA LEU A 313 -38.50 -17.28 -10.16
C LEU A 313 -38.70 -15.81 -10.49
N ASP A 314 -38.01 -14.92 -9.78
CA ASP A 314 -38.22 -13.47 -9.93
C ASP A 314 -37.19 -12.79 -10.84
N ILE A 315 -36.06 -13.45 -11.10
CA ILE A 315 -35.05 -12.90 -12.01
C ILE A 315 -34.87 -13.78 -13.25
N LYS A 316 -34.47 -15.03 -13.06
CA LYS A 316 -34.09 -15.89 -14.19
C LYS A 316 -35.27 -16.16 -15.13
N CYS A 317 -36.42 -16.54 -14.56
CA CYS A 317 -37.57 -16.94 -15.37
C CYS A 317 -38.06 -15.86 -16.35
N ARG A 318 -38.09 -14.61 -15.92
CA ARG A 318 -38.53 -13.52 -16.81
C ARG A 318 -37.48 -13.20 -17.86
N MET A 319 -36.20 -13.24 -17.49
CA MET A 319 -35.11 -12.98 -18.44
C MET A 319 -34.98 -14.08 -19.49
N ALA A 320 -35.32 -15.32 -19.11
CA ALA A 320 -35.25 -16.46 -20.00
C ALA A 320 -36.58 -16.76 -20.70
N ASP A 321 -37.65 -16.10 -20.25
CA ASP A 321 -39.01 -16.39 -20.73
C ASP A 321 -39.33 -17.88 -20.62
N ILE A 322 -39.08 -18.44 -19.43
CA ILE A 322 -39.42 -19.82 -19.10
C ILE A 322 -40.37 -19.82 -17.91
N ARG A 323 -41.07 -20.92 -17.73
CA ARG A 323 -42.12 -21.01 -16.71
C ARG A 323 -42.03 -22.36 -16.00
N PRO A 324 -41.89 -22.36 -14.66
CA PRO A 324 -41.79 -23.62 -13.93
C PRO A 324 -43.11 -24.37 -13.91
N ASP A 325 -43.04 -25.69 -13.99
CA ASP A 325 -44.20 -26.55 -13.95
C ASP A 325 -44.33 -27.29 -12.62
N ALA A 326 -43.25 -27.34 -11.85
CA ALA A 326 -43.28 -27.96 -10.52
C ALA A 326 -42.06 -27.53 -9.70
N VAL A 327 -42.22 -27.49 -8.38
CA VAL A 327 -41.11 -27.22 -7.47
C VAL A 327 -40.99 -28.33 -6.43
N VAL A 328 -39.78 -28.84 -6.25
CA VAL A 328 -39.46 -29.80 -5.20
C VAL A 328 -38.72 -29.07 -4.08
N ILE A 329 -39.27 -29.11 -2.87
CA ILE A 329 -38.60 -28.51 -1.71
C ILE A 329 -37.98 -29.63 -0.88
N VAL A 330 -36.66 -29.64 -0.82
CA VAL A 330 -35.93 -30.67 -0.10
C VAL A 330 -35.78 -30.27 1.37
N ALA A 331 -36.01 -31.24 2.26
CA ALA A 331 -35.87 -31.04 3.70
C ALA A 331 -35.40 -32.33 4.38
N THR A 332 -34.85 -32.20 5.58
CA THR A 332 -34.55 -33.36 6.41
C THR A 332 -35.19 -33.14 7.77
N ILE A 333 -35.55 -34.25 8.42
CA ILE A 333 -36.12 -34.21 9.76
C ILE A 333 -35.14 -33.59 10.76
N ARG A 334 -33.84 -33.90 10.62
CA ARG A 334 -32.85 -33.37 11.54
C ARG A 334 -32.63 -31.86 11.35
N ALA A 335 -32.68 -31.39 10.11
CA ALA A 335 -32.64 -29.95 9.84
C ALA A 335 -33.81 -29.24 10.51
N LEU A 336 -34.99 -29.85 10.47
CA LEU A 336 -36.16 -29.23 11.07
C LEU A 336 -36.12 -29.22 12.59
N LYS A 337 -35.66 -30.30 13.21
CA LYS A 337 -35.43 -30.31 14.67
C LYS A 337 -34.41 -29.25 15.10
N TYR A 338 -33.41 -29.01 14.26
CA TYR A 338 -32.43 -27.95 14.49
C TYR A 338 -33.13 -26.58 14.46
N ASN A 339 -33.99 -26.36 13.49
CA ASN A 339 -34.83 -25.16 13.46
C ASN A 339 -35.72 -25.07 14.70
N GLY A 340 -36.02 -26.23 15.28
CA GLY A 340 -36.83 -26.29 16.50
C GLY A 340 -36.09 -26.03 17.79
N GLY A 341 -34.77 -25.84 17.71
CA GLY A 341 -33.97 -25.48 18.88
C GLY A 341 -32.99 -26.54 19.35
N VAL A 342 -33.03 -27.72 18.75
CA VAL A 342 -32.11 -28.79 19.12
C VAL A 342 -30.69 -28.45 18.64
N LYS A 343 -29.71 -28.59 19.53
CA LYS A 343 -28.31 -28.32 19.18
C LYS A 343 -27.82 -29.30 18.14
N LYS A 344 -26.88 -28.88 17.30
CA LYS A 344 -26.43 -29.72 16.18
C LYS A 344 -25.80 -31.04 16.63
N GLU A 345 -25.36 -31.10 17.89
CA GLU A 345 -24.78 -32.32 18.45
C GLU A 345 -25.86 -33.34 18.87
N ASP A 346 -27.10 -32.88 19.07
CA ASP A 346 -28.17 -33.73 19.60
C ASP A 346 -29.22 -34.16 18.57
N LEU A 347 -28.95 -33.99 17.27
CA LEU A 347 -29.98 -34.12 16.24
C LEU A 347 -30.47 -35.55 15.96
N ASN A 348 -29.67 -36.56 16.27
CA ASN A 348 -30.07 -37.96 16.03
C ASN A 348 -31.21 -38.48 16.92
N GLN A 349 -31.44 -37.83 18.06
CA GLN A 349 -32.50 -38.25 18.98
C GLN A 349 -33.87 -37.85 18.46
N GLU A 350 -34.87 -38.71 18.63
CA GLU A 350 -36.24 -38.35 18.30
C GLU A 350 -36.69 -37.19 19.18
N ASN A 351 -37.22 -36.14 18.56
CA ASN A 351 -37.78 -35.03 19.31
C ASN A 351 -38.93 -34.42 18.53
N LEU A 352 -40.12 -34.99 18.74
CA LEU A 352 -41.34 -34.57 18.06
C LEU A 352 -41.73 -33.14 18.39
N ASP A 353 -41.45 -32.71 19.62
CA ASP A 353 -41.73 -31.36 20.06
C ASP A 353 -40.88 -30.37 19.27
N ALA A 354 -39.58 -30.66 19.18
CA ALA A 354 -38.66 -29.81 18.43
C ALA A 354 -39.00 -29.79 16.95
N LEU A 355 -39.34 -30.97 16.42
CA LEU A 355 -39.76 -31.11 15.03
C LEU A 355 -41.00 -30.26 14.75
N LYS A 356 -41.96 -30.28 15.67
CA LYS A 356 -43.17 -29.47 15.55
C LYS A 356 -42.82 -27.98 15.54
N LYS A 357 -41.86 -27.61 16.37
CA LYS A 357 -41.43 -26.21 16.53
C LYS A 357 -40.65 -25.69 15.32
N GLY A 358 -39.87 -26.56 14.69
CA GLY A 358 -39.00 -26.16 13.56
C GLY A 358 -39.69 -26.29 12.20
N LEU A 359 -40.67 -27.18 12.14
CA LEU A 359 -41.48 -27.43 10.93
C LEU A 359 -41.93 -26.16 10.19
N PRO A 360 -42.32 -25.09 10.92
CA PRO A 360 -42.72 -23.83 10.27
C PRO A 360 -41.73 -23.22 9.27
N ASN A 361 -40.44 -23.55 9.37
CA ASN A 361 -39.51 -23.13 8.33
C ASN A 361 -39.91 -23.77 7.00
N LEU A 362 -40.14 -25.07 7.00
CA LEU A 362 -40.60 -25.79 5.79
C LEU A 362 -41.95 -25.26 5.34
N LEU A 363 -42.88 -25.12 6.27
CA LEU A 363 -44.25 -24.71 5.94
C LEU A 363 -44.29 -23.32 5.31
N LYS A 364 -43.43 -22.42 5.76
CA LYS A 364 -43.30 -21.10 5.16
C LYS A 364 -42.85 -21.20 3.69
N HIS A 365 -41.81 -21.99 3.42
CA HIS A 365 -41.35 -22.19 2.03
C HIS A 365 -42.45 -22.84 1.19
N VAL A 366 -43.16 -23.80 1.76
CA VAL A 366 -44.27 -24.45 1.05
C VAL A 366 -45.33 -23.42 0.69
N GLU A 367 -45.65 -22.53 1.62
CA GLU A 367 -46.66 -21.49 1.39
C GLU A 367 -46.21 -20.49 0.33
N ASN A 368 -44.92 -20.12 0.37
CA ASN A 368 -44.36 -19.23 -0.65
C ASN A 368 -44.55 -19.79 -2.05
N ILE A 369 -44.11 -21.02 -2.28
CA ILE A 369 -44.20 -21.60 -3.61
C ILE A 369 -45.66 -21.80 -4.02
N THR A 370 -46.47 -22.38 -3.14
CA THR A 370 -47.85 -22.76 -3.50
C THR A 370 -48.80 -21.56 -3.55
N GLU A 371 -48.77 -20.71 -2.54
CA GLU A 371 -49.74 -19.61 -2.43
C GLU A 371 -49.25 -18.29 -3.02
N LYS A 372 -47.97 -17.98 -2.85
CA LYS A 372 -47.44 -16.70 -3.35
C LYS A 372 -47.09 -16.76 -4.82
N TYR A 373 -46.40 -17.83 -5.23
CA TYR A 373 -46.02 -18.01 -6.64
C TYR A 373 -47.06 -18.78 -7.44
N GLY A 374 -47.76 -19.72 -6.79
CA GLY A 374 -48.85 -20.46 -7.46
C GLY A 374 -48.40 -21.67 -8.24
N ILE A 375 -47.33 -22.34 -7.80
CA ILE A 375 -46.74 -23.45 -8.53
C ILE A 375 -46.98 -24.77 -7.79
N PRO A 376 -47.32 -25.84 -8.52
CA PRO A 376 -47.41 -27.17 -7.92
C PRO A 376 -46.14 -27.58 -7.19
N THR A 377 -46.31 -28.04 -5.95
CA THR A 377 -45.20 -28.31 -5.06
C THR A 377 -45.28 -29.71 -4.47
N VAL A 378 -44.12 -30.34 -4.33
CA VAL A 378 -43.95 -31.55 -3.55
C VAL A 378 -42.75 -31.32 -2.63
N VAL A 379 -42.81 -31.91 -1.43
CA VAL A 379 -41.71 -31.88 -0.50
C VAL A 379 -41.00 -33.23 -0.57
N ALA A 380 -39.66 -33.18 -0.61
CA ALA A 380 -38.83 -34.37 -0.65
C ALA A 380 -38.07 -34.46 0.67
N ILE A 381 -38.28 -35.55 1.39
CA ILE A 381 -37.59 -35.78 2.66
C ILE A 381 -36.46 -36.77 2.41
N ASN A 382 -35.23 -36.30 2.56
CA ASN A 382 -34.07 -37.17 2.37
C ASN A 382 -33.92 -38.08 3.54
N GLN A 383 -34.01 -39.38 3.29
CA GLN A 383 -34.10 -40.34 4.38
C GLN A 383 -32.82 -40.35 5.19
N PHE A 384 -32.96 -40.58 6.49
CA PHE A 384 -31.80 -40.67 7.37
C PHE A 384 -32.06 -41.76 8.43
N PRO A 385 -31.07 -42.62 8.71
CA PRO A 385 -31.29 -43.86 9.50
C PRO A 385 -31.85 -43.67 10.90
N THR A 386 -31.68 -42.50 11.50
CA THR A 386 -32.16 -42.23 12.85
C THR A 386 -33.60 -41.68 12.89
N ASP A 387 -34.11 -41.20 11.75
CA ASP A 387 -35.48 -40.67 11.68
C ASP A 387 -36.47 -41.76 12.07
N THR A 388 -37.48 -41.41 12.86
CA THR A 388 -38.51 -42.36 13.26
C THR A 388 -39.73 -42.21 12.37
N GLU A 389 -40.54 -43.27 12.32
CA GLU A 389 -41.81 -43.23 11.58
C GLU A 389 -42.72 -42.11 12.07
N ARG A 390 -42.78 -41.91 13.38
N ARG A 390 -42.79 -41.92 13.38
CA ARG A 390 -43.58 -40.83 13.97
CA ARG A 390 -43.56 -40.82 13.99
C ARG A 390 -43.12 -39.44 13.48
C ARG A 390 -43.12 -39.45 13.47
N GLU A 391 -41.81 -39.24 13.37
CA GLU A 391 -41.27 -37.97 12.87
C GLU A 391 -41.65 -37.73 11.41
N LEU A 392 -41.53 -38.76 10.58
CA LEU A 392 -41.91 -38.67 9.17
C LEU A 392 -43.41 -38.41 9.03
N ALA A 393 -44.23 -39.12 9.83
CA ALA A 393 -45.69 -38.94 9.80
C ALA A 393 -46.10 -37.51 10.15
N LEU A 394 -45.44 -36.92 11.13
CA LEU A 394 -45.74 -35.54 11.55
C LEU A 394 -45.45 -34.56 10.41
N VAL A 395 -44.30 -34.73 9.75
CA VAL A 395 -43.95 -33.88 8.61
C VAL A 395 -44.99 -34.03 7.49
N GLN A 396 -45.39 -35.26 7.21
CA GLN A 396 -46.39 -35.52 6.17
C GLN A 396 -47.74 -34.89 6.51
N GLU A 397 -48.18 -35.06 7.76
CA GLU A 397 -49.43 -34.45 8.21
C GLU A 397 -49.41 -32.93 8.08
N GLU A 398 -48.31 -32.30 8.45
CA GLU A 398 -48.19 -30.85 8.37
C GLU A 398 -48.18 -30.31 6.92
N CYS A 399 -47.52 -31.06 6.01
CA CYS A 399 -47.54 -30.71 4.59
C CYS A 399 -48.93 -30.94 3.99
N ASN A 400 -49.56 -32.06 4.33
CA ASN A 400 -50.93 -32.36 3.89
C ASN A 400 -51.94 -31.27 4.23
N ARG A 401 -51.77 -30.65 5.39
CA ARG A 401 -52.62 -29.54 5.82
C ARG A 401 -52.46 -28.33 4.89
N LEU A 402 -51.32 -28.25 4.19
CA LEU A 402 -51.09 -27.21 3.19
C LEU A 402 -51.38 -27.70 1.78
N GLY A 403 -51.93 -28.91 1.66
CA GLY A 403 -52.33 -29.46 0.37
C GLY A 403 -51.18 -30.08 -0.40
N VAL A 404 -50.08 -30.38 0.28
CA VAL A 404 -48.86 -30.85 -0.36
C VAL A 404 -48.43 -32.19 0.21
N ASN A 405 -47.95 -33.07 -0.65
CA ASN A 405 -47.33 -34.32 -0.18
C ASN A 405 -45.86 -34.11 0.14
N ALA A 406 -45.41 -34.80 1.19
CA ALA A 406 -44.00 -34.93 1.50
C ALA A 406 -43.63 -36.39 1.29
N VAL A 407 -42.72 -36.63 0.36
CA VAL A 407 -42.36 -37.98 -0.09
C VAL A 407 -40.93 -38.30 0.34
N LEU A 408 -40.74 -39.49 0.90
CA LEU A 408 -39.40 -39.93 1.31
C LEU A 408 -38.55 -40.21 0.06
N SER A 409 -37.31 -39.75 0.09
CA SER A 409 -36.36 -39.95 -1.00
C SER A 409 -35.17 -40.74 -0.50
N GLU A 410 -34.86 -41.84 -1.17
CA GLU A 410 -33.73 -42.70 -0.83
C GLU A 410 -32.71 -42.77 -1.97
N VAL A 411 -32.58 -41.66 -2.71
CA VAL A 411 -31.71 -41.64 -3.90
C VAL A 411 -30.22 -41.78 -3.57
N TRP A 412 -29.82 -41.35 -2.38
CA TRP A 412 -28.43 -41.50 -1.92
C TRP A 412 -28.01 -42.97 -1.81
N ALA A 413 -28.84 -43.77 -1.13
CA ALA A 413 -28.52 -45.18 -0.89
C ALA A 413 -28.93 -46.10 -2.03
N LYS A 414 -29.99 -45.74 -2.76
CA LYS A 414 -30.59 -46.63 -3.74
C LYS A 414 -30.61 -46.10 -5.17
N GLY A 415 -30.06 -44.90 -5.40
CA GLY A 415 -30.08 -44.30 -6.72
C GLY A 415 -31.50 -43.99 -7.18
N GLY A 416 -31.73 -44.05 -8.49
CA GLY A 416 -33.04 -43.73 -9.10
C GLY A 416 -34.23 -44.50 -8.56
N GLU A 417 -34.01 -45.76 -8.16
CA GLU A 417 -35.04 -46.56 -7.52
C GLU A 417 -35.55 -45.85 -6.27
N GLY A 418 -34.64 -45.25 -5.52
CA GLY A 418 -34.98 -44.50 -4.31
C GLY A 418 -35.76 -43.22 -4.53
N GLY A 419 -35.85 -42.77 -5.78
CA GLY A 419 -36.59 -41.55 -6.13
C GLY A 419 -37.86 -41.76 -6.95
N LEU A 420 -38.28 -43.02 -7.08
CA LEU A 420 -39.44 -43.36 -7.91
C LEU A 420 -40.74 -42.74 -7.38
N GLU A 421 -40.98 -42.82 -6.08
CA GLU A 421 -42.17 -42.21 -5.49
C GLU A 421 -42.18 -40.70 -5.71
N LEU A 422 -41.04 -40.07 -5.47
CA LEU A 422 -40.91 -38.64 -5.72
C LEU A 422 -41.20 -38.31 -7.19
N ALA A 423 -40.65 -39.13 -8.08
CA ALA A 423 -40.82 -38.92 -9.51
C ALA A 423 -42.29 -39.02 -9.93
N LYS A 424 -42.97 -40.07 -9.46
CA LYS A 424 -44.40 -40.24 -9.75
C LYS A 424 -45.22 -39.03 -9.29
N GLU A 425 -44.92 -38.54 -8.09
CA GLU A 425 -45.63 -37.38 -7.55
C GLU A 425 -45.35 -36.12 -8.35
N VAL A 426 -44.11 -35.97 -8.80
CA VAL A 426 -43.76 -34.83 -9.65
C VAL A 426 -44.55 -34.90 -10.95
N VAL A 427 -44.54 -36.06 -11.58
CA VAL A 427 -45.32 -36.25 -12.82
C VAL A 427 -46.81 -35.97 -12.54
N ARG A 428 -47.31 -36.48 -11.42
CA ARG A 428 -48.72 -36.29 -11.05
C ARG A 428 -49.08 -34.81 -10.87
N ILE A 429 -48.30 -34.06 -10.09
CA ILE A 429 -48.63 -32.65 -9.82
C ILE A 429 -48.52 -31.77 -11.06
N ILE A 430 -47.63 -32.13 -11.99
CA ILE A 430 -47.54 -31.43 -13.26
C ILE A 430 -48.83 -31.63 -14.05
N GLU A 431 -49.31 -32.87 -14.13
CA GLU A 431 -50.53 -33.18 -14.88
C GLU A 431 -51.81 -32.71 -14.17
N GLU A 432 -51.83 -32.75 -12.84
CA GLU A 432 -53.08 -32.55 -12.07
C GLU A 432 -53.18 -31.24 -11.30
N GLY A 433 -52.07 -30.69 -10.83
CA GLY A 433 -52.08 -29.48 -10.01
C GLY A 433 -52.35 -28.22 -10.82
N LYS A 434 -52.86 -27.20 -10.14
CA LYS A 434 -53.12 -25.90 -10.76
C LYS A 434 -51.86 -25.05 -10.74
N ASN A 435 -51.60 -24.37 -11.85
CA ASN A 435 -50.40 -23.56 -12.00
C ASN A 435 -50.80 -22.14 -12.42
N ASN A 436 -50.62 -21.19 -11.51
CA ASN A 436 -50.92 -19.79 -11.74
C ASN A 436 -49.66 -18.94 -11.65
N PHE A 437 -48.53 -19.50 -12.08
CA PHE A 437 -47.24 -18.87 -11.81
C PHE A 437 -47.13 -17.43 -12.29
N LYS A 438 -46.69 -16.55 -11.40
CA LYS A 438 -46.10 -15.28 -11.80
C LYS A 438 -45.11 -14.77 -10.74
N PRO A 439 -44.17 -13.89 -11.13
CA PRO A 439 -43.26 -13.30 -10.15
C PRO A 439 -44.04 -12.49 -9.09
N ILE A 440 -43.47 -12.39 -7.88
CA ILE A 440 -44.15 -11.70 -6.78
C ILE A 440 -44.13 -10.17 -6.89
N TYR A 441 -43.40 -9.64 -7.86
CA TYR A 441 -43.43 -8.21 -8.16
C TYR A 441 -43.24 -7.98 -9.66
N ASP A 442 -43.71 -6.83 -10.12
CA ASP A 442 -43.58 -6.44 -11.53
C ASP A 442 -42.37 -5.51 -11.67
N LEU A 443 -41.79 -5.50 -12.86
CA LEU A 443 -40.61 -4.69 -13.13
C LEU A 443 -40.84 -3.19 -12.97
N ASP A 444 -42.06 -2.72 -13.29
CA ASP A 444 -42.37 -1.28 -13.22
C ASP A 444 -42.36 -0.72 -11.79
N MET A 445 -42.55 -1.59 -10.81
CA MET A 445 -42.46 -1.22 -9.39
C MET A 445 -41.10 -0.62 -9.09
N GLY A 446 -41.05 0.31 -8.13
CA GLY A 446 -39.79 0.95 -7.73
C GLY A 446 -38.89 0.02 -6.94
N ILE A 447 -37.61 0.38 -6.86
CA ILE A 447 -36.59 -0.50 -6.25
C ILE A 447 -36.86 -0.75 -4.77
N ALA A 448 -37.12 0.32 -4.01
CA ALA A 448 -37.44 0.17 -2.59
C ALA A 448 -38.67 -0.72 -2.38
N ASP A 449 -39.72 -0.50 -3.17
CA ASP A 449 -40.93 -1.31 -3.08
C ASP A 449 -40.67 -2.77 -3.44
N LYS A 450 -39.86 -3.00 -4.47
CA LYS A 450 -39.51 -4.36 -4.88
C LYS A 450 -38.76 -5.11 -3.76
N ILE A 451 -37.80 -4.45 -3.12
CA ILE A 451 -37.07 -5.03 -1.99
C ILE A 451 -38.04 -5.32 -0.82
N THR A 452 -38.88 -4.35 -0.49
CA THR A 452 -39.89 -4.50 0.55
C THR A 452 -40.86 -5.66 0.27
N THR A 453 -41.24 -5.83 -0.99
CA THR A 453 -42.16 -6.91 -1.36
C THR A 453 -41.56 -8.29 -1.12
N ILE A 454 -40.31 -8.49 -1.55
CA ILE A 454 -39.63 -9.76 -1.33
C ILE A 454 -39.55 -10.03 0.18
N ALA A 455 -39.10 -9.04 0.94
CA ALA A 455 -38.93 -9.18 2.38
C ALA A 455 -40.22 -9.54 3.10
N LYS A 456 -41.32 -8.87 2.73
CA LYS A 456 -42.61 -9.11 3.37
C LYS A 456 -43.24 -10.42 2.90
N GLU A 457 -43.31 -10.63 1.59
CA GLU A 457 -43.98 -11.79 1.02
C GLU A 457 -43.21 -13.12 1.22
N ILE A 458 -41.90 -13.09 0.97
CA ILE A 458 -41.09 -14.32 0.98
C ILE A 458 -40.46 -14.60 2.35
N TYR A 459 -39.83 -13.60 2.93
CA TYR A 459 -39.16 -13.77 4.22
C TYR A 459 -40.14 -13.74 5.40
N GLY A 460 -41.28 -13.07 5.21
CA GLY A 460 -42.27 -12.87 6.28
C GLY A 460 -41.97 -11.66 7.16
N ALA A 461 -41.15 -10.73 6.67
CA ALA A 461 -40.79 -9.53 7.43
C ALA A 461 -41.97 -8.57 7.59
N ASP A 462 -41.94 -7.73 8.63
CA ASP A 462 -42.92 -6.65 8.78
C ASP A 462 -42.62 -5.53 7.79
N GLY A 463 -41.35 -5.39 7.42
CA GLY A 463 -40.92 -4.40 6.44
C GLY A 463 -39.41 -4.35 6.30
N VAL A 464 -38.92 -3.28 5.69
CA VAL A 464 -37.49 -3.06 5.50
C VAL A 464 -37.09 -1.69 6.02
N GLU A 465 -35.96 -1.64 6.72
CA GLU A 465 -35.36 -0.39 7.13
C GLU A 465 -34.21 -0.06 6.17
N PHE A 466 -34.38 0.99 5.39
CA PHE A 466 -33.35 1.44 4.46
C PHE A 466 -32.48 2.48 5.15
N ALA A 467 -31.17 2.20 5.24
CA ALA A 467 -30.22 3.17 5.77
C ALA A 467 -30.14 4.40 4.86
N PRO A 468 -29.74 5.57 5.41
CA PRO A 468 -29.68 6.78 4.60
C PRO A 468 -28.88 6.64 3.30
N ALA A 469 -27.72 6.00 3.36
CA ALA A 469 -26.92 5.76 2.15
C ALA A 469 -27.67 4.92 1.11
N ALA A 470 -28.40 3.90 1.57
CA ALA A 470 -29.18 3.04 0.69
C ALA A 470 -30.25 3.83 -0.07
N LEU A 471 -30.96 4.71 0.64
CA LEU A 471 -31.98 5.55 0.01
C LEU A 471 -31.40 6.48 -1.05
N LYS A 472 -30.27 7.11 -0.75
CA LYS A 472 -29.57 7.96 -1.72
C LYS A 472 -29.20 7.16 -2.96
N GLU A 473 -28.59 5.99 -2.73
CA GLU A 473 -28.15 5.11 -3.81
C GLU A 473 -29.33 4.67 -4.69
N ILE A 474 -30.45 4.31 -4.07
CA ILE A 474 -31.64 3.94 -4.83
C ILE A 474 -32.07 5.07 -5.78
N ASN A 475 -32.20 6.29 -5.27
CA ASN A 475 -32.58 7.43 -6.10
C ASN A 475 -31.62 7.62 -7.27
N THR A 476 -30.32 7.62 -6.97
CA THR A 476 -29.28 7.76 -8.00
C THR A 476 -29.44 6.71 -9.09
N LEU A 477 -29.64 5.45 -8.69
CA LEU A 477 -29.82 4.36 -9.65
C LEU A 477 -31.09 4.54 -10.48
N GLU A 478 -32.17 4.98 -9.84
CA GLU A 478 -33.43 5.20 -10.55
C GLU A 478 -33.32 6.32 -11.58
N GLU A 479 -32.63 7.40 -11.23
CA GLU A 479 -32.43 8.50 -12.19
C GLU A 479 -31.39 8.17 -13.27
N LEU A 480 -30.55 7.16 -13.04
CA LEU A 480 -29.65 6.65 -14.10
C LEU A 480 -30.36 5.71 -15.07
N GLY A 481 -31.62 5.37 -14.77
CA GLY A 481 -32.45 4.56 -15.65
C GLY A 481 -32.58 3.09 -15.24
N PHE A 482 -32.32 2.78 -13.97
CA PHE A 482 -32.32 1.39 -13.51
C PHE A 482 -33.53 1.00 -12.66
N LYS A 483 -34.54 1.87 -12.58
CA LYS A 483 -35.71 1.61 -11.74
C LYS A 483 -36.40 0.29 -12.06
N ASN A 484 -36.45 -0.06 -13.35
CA ASN A 484 -37.26 -1.17 -13.81
C ASN A 484 -36.54 -2.52 -13.89
N VAL A 485 -35.44 -2.67 -13.17
CA VAL A 485 -34.73 -3.96 -13.13
C VAL A 485 -35.13 -4.79 -11.91
N PRO A 486 -34.94 -6.13 -11.98
CA PRO A 486 -35.16 -6.98 -10.82
C PRO A 486 -34.17 -6.70 -9.68
N VAL A 487 -34.52 -7.19 -8.50
CA VAL A 487 -33.73 -6.99 -7.29
C VAL A 487 -33.13 -8.30 -6.78
N CYS A 488 -31.89 -8.22 -6.32
CA CYS A 488 -31.16 -9.36 -5.77
C CYS A 488 -30.72 -9.03 -4.34
N ILE A 489 -31.44 -9.56 -3.35
CA ILE A 489 -31.14 -9.28 -1.95
C ILE A 489 -30.02 -10.22 -1.46
N ALA A 490 -28.95 -9.62 -0.94
CA ALA A 490 -27.84 -10.37 -0.36
C ALA A 490 -28.00 -10.42 1.16
N LYS A 491 -28.25 -11.61 1.68
CA LYS A 491 -28.43 -11.82 3.11
C LYS A 491 -28.03 -13.23 3.45
N THR A 492 -27.87 -13.49 4.75
CA THR A 492 -27.58 -14.82 5.27
C THR A 492 -28.54 -15.88 4.71
N GLN A 493 -27.98 -17.06 4.45
CA GLN A 493 -28.74 -18.21 3.97
C GLN A 493 -29.39 -18.99 5.12
N TYR A 494 -28.91 -18.78 6.34
CA TYR A 494 -29.24 -19.66 7.47
C TYR A 494 -30.57 -19.35 8.14
N SER A 495 -31.12 -18.17 7.84
CA SER A 495 -32.37 -17.70 8.44
C SER A 495 -33.23 -17.02 7.37
N LEU A 496 -34.54 -17.04 7.57
CA LEU A 496 -35.46 -16.25 6.76
C LEU A 496 -35.22 -14.75 6.94
N THR A 497 -34.67 -14.37 8.10
CA THR A 497 -34.32 -12.98 8.38
C THR A 497 -32.90 -12.71 7.90
N ASP A 498 -32.41 -11.49 8.16
CA ASP A 498 -31.02 -11.14 7.89
C ASP A 498 -30.13 -11.37 9.11
N ASP A 499 -30.68 -12.01 10.14
CA ASP A 499 -29.92 -12.43 11.33
C ASP A 499 -29.82 -13.96 11.31
N PRO A 500 -28.60 -14.50 11.12
CA PRO A 500 -28.46 -15.96 10.96
C PRO A 500 -28.94 -16.82 12.13
N LYS A 501 -29.04 -16.23 13.33
CA LYS A 501 -29.41 -16.97 14.53
C LYS A 501 -30.91 -17.23 14.65
N LEU A 502 -31.73 -16.53 13.88
CA LEU A 502 -33.18 -16.65 14.01
C LEU A 502 -33.74 -17.76 13.13
N LEU A 503 -34.02 -18.91 13.74
CA LEU A 503 -34.44 -20.11 13.01
C LEU A 503 -35.95 -20.29 13.05
N GLY A 504 -36.43 -21.34 12.38
CA GLY A 504 -37.85 -21.66 12.34
C GLY A 504 -38.62 -20.76 11.38
N ARG A 505 -39.62 -20.06 11.91
CA ARG A 505 -40.40 -19.10 11.13
C ARG A 505 -40.51 -17.81 11.93
N PRO A 506 -39.48 -16.96 11.86
CA PRO A 506 -39.46 -15.75 12.69
C PRO A 506 -40.54 -14.74 12.31
N THR A 507 -41.03 -14.00 13.30
CA THR A 507 -42.03 -12.94 13.09
C THR A 507 -41.58 -11.70 13.85
N GLY A 508 -42.26 -10.59 13.61
CA GLY A 508 -41.94 -9.34 14.29
C GLY A 508 -40.53 -8.86 14.00
N PHE A 509 -40.13 -8.94 12.73
CA PHE A 509 -38.78 -8.54 12.35
C PHE A 509 -38.78 -7.69 11.09
N LYS A 510 -37.71 -6.92 10.92
CA LYS A 510 -37.47 -6.18 9.70
C LYS A 510 -36.06 -6.48 9.16
N ILE A 511 -35.93 -6.38 7.85
CA ILE A 511 -34.64 -6.47 7.19
C ILE A 511 -34.03 -5.08 7.16
N ASN A 512 -32.71 -5.01 7.38
CA ASN A 512 -31.97 -3.75 7.27
C ASN A 512 -31.09 -3.75 6.02
N VAL A 513 -31.40 -2.86 5.08
CA VAL A 513 -30.58 -2.69 3.88
C VAL A 513 -29.64 -1.49 4.11
N ARG A 514 -28.34 -1.77 4.11
CA ARG A 514 -27.32 -0.75 4.34
C ARG A 514 -26.92 -0.05 3.05
N ASN A 515 -26.88 -0.80 1.94
CA ASN A 515 -26.46 -0.29 0.65
C ASN A 515 -27.19 -0.98 -0.49
N VAL A 516 -27.14 -0.36 -1.66
CA VAL A 516 -27.71 -0.91 -2.86
C VAL A 516 -26.76 -0.64 -4.03
N LYS A 517 -26.49 -1.65 -4.85
CA LYS A 517 -25.54 -1.53 -5.95
C LYS A 517 -26.15 -2.08 -7.23
N ILE A 518 -25.72 -1.55 -8.38
CA ILE A 518 -26.19 -2.01 -9.67
C ILE A 518 -25.17 -2.95 -10.31
N SER A 519 -25.66 -4.09 -10.79
CA SER A 519 -24.92 -4.92 -11.73
C SER A 519 -25.59 -4.70 -13.07
N ALA A 520 -25.13 -3.68 -13.79
CA ALA A 520 -25.77 -3.24 -15.03
C ALA A 520 -25.72 -4.30 -16.13
N GLY A 521 -24.61 -5.05 -16.19
CA GLY A 521 -24.47 -6.12 -17.17
C GLY A 521 -25.43 -7.25 -16.87
N ALA A 522 -25.44 -7.71 -15.63
CA ALA A 522 -26.37 -8.76 -15.20
C ALA A 522 -27.83 -8.28 -15.29
N GLY A 523 -28.04 -6.98 -15.09
CA GLY A 523 -29.36 -6.38 -15.22
C GLY A 523 -30.18 -6.46 -13.95
N PHE A 524 -29.53 -6.40 -12.80
CA PHE A 524 -30.26 -6.37 -11.53
C PHE A 524 -29.55 -5.51 -10.51
N VAL A 525 -30.32 -5.06 -9.53
CA VAL A 525 -29.83 -4.31 -8.39
C VAL A 525 -29.56 -5.27 -7.25
N VAL A 526 -28.44 -5.07 -6.56
CA VAL A 526 -28.09 -5.88 -5.40
C VAL A 526 -28.34 -5.06 -4.14
N ALA A 527 -29.20 -5.54 -3.25
CA ALA A 527 -29.44 -4.89 -1.97
C ALA A 527 -28.64 -5.60 -0.88
N LEU A 528 -27.72 -4.89 -0.25
CA LEU A 528 -26.85 -5.48 0.76
C LEU A 528 -27.42 -5.24 2.16
N THR A 529 -27.35 -6.28 2.98
CA THR A 529 -27.81 -6.22 4.37
C THR A 529 -26.62 -6.14 5.31
N GLY A 530 -25.94 -7.27 5.53
CA GLY A 530 -24.74 -7.32 6.37
C GLY A 530 -23.48 -7.42 5.53
N ALA A 531 -22.42 -7.95 6.11
CA ALA A 531 -21.15 -8.13 5.41
C ALA A 531 -21.27 -9.26 4.40
N ILE A 532 -20.52 -9.16 3.31
CA ILE A 532 -20.51 -10.18 2.26
C ILE A 532 -19.09 -10.68 2.01
N MET A 533 -18.90 -12.00 1.99
CA MET A 533 -17.63 -12.58 1.62
C MET A 533 -17.65 -12.88 0.13
N THR A 534 -16.75 -12.25 -0.63
CA THR A 534 -16.62 -12.52 -2.06
C THR A 534 -15.30 -13.23 -2.40
N MET A 535 -14.43 -13.40 -1.40
CA MET A 535 -13.18 -14.13 -1.54
C MET A 535 -12.96 -14.96 -0.28
N PRO A 536 -13.28 -16.27 -0.35
CA PRO A 536 -13.05 -17.13 0.81
C PRO A 536 -11.56 -17.45 0.99
N GLY A 537 -11.18 -17.77 2.23
CA GLY A 537 -9.79 -18.07 2.54
C GLY A 537 -9.55 -19.55 2.73
N LEU A 538 -8.29 -19.91 2.96
CA LEU A 538 -7.90 -21.29 3.21
C LEU A 538 -7.88 -21.57 4.71
N PRO A 539 -8.10 -22.84 5.10
CA PRO A 539 -8.07 -23.15 6.51
C PRO A 539 -6.66 -23.48 6.96
N LYS A 540 -6.53 -23.82 8.24
CA LYS A 540 -5.26 -24.20 8.86
C LYS A 540 -4.59 -25.38 8.12
N ARG A 541 -5.40 -26.35 7.71
CA ARG A 541 -4.89 -27.53 7.01
C ARG A 541 -5.57 -27.62 5.67
N PRO A 542 -5.06 -26.91 4.65
CA PRO A 542 -5.71 -26.96 3.35
C PRO A 542 -5.85 -28.39 2.83
N ALA A 543 -7.02 -28.71 2.27
CA ALA A 543 -7.25 -29.97 1.57
C ALA A 543 -6.20 -30.20 0.46
N ALA A 544 -5.66 -29.10 -0.08
CA ALA A 544 -4.53 -29.15 -1.01
C ALA A 544 -3.45 -30.11 -0.53
N GLU A 545 -3.12 -30.05 0.76
CA GLU A 545 -2.04 -30.84 1.34
C GLU A 545 -2.19 -32.34 1.08
N LYS A 546 -3.41 -32.80 0.84
CA LYS A 546 -3.67 -34.22 0.61
C LYS A 546 -4.01 -34.57 -0.84
N ILE A 547 -4.05 -33.58 -1.72
CA ILE A 547 -4.29 -33.84 -3.14
C ILE A 547 -2.97 -34.33 -3.74
N ASP A 548 -3.06 -35.34 -4.59
CA ASP A 548 -1.87 -35.95 -5.17
C ASP A 548 -2.19 -36.71 -6.44
N VAL A 549 -1.17 -37.03 -7.22
CA VAL A 549 -1.33 -37.75 -8.48
C VAL A 549 -0.56 -39.06 -8.40
N ASP A 550 -1.21 -40.17 -8.76
CA ASP A 550 -0.56 -41.48 -8.72
C ASP A 550 0.04 -41.87 -10.07
N VAL A 551 0.71 -43.03 -10.09
CA VAL A 551 1.52 -43.45 -11.25
C VAL A 551 0.70 -43.55 -12.55
N ASN A 552 -0.60 -43.76 -12.43
CA ASN A 552 -1.52 -43.84 -13.58
C ASN A 552 -2.23 -42.53 -13.91
N GLY A 553 -1.82 -41.44 -13.27
CA GLY A 553 -2.47 -40.14 -13.48
C GLY A 553 -3.86 -40.03 -12.87
N LYS A 554 -4.13 -40.83 -11.84
CA LYS A 554 -5.35 -40.66 -11.07
C LYS A 554 -5.05 -39.66 -9.97
N ILE A 555 -5.97 -38.71 -9.77
CA ILE A 555 -5.84 -37.67 -8.75
C ILE A 555 -6.67 -38.04 -7.52
N ALA A 556 -6.03 -37.99 -6.35
CA ALA A 556 -6.71 -38.21 -5.07
C ALA A 556 -7.09 -36.87 -4.42
N GLY A 557 -8.09 -36.88 -3.55
CA GLY A 557 -8.42 -35.74 -2.70
C GLY A 557 -9.45 -34.75 -3.22
N LEU A 558 -10.14 -35.09 -4.31
CA LEU A 558 -11.06 -34.15 -4.95
C LEU A 558 -12.53 -34.32 -4.58
N PHE A 559 -12.95 -35.55 -4.29
CA PHE A 559 -14.31 -35.80 -3.82
C PHE A 559 -14.42 -37.16 -3.10
N LYS B 4 -2.60 -12.20 -49.57
CA LYS B 4 -3.43 -13.24 -48.89
C LYS B 4 -2.91 -13.50 -47.48
N SER B 5 -3.64 -13.03 -46.48
CA SER B 5 -3.17 -13.07 -45.08
C SER B 5 -3.06 -14.49 -44.52
N ASP B 6 -2.33 -14.61 -43.42
CA ASP B 6 -2.12 -15.88 -42.74
C ASP B 6 -3.42 -16.51 -42.26
N ILE B 7 -4.31 -15.69 -41.71
CA ILE B 7 -5.59 -16.18 -41.22
C ILE B 7 -6.49 -16.64 -42.39
N GLU B 8 -6.41 -15.95 -43.52
CA GLU B 8 -7.13 -16.38 -44.73
C GLU B 8 -6.68 -17.77 -45.18
N ILE B 9 -5.35 -17.96 -45.26
CA ILE B 9 -4.80 -19.27 -45.63
C ILE B 9 -5.23 -20.35 -44.63
N ALA B 10 -5.17 -20.04 -43.34
CA ALA B 10 -5.54 -20.99 -42.31
C ALA B 10 -7.02 -21.37 -42.39
N GLN B 11 -7.88 -20.39 -42.68
CA GLN B 11 -9.33 -20.63 -42.80
C GLN B 11 -9.69 -21.45 -44.03
N GLU B 12 -9.03 -21.18 -45.15
CA GLU B 12 -9.31 -21.89 -46.40
C GLU B 12 -8.76 -23.31 -46.42
N ALA B 13 -7.79 -23.61 -45.57
CA ALA B 13 -7.11 -24.90 -45.60
C ALA B 13 -8.05 -26.05 -45.26
N LYS B 14 -8.04 -27.07 -46.11
CA LYS B 14 -8.76 -28.31 -45.83
C LYS B 14 -7.85 -29.16 -44.97
N ILE B 15 -8.15 -29.27 -43.68
CA ILE B 15 -7.30 -30.01 -42.76
C ILE B 15 -7.89 -31.35 -42.38
N GLU B 16 -7.07 -32.20 -41.77
CA GLU B 16 -7.47 -33.55 -41.44
C GLU B 16 -8.06 -33.63 -40.03
N HIS B 17 -8.91 -34.63 -39.83
CA HIS B 17 -9.37 -35.01 -38.51
C HIS B 17 -8.14 -35.48 -37.75
N ILE B 18 -8.01 -35.04 -36.50
CA ILE B 18 -6.78 -35.27 -35.74
C ILE B 18 -6.48 -36.76 -35.52
N LYS B 19 -7.53 -37.57 -35.42
CA LYS B 19 -7.44 -39.04 -35.51
C LYS B 19 -6.50 -39.51 -36.62
N ASP B 20 -6.64 -38.94 -37.82
CA ASP B 20 -5.87 -39.37 -38.98
C ASP B 20 -4.44 -38.88 -38.92
N VAL B 21 -4.24 -37.72 -38.30
CA VAL B 21 -2.91 -37.18 -38.04
C VAL B 21 -2.20 -38.09 -37.06
N ALA B 22 -2.93 -38.48 -36.01
CA ALA B 22 -2.40 -39.35 -34.97
C ALA B 22 -1.89 -40.69 -35.50
N THR B 23 -2.65 -41.27 -36.44
CA THR B 23 -2.28 -42.56 -37.05
CA THR B 23 -2.26 -42.56 -37.01
C THR B 23 -0.91 -42.50 -37.73
N LYS B 24 -0.54 -41.33 -38.24
CA LYS B 24 0.75 -41.16 -38.92
C LYS B 24 1.94 -41.40 -37.99
N ILE B 25 1.73 -41.24 -36.69
CA ILE B 25 2.79 -41.49 -35.73
C ILE B 25 2.49 -42.68 -34.82
N GLY B 26 1.68 -43.61 -35.34
CA GLY B 26 1.42 -44.88 -34.69
C GLY B 26 0.49 -44.82 -33.50
N LEU B 27 -0.35 -43.80 -33.43
CA LEU B 27 -1.31 -43.67 -32.33
C LEU B 27 -2.70 -44.05 -32.83
N CYS B 28 -3.42 -44.84 -32.05
CA CYS B 28 -4.82 -45.15 -32.36
C CYS B 28 -5.74 -44.20 -31.61
N GLU B 29 -7.02 -44.22 -31.98
CA GLU B 29 -8.03 -43.35 -31.36
C GLU B 29 -8.10 -43.57 -29.85
N ASP B 30 -7.70 -44.75 -29.40
CA ASP B 30 -7.75 -45.12 -28.00
C ASP B 30 -6.67 -44.45 -27.15
N ASP B 31 -5.60 -43.97 -27.79
CA ASP B 31 -4.48 -43.33 -27.09
C ASP B 31 -4.54 -41.80 -27.09
N ILE B 32 -5.54 -41.23 -27.73
CA ILE B 32 -5.68 -39.78 -27.79
C ILE B 32 -6.96 -39.32 -27.08
N GLU B 33 -6.90 -38.14 -26.47
CA GLU B 33 -8.06 -37.51 -25.85
C GLU B 33 -8.43 -36.29 -26.66
N TYR B 34 -9.62 -36.31 -27.26
CA TYR B 34 -10.03 -35.22 -28.14
C TYR B 34 -10.36 -33.94 -27.39
N TYR B 35 -10.00 -32.82 -28.01
CA TYR B 35 -10.52 -31.51 -27.67
C TYR B 35 -11.09 -31.00 -28.98
N GLY B 36 -12.28 -31.48 -29.32
CA GLY B 36 -12.85 -31.26 -30.66
C GLY B 36 -12.22 -32.17 -31.70
N LYS B 37 -12.49 -31.90 -32.96
CA LYS B 37 -12.02 -32.74 -34.07
C LYS B 37 -10.54 -32.51 -34.46
N TYR B 38 -9.97 -31.37 -34.09
CA TYR B 38 -8.68 -30.93 -34.62
C TYR B 38 -7.56 -30.78 -33.58
N LYS B 39 -7.83 -31.20 -32.34
CA LYS B 39 -6.85 -31.16 -31.26
C LYS B 39 -7.02 -32.38 -30.37
N ALA B 40 -5.91 -32.87 -29.84
CA ALA B 40 -5.93 -33.99 -28.92
C ALA B 40 -4.77 -33.92 -27.96
N LYS B 41 -4.96 -34.46 -26.76
CA LYS B 41 -3.87 -34.66 -25.82
C LYS B 41 -3.46 -36.13 -25.84
N ILE B 42 -2.17 -36.35 -25.69
CA ILE B 42 -1.57 -37.67 -25.71
C ILE B 42 -1.01 -37.94 -24.32
N ASP B 43 -1.44 -39.03 -23.70
CA ASP B 43 -1.05 -39.34 -22.33
C ASP B 43 0.47 -39.41 -22.19
N TYR B 44 1.01 -38.62 -21.27
CA TYR B 44 2.45 -38.58 -21.01
C TYR B 44 2.99 -39.94 -20.56
N ASN B 45 2.14 -40.76 -19.96
CA ASN B 45 2.52 -42.13 -19.55
C ASN B 45 2.76 -43.08 -20.73
N LEU B 46 2.30 -42.70 -21.92
CA LEU B 46 2.61 -43.45 -23.14
C LEU B 46 4.13 -43.61 -23.35
N LEU B 47 4.89 -42.61 -22.93
CA LEU B 47 6.33 -42.59 -23.13
C LEU B 47 7.06 -43.81 -22.57
N LYS B 48 6.63 -44.32 -21.41
CA LYS B 48 7.33 -45.45 -20.77
C LYS B 48 7.12 -46.79 -21.49
N ARG B 49 6.18 -46.85 -22.42
CA ARG B 49 6.04 -48.02 -23.30
C ARG B 49 7.14 -48.08 -24.37
N PHE B 50 7.75 -46.93 -24.69
CA PHE B 50 8.77 -46.84 -25.73
C PHE B 50 10.19 -46.69 -25.18
N GLU B 51 10.43 -47.25 -23.99
CA GLU B 51 11.75 -47.19 -23.37
C GLU B 51 12.83 -47.90 -24.19
N ASP B 52 12.43 -48.90 -24.99
CA ASP B 52 13.36 -49.61 -25.88
C ASP B 52 13.48 -48.97 -27.26
N LYS B 53 12.49 -48.17 -27.65
CA LYS B 53 12.47 -47.55 -28.98
C LYS B 53 13.59 -46.52 -29.07
N LYS B 54 14.42 -46.62 -30.10
CA LYS B 54 15.50 -45.67 -30.30
C LYS B 54 14.92 -44.31 -30.70
N ASP B 55 15.55 -43.24 -30.24
CA ASP B 55 15.08 -41.89 -30.56
C ASP B 55 15.11 -41.61 -32.06
N ALA B 56 14.12 -40.86 -32.52
CA ALA B 56 14.13 -40.28 -33.85
C ALA B 56 15.35 -39.39 -34.04
N LYS B 57 15.57 -38.96 -35.27
CA LYS B 57 16.58 -37.94 -35.56
C LYS B 57 16.04 -36.60 -35.08
N LEU B 58 16.88 -35.86 -34.36
CA LEU B 58 16.49 -34.59 -33.73
C LEU B 58 17.12 -33.42 -34.47
N ILE B 59 16.27 -32.56 -35.00
CA ILE B 59 16.69 -31.39 -35.76
C ILE B 59 16.30 -30.14 -34.97
N LEU B 60 17.30 -29.32 -34.64
CA LEU B 60 17.05 -28.05 -33.94
C LEU B 60 17.05 -26.90 -34.92
N THR B 61 15.94 -26.17 -34.97
CA THR B 61 15.85 -24.98 -35.80
C THR B 61 16.16 -23.76 -34.93
N THR B 62 17.07 -22.94 -35.40
CA THR B 62 17.44 -21.71 -34.70
C THR B 62 17.64 -20.61 -35.73
N ALA B 63 18.24 -19.49 -35.31
CA ALA B 63 18.41 -18.36 -36.21
C ALA B 63 19.53 -17.44 -35.78
N ILE B 64 19.89 -16.55 -36.70
CA ILE B 64 20.77 -15.42 -36.37
C ILE B 64 20.03 -14.51 -35.41
N ASN B 65 20.72 -13.53 -34.83
CA ASN B 65 20.07 -12.62 -33.89
C ASN B 65 18.86 -11.96 -34.55
N PRO B 66 17.72 -11.86 -33.82
CA PRO B 66 16.55 -11.15 -34.35
C PRO B 66 16.86 -9.72 -34.78
N THR B 67 16.28 -9.30 -35.90
CA THR B 67 16.41 -7.93 -36.41
C THR B 67 15.02 -7.44 -36.83
N PRO B 68 14.86 -6.12 -37.04
CA PRO B 68 13.58 -5.60 -37.55
C PRO B 68 13.18 -6.14 -38.93
N ALA B 69 14.14 -6.64 -39.70
CA ALA B 69 13.87 -7.26 -41.00
C ALA B 69 13.05 -8.55 -40.89
N GLY B 70 13.13 -9.21 -39.74
CA GLY B 70 12.45 -10.50 -39.54
C GLY B 70 13.29 -11.63 -40.15
N GLU B 71 13.17 -12.82 -39.59
CA GLU B 71 13.96 -13.97 -40.04
C GLU B 71 13.11 -15.18 -40.44
N GLY B 72 11.94 -15.33 -39.81
CA GLY B 72 10.99 -16.39 -40.18
C GLY B 72 11.46 -17.75 -39.75
N LYS B 73 11.72 -17.90 -38.45
CA LYS B 73 12.25 -19.15 -37.90
C LYS B 73 11.18 -20.24 -37.82
N THR B 74 10.05 -19.93 -37.18
CA THR B 74 9.01 -20.94 -36.99
C THR B 74 8.43 -21.41 -38.32
N THR B 75 8.36 -20.50 -39.29
CA THR B 75 7.94 -20.85 -40.65
CA THR B 75 7.95 -20.84 -40.64
C THR B 75 8.86 -21.92 -41.22
N THR B 76 10.17 -21.80 -40.96
CA THR B 76 11.14 -22.78 -41.42
C THR B 76 10.97 -24.12 -40.70
N THR B 77 10.75 -24.06 -39.38
CA THR B 77 10.50 -25.28 -38.59
C THR B 77 9.31 -26.08 -39.14
N VAL B 78 8.22 -25.39 -39.42
CA VAL B 78 7.01 -26.02 -39.96
C VAL B 78 7.29 -26.51 -41.39
N GLY B 79 7.81 -25.62 -42.22
CA GLY B 79 8.14 -25.94 -43.60
C GLY B 79 9.03 -27.16 -43.75
N LEU B 80 10.05 -27.24 -42.91
CA LEU B 80 10.99 -28.36 -42.94
C LEU B 80 10.29 -29.68 -42.60
N GLY B 81 9.40 -29.64 -41.62
CA GLY B 81 8.60 -30.83 -41.27
C GLY B 81 7.74 -31.28 -42.44
N ASP B 82 7.06 -30.34 -43.07
CA ASP B 82 6.27 -30.64 -44.28
C ASP B 82 7.15 -31.20 -45.42
N ALA B 83 8.31 -30.59 -45.62
CA ALA B 83 9.22 -31.03 -46.68
C ALA B 83 9.73 -32.45 -46.45
N LEU B 84 10.09 -32.78 -45.20
CA LEU B 84 10.55 -34.12 -44.85
C LEU B 84 9.49 -35.18 -45.12
N ARG B 85 8.23 -34.89 -44.77
CA ARG B 85 7.13 -35.81 -45.08
C ARG B 85 6.93 -35.98 -46.59
N ARG B 86 7.14 -34.90 -47.36
CA ARG B 86 7.09 -34.99 -48.83
C ARG B 86 8.18 -35.90 -49.40
N LEU B 87 9.36 -35.90 -48.76
CA LEU B 87 10.44 -36.80 -49.14
C LEU B 87 10.21 -38.23 -48.68
N GLY B 88 9.14 -38.47 -47.92
CA GLY B 88 8.77 -39.82 -47.48
C GLY B 88 9.23 -40.16 -46.08
N LYS B 89 9.74 -39.19 -45.34
CA LYS B 89 10.20 -39.44 -43.97
C LYS B 89 9.02 -39.32 -43.01
N ASN B 90 8.98 -40.18 -42.01
CA ASN B 90 7.97 -40.07 -40.96
C ASN B 90 8.42 -38.97 -39.99
N ALA B 91 8.05 -37.74 -40.32
CA ALA B 91 8.54 -36.58 -39.57
C ALA B 91 7.41 -35.86 -38.87
N MET B 92 7.74 -35.27 -37.72
CA MET B 92 6.81 -34.40 -36.99
C MET B 92 7.57 -33.24 -36.37
N ILE B 93 6.82 -32.28 -35.84
CA ILE B 93 7.42 -31.09 -35.28
C ILE B 93 6.94 -30.83 -33.86
N ALA B 94 7.74 -30.09 -33.10
CA ALA B 94 7.41 -29.68 -31.75
C ALA B 94 7.65 -28.18 -31.61
N LEU B 95 6.62 -27.45 -31.19
CA LEU B 95 6.67 -25.99 -31.01
C LEU B 95 6.12 -25.57 -29.65
N ARG B 96 6.33 -24.30 -29.31
CA ARG B 96 5.77 -23.71 -28.08
C ARG B 96 4.38 -23.14 -28.34
N GLU B 97 3.59 -23.05 -27.26
CA GLU B 97 2.29 -22.39 -27.30
C GLU B 97 2.48 -20.88 -27.02
N PRO B 98 1.79 -20.01 -27.76
CA PRO B 98 1.93 -18.59 -27.44
C PRO B 98 1.11 -18.16 -26.22
N SER B 99 1.59 -17.12 -25.55
CA SER B 99 0.92 -16.53 -24.40
C SER B 99 -0.37 -15.83 -24.83
N LEU B 100 -1.38 -15.87 -23.96
CA LEU B 100 -2.68 -15.24 -24.21
C LEU B 100 -2.64 -13.71 -24.13
N GLY B 101 -1.88 -13.17 -23.17
CA GLY B 101 -1.90 -11.74 -22.89
C GLY B 101 -1.60 -10.84 -24.08
N PRO B 102 -0.48 -11.09 -24.77
CA PRO B 102 -0.09 -10.23 -25.91
C PRO B 102 -1.13 -10.13 -27.04
N VAL B 103 -1.95 -11.15 -27.23
CA VAL B 103 -2.98 -11.13 -28.27
C VAL B 103 -3.89 -9.90 -28.17
N PHE B 104 -4.21 -9.49 -26.93
CA PHE B 104 -5.13 -8.38 -26.72
C PHE B 104 -4.44 -7.02 -26.73
N GLY B 105 -3.11 -7.02 -26.74
CA GLY B 105 -2.33 -5.81 -26.89
C GLY B 105 -2.06 -5.49 -28.35
N ILE B 106 -1.48 -6.47 -29.06
CA ILE B 106 -0.95 -6.25 -30.41
C ILE B 106 -1.39 -7.31 -31.45
N LYS B 107 -2.45 -8.06 -31.14
CA LYS B 107 -3.00 -9.14 -31.99
C LYS B 107 -2.22 -10.43 -31.90
N GLY B 108 -2.87 -11.52 -32.31
CA GLY B 108 -2.24 -12.82 -32.42
C GLY B 108 -1.44 -12.93 -33.70
N GLY B 109 -0.81 -14.08 -33.91
CA GLY B 109 -0.07 -14.34 -35.13
C GLY B 109 -0.05 -15.83 -35.40
N ALA B 110 0.24 -16.21 -36.64
CA ALA B 110 0.26 -17.61 -37.04
C ALA B 110 1.37 -18.37 -36.33
N ALA B 111 1.17 -19.68 -36.15
CA ALA B 111 2.23 -20.54 -35.69
C ALA B 111 3.01 -20.96 -36.93
N GLY B 112 3.92 -20.08 -37.34
CA GLY B 112 4.57 -20.13 -38.64
C GLY B 112 4.12 -18.92 -39.45
N GLY B 113 3.79 -19.14 -40.72
CA GLY B 113 3.32 -18.05 -41.59
C GLY B 113 3.18 -18.51 -43.03
N GLY B 114 2.37 -17.81 -43.81
CA GLY B 114 2.13 -18.20 -45.20
C GLY B 114 1.63 -19.64 -45.31
N TYR B 115 2.27 -20.44 -46.15
CA TYR B 115 1.85 -21.83 -46.36
C TYR B 115 2.58 -22.83 -45.46
N ALA B 116 3.30 -22.32 -44.47
CA ALA B 116 3.91 -23.14 -43.43
C ALA B 116 3.37 -22.73 -42.07
N GLN B 117 2.20 -23.26 -41.71
CA GLN B 117 1.52 -22.95 -40.45
C GLN B 117 1.07 -24.22 -39.73
N VAL B 118 0.95 -24.11 -38.41
CA VAL B 118 0.27 -25.10 -37.57
C VAL B 118 -1.13 -24.54 -37.29
N VAL B 119 -2.14 -25.40 -37.30
CA VAL B 119 -3.54 -25.01 -37.10
C VAL B 119 -4.23 -25.98 -36.14
N PRO B 120 -5.37 -25.59 -35.53
CA PRO B 120 -6.18 -24.36 -35.68
C PRO B 120 -5.54 -23.11 -35.07
N MET B 121 -5.34 -22.10 -35.92
CA MET B 121 -4.64 -20.87 -35.57
C MET B 121 -5.33 -20.10 -34.45
N GLU B 122 -6.65 -19.96 -34.56
CA GLU B 122 -7.44 -19.22 -33.58
C GLU B 122 -7.33 -19.85 -32.19
N ASP B 123 -7.51 -21.17 -32.13
CA ASP B 123 -7.49 -21.89 -30.86
C ASP B 123 -6.15 -21.74 -30.18
N ILE B 124 -5.09 -21.94 -30.96
CA ILE B 124 -3.73 -21.83 -30.44
C ILE B 124 -3.48 -20.44 -29.82
N ASN B 125 -4.01 -19.40 -30.46
CA ASN B 125 -3.87 -18.02 -29.96
C ASN B 125 -4.84 -17.62 -28.84
N LEU B 126 -5.72 -18.53 -28.42
CA LEU B 126 -6.62 -18.27 -27.29
C LEU B 126 -6.37 -19.25 -26.16
N HIS B 127 -7.38 -20.02 -25.73
CA HIS B 127 -7.23 -20.89 -24.55
C HIS B 127 -6.50 -22.18 -24.93
N PHE B 128 -6.59 -22.52 -26.22
CA PHE B 128 -6.04 -23.76 -26.77
C PHE B 128 -6.61 -24.96 -26.00
N THR B 129 -5.79 -25.71 -25.28
CA THR B 129 -6.29 -26.84 -24.51
C THR B 129 -6.24 -26.58 -23.01
N GLY B 130 -6.01 -25.31 -22.62
CA GLY B 130 -6.06 -24.87 -21.22
C GLY B 130 -4.78 -24.97 -20.42
N ASP B 131 -3.66 -25.25 -21.09
CA ASP B 131 -2.39 -25.50 -20.40
C ASP B 131 -1.91 -24.29 -19.59
N PHE B 132 -1.98 -23.11 -20.18
CA PHE B 132 -1.47 -21.91 -19.50
C PHE B 132 -2.36 -21.50 -18.33
N HIS B 133 -3.64 -21.86 -18.41
CA HIS B 133 -4.56 -21.67 -17.29
C HIS B 133 -4.20 -22.53 -16.12
N ALA B 134 -3.86 -23.79 -16.41
CA ALA B 134 -3.44 -24.75 -15.39
C ALA B 134 -2.14 -24.33 -14.73
N ILE B 135 -1.20 -23.85 -15.54
CA ILE B 135 0.10 -23.40 -15.06
C ILE B 135 -0.06 -22.20 -14.13
N GLY B 136 -0.86 -21.23 -14.54
CA GLY B 136 -1.21 -20.10 -13.68
C GLY B 136 -1.92 -20.50 -12.39
N ALA B 137 -2.81 -21.49 -12.49
CA ALA B 137 -3.54 -21.96 -11.32
C ALA B 137 -2.60 -22.57 -10.29
N ALA B 138 -1.63 -23.36 -10.75
CA ALA B 138 -0.62 -23.94 -9.84
C ALA B 138 0.24 -22.86 -9.20
N ASN B 139 0.67 -21.89 -10.00
CA ASN B 139 1.42 -20.74 -9.50
C ASN B 139 0.66 -19.98 -8.42
N ASN B 140 -0.61 -19.72 -8.69
CA ASN B 140 -1.44 -18.90 -7.82
C ASN B 140 -1.94 -19.66 -6.59
N LEU B 141 -2.06 -20.98 -6.69
CA LEU B 141 -2.30 -21.81 -5.52
C LEU B 141 -1.12 -21.74 -4.55
N LEU B 142 0.10 -21.89 -5.07
CA LEU B 142 1.29 -21.82 -4.22
C LEU B 142 1.35 -20.47 -3.51
N ALA B 143 1.09 -19.39 -4.25
CA ALA B 143 1.07 -18.06 -3.64
C ALA B 143 0.07 -17.99 -2.48
N ALA B 144 -1.16 -18.47 -2.73
CA ALA B 144 -2.19 -18.50 -1.71
C ALA B 144 -1.76 -19.30 -0.49
N MET B 145 -1.10 -20.44 -0.73
CA MET B 145 -0.65 -21.32 0.35
C MET B 145 0.51 -20.74 1.16
N ILE B 146 1.38 -19.96 0.51
CA ILE B 146 2.43 -19.26 1.23
C ILE B 146 1.82 -18.28 2.24
N ASP B 147 0.95 -17.41 1.75
CA ASP B 147 0.34 -16.40 2.61
C ASP B 147 -0.54 -17.03 3.68
N ASN B 148 -1.31 -18.07 3.33
CA ASN B 148 -2.11 -18.79 4.33
C ASN B 148 -1.26 -19.41 5.44
N HIS B 149 -0.16 -20.04 5.08
CA HIS B 149 0.71 -20.63 6.08
C HIS B 149 1.15 -19.60 7.14
N ILE B 150 1.58 -18.43 6.66
CA ILE B 150 1.98 -17.33 7.53
C ILE B 150 0.78 -16.88 8.35
N TYR B 151 -0.35 -16.70 7.68
CA TYR B 151 -1.57 -16.24 8.33
C TYR B 151 -2.03 -17.13 9.49
N GLN B 152 -1.86 -18.44 9.30
CA GLN B 152 -2.38 -19.43 10.24
C GLN B 152 -1.42 -19.79 11.37
N GLY B 153 -0.23 -19.20 11.39
CA GLY B 153 0.71 -19.46 12.49
C GLY B 153 2.18 -19.32 12.15
N ASN B 154 2.51 -19.52 10.87
CA ASN B 154 3.88 -19.35 10.38
C ASN B 154 4.89 -20.25 11.08
N GLU B 155 4.57 -21.54 11.22
CA GLU B 155 5.50 -22.50 11.85
C GLU B 155 6.84 -22.63 11.12
N LEU B 156 6.83 -22.31 9.82
CA LEU B 156 8.03 -22.37 8.98
C LEU B 156 8.87 -21.12 9.14
N ASN B 157 8.32 -20.10 9.81
CA ASN B 157 9.06 -18.88 10.16
C ASN B 157 9.45 -18.06 8.92
N ILE B 158 8.58 -18.05 7.90
CA ILE B 158 8.83 -17.29 6.68
C ILE B 158 8.79 -15.81 7.02
N ASP B 159 9.82 -15.06 6.61
CA ASP B 159 9.77 -13.61 6.65
C ASP B 159 8.98 -13.14 5.43
N PRO B 160 7.78 -12.57 5.62
CA PRO B 160 6.96 -12.13 4.49
C PRO B 160 7.69 -11.15 3.56
N ARG B 161 8.63 -10.39 4.12
CA ARG B 161 9.44 -9.47 3.34
C ARG B 161 10.43 -10.21 2.42
N ARG B 162 10.67 -11.51 2.64
CA ARG B 162 11.64 -12.27 1.84
CA ARG B 162 11.64 -12.28 1.86
C ARG B 162 10.98 -13.35 0.99
N ILE B 163 9.72 -13.17 0.66
CA ILE B 163 9.03 -14.09 -0.24
C ILE B 163 9.43 -13.69 -1.66
N THR B 164 10.03 -14.62 -2.41
CA THR B 164 10.42 -14.35 -3.80
C THR B 164 9.38 -14.88 -4.80
N TRP B 165 8.47 -15.73 -4.35
CA TRP B 165 7.41 -16.23 -5.22
C TRP B 165 6.48 -15.09 -5.60
N LYS B 166 6.09 -15.04 -6.87
CA LYS B 166 5.21 -13.99 -7.35
C LYS B 166 3.92 -14.60 -7.88
N ARG B 167 2.86 -13.80 -7.86
CA ARG B 167 1.59 -14.20 -8.45
C ARG B 167 1.67 -13.99 -9.96
N CYS B 168 0.66 -14.47 -10.69
CA CYS B 168 0.67 -14.32 -12.14
C CYS B 168 -0.72 -14.24 -12.75
N VAL B 169 -0.74 -13.80 -14.01
CA VAL B 169 -1.96 -13.70 -14.79
C VAL B 169 -1.53 -13.66 -16.26
N ASP B 170 -2.34 -14.21 -17.17
CA ASP B 170 -1.98 -14.21 -18.58
C ASP B 170 -2.66 -13.04 -19.29
N MET B 171 -2.28 -11.85 -18.83
CA MET B 171 -2.73 -10.59 -19.39
C MET B 171 -1.55 -9.64 -19.35
N ASN B 172 -1.48 -8.73 -20.32
CA ASN B 172 -0.48 -7.68 -20.30
C ASN B 172 -0.98 -6.57 -19.37
N ASP B 173 -0.67 -6.69 -18.08
CA ASP B 173 -1.21 -5.77 -17.07
C ASP B 173 -0.14 -5.12 -16.19
N ARG B 174 0.37 -3.97 -16.64
CA ARG B 174 1.39 -3.25 -15.88
C ARG B 174 0.96 -2.84 -14.46
N GLN B 175 -0.35 -2.71 -14.24
CA GLN B 175 -0.89 -2.31 -12.93
C GLN B 175 -0.55 -3.31 -11.82
N LEU B 176 -0.22 -4.54 -12.18
CA LEU B 176 0.09 -5.58 -11.22
C LEU B 176 1.57 -5.84 -11.01
N ARG B 177 2.43 -5.02 -11.64
CA ARG B 177 3.88 -5.19 -11.53
C ARG B 177 4.34 -5.04 -10.09
N PHE B 178 3.87 -4.01 -9.42
CA PHE B 178 4.21 -3.75 -8.03
C PHE B 178 2.95 -3.46 -7.22
N VAL B 179 2.66 -4.34 -6.26
CA VAL B 179 1.48 -4.22 -5.42
C VAL B 179 1.84 -4.33 -3.95
N VAL B 180 0.90 -3.91 -3.11
CA VAL B 180 0.90 -4.26 -1.70
C VAL B 180 -0.42 -4.98 -1.45
N ASP B 181 -0.33 -6.20 -0.92
CA ASP B 181 -1.54 -6.97 -0.63
C ASP B 181 -1.54 -7.43 0.81
N GLY B 182 -2.59 -8.13 1.20
CA GLY B 182 -2.78 -8.53 2.60
C GLY B 182 -3.20 -7.36 3.48
N LEU B 183 -3.93 -6.41 2.91
CA LEU B 183 -4.39 -5.24 3.67
C LEU B 183 -5.81 -5.46 4.21
N GLY B 184 -6.33 -4.48 4.92
CA GLY B 184 -7.68 -4.53 5.47
C GLY B 184 -7.79 -5.14 6.84
N GLY B 185 -6.71 -5.09 7.62
CA GLY B 185 -6.72 -5.58 8.99
C GLY B 185 -6.40 -7.07 9.12
N LYS B 186 -6.30 -7.53 10.37
CA LYS B 186 -5.82 -8.89 10.64
C LYS B 186 -6.75 -10.01 10.16
N ALA B 187 -8.00 -9.68 9.84
CA ALA B 187 -8.91 -10.69 9.32
C ALA B 187 -8.59 -11.06 7.87
N ASN B 188 -7.82 -10.23 7.18
CA ASN B 188 -7.70 -10.33 5.73
C ASN B 188 -6.27 -10.54 5.21
N GLY B 189 -5.35 -10.90 6.09
CA GLY B 189 -4.01 -11.30 5.67
C GLY B 189 -2.88 -10.70 6.47
N THR B 190 -1.71 -10.64 5.85
CA THR B 190 -0.52 -10.02 6.42
C THR B 190 0.08 -9.11 5.34
N PRO B 191 0.14 -7.79 5.59
CA PRO B 191 0.63 -6.85 4.61
C PRO B 191 2.03 -7.17 4.10
N ARG B 192 2.21 -7.14 2.79
CA ARG B 192 3.53 -7.30 2.21
C ARG B 192 3.59 -6.74 0.82
N GLU B 193 4.82 -6.50 0.37
CA GLU B 193 5.08 -6.10 -1.00
C GLU B 193 5.10 -7.34 -1.86
N ASP B 194 4.53 -7.22 -3.06
CA ASP B 194 4.30 -8.36 -3.93
C ASP B 194 4.31 -7.84 -5.38
N GLY B 195 4.11 -8.74 -6.32
CA GLY B 195 4.04 -8.37 -7.73
C GLY B 195 3.59 -9.53 -8.59
N TYR B 196 3.18 -9.21 -9.82
CA TYR B 196 2.75 -10.23 -10.78
C TYR B 196 3.71 -10.34 -11.94
N ASP B 197 4.00 -11.57 -12.35
CA ASP B 197 4.58 -11.85 -13.67
C ASP B 197 3.46 -12.29 -14.60
N ILE B 198 3.66 -12.10 -15.91
CA ILE B 198 2.82 -12.78 -16.87
C ILE B 198 3.09 -14.28 -16.70
N THR B 199 2.04 -15.09 -16.90
CA THR B 199 2.07 -16.50 -16.52
C THR B 199 3.27 -17.25 -17.10
N VAL B 200 3.65 -16.93 -18.33
CA VAL B 200 4.71 -17.67 -19.01
C VAL B 200 6.09 -17.46 -18.37
N ALA B 201 6.23 -16.39 -17.57
CA ALA B 201 7.45 -16.10 -16.83
C ALA B 201 7.53 -16.79 -15.48
N SER B 202 6.44 -17.41 -15.03
CA SER B 202 6.44 -18.16 -13.77
C SER B 202 7.43 -19.31 -13.83
N GLU B 203 8.04 -19.65 -12.70
CA GLU B 203 8.92 -20.82 -12.62
C GLU B 203 8.14 -22.10 -12.89
N ILE B 204 6.83 -22.08 -12.67
CA ILE B 204 5.99 -23.24 -12.97
C ILE B 204 6.11 -23.60 -14.46
N MET B 205 6.14 -22.59 -15.33
CA MET B 205 6.36 -22.81 -16.76
C MET B 205 7.66 -23.54 -17.03
N ALA B 206 8.76 -23.07 -16.44
CA ALA B 206 10.06 -23.70 -16.63
C ALA B 206 10.06 -25.15 -16.11
N VAL B 207 9.47 -25.35 -14.94
CA VAL B 207 9.34 -26.68 -14.34
C VAL B 207 8.52 -27.61 -15.24
N PHE B 208 7.36 -27.13 -15.67
CA PHE B 208 6.46 -27.84 -16.59
C PHE B 208 7.22 -28.29 -17.85
N CYS B 209 7.99 -27.37 -18.43
CA CYS B 209 8.72 -27.67 -19.67
C CYS B 209 9.97 -28.54 -19.49
N LEU B 210 10.47 -28.66 -18.26
CA LEU B 210 11.71 -29.41 -18.05
C LEU B 210 11.52 -30.79 -17.41
N ALA B 211 10.33 -31.07 -16.90
CA ALA B 211 10.05 -32.36 -16.26
C ALA B 211 10.09 -33.51 -17.27
N ASN B 212 10.75 -34.60 -16.92
CA ASN B 212 10.85 -35.80 -17.75
C ASN B 212 9.61 -36.67 -17.66
N ASP B 213 8.95 -36.63 -16.51
CA ASP B 213 7.73 -37.41 -16.24
C ASP B 213 7.02 -36.82 -15.02
N MET B 214 5.89 -37.41 -14.62
CA MET B 214 5.10 -36.93 -13.50
CA MET B 214 5.12 -36.88 -13.50
C MET B 214 5.86 -36.98 -12.17
N GLU B 215 6.65 -38.04 -12.00
CA GLU B 215 7.46 -38.20 -10.79
C GLU B 215 8.45 -37.04 -10.71
N ASP B 216 9.10 -36.74 -11.83
CA ASP B 216 10.06 -35.64 -11.93
C ASP B 216 9.35 -34.29 -11.79
N LEU B 217 8.16 -34.16 -12.39
CA LEU B 217 7.37 -32.94 -12.24
C LEU B 217 7.07 -32.65 -10.77
N LYS B 218 6.62 -33.66 -10.05
CA LYS B 218 6.28 -33.53 -8.64
C LYS B 218 7.51 -33.17 -7.79
N ASN B 219 8.64 -33.82 -8.05
CA ASN B 219 9.90 -33.54 -7.35
C ASN B 219 10.41 -32.11 -7.60
N ARG B 220 10.39 -31.69 -8.85
CA ARG B 220 10.79 -30.31 -9.21
C ARG B 220 9.91 -29.29 -8.51
N LEU B 221 8.60 -29.53 -8.50
CA LEU B 221 7.64 -28.65 -7.84
C LEU B 221 7.94 -28.52 -6.35
N ALA B 222 8.18 -29.65 -5.69
CA ALA B 222 8.54 -29.69 -4.27
C ALA B 222 9.80 -28.88 -3.96
N ARG B 223 10.68 -28.81 -4.95
CA ARG B 223 12.02 -28.23 -4.86
C ARG B 223 12.01 -26.70 -4.95
N ILE B 224 10.95 -26.13 -5.48
CA ILE B 224 10.86 -24.68 -5.68
C ILE B 224 11.13 -23.96 -4.36
N ILE B 225 12.00 -22.95 -4.39
CA ILE B 225 12.22 -22.08 -3.25
C ILE B 225 11.29 -20.89 -3.40
N ILE B 226 10.43 -20.67 -2.40
CA ILE B 226 9.41 -19.63 -2.46
C ILE B 226 9.81 -18.37 -1.69
N GLY B 227 10.86 -18.47 -0.88
CA GLY B 227 11.27 -17.37 -0.01
C GLY B 227 12.15 -17.85 1.12
N TYR B 228 12.35 -16.99 2.11
CA TYR B 228 13.33 -17.24 3.16
C TYR B 228 12.78 -16.93 4.54
N THR B 229 13.34 -17.61 5.55
CA THR B 229 12.95 -17.40 6.94
C THR B 229 13.53 -16.09 7.47
N TYR B 230 13.17 -15.74 8.70
CA TYR B 230 13.74 -14.56 9.36
C TYR B 230 15.24 -14.65 9.56
N ASP B 231 15.79 -15.86 9.61
CA ASP B 231 17.24 -16.04 9.68
C ASP B 231 17.87 -16.50 8.35
N GLY B 232 17.15 -16.31 7.25
CA GLY B 232 17.71 -16.45 5.92
C GLY B 232 17.71 -17.84 5.30
N LYS B 233 17.06 -18.80 5.95
CA LYS B 233 17.00 -20.16 5.42
C LYS B 233 15.93 -20.27 4.33
N PRO B 234 16.21 -21.05 3.28
CA PRO B 234 15.22 -21.22 2.22
C PRO B 234 14.00 -21.99 2.70
N VAL B 235 12.84 -21.64 2.15
CA VAL B 235 11.59 -22.37 2.38
C VAL B 235 11.06 -22.80 1.02
N THR B 236 10.63 -24.06 0.92
CA THR B 236 10.26 -24.66 -0.36
C THR B 236 8.77 -25.01 -0.43
N ALA B 237 8.29 -25.20 -1.65
CA ALA B 237 6.91 -25.63 -1.85
C ALA B 237 6.63 -26.98 -1.20
N GLY B 238 7.65 -27.84 -1.15
CA GLY B 238 7.55 -29.13 -0.47
C GLY B 238 7.22 -28.98 1.01
N GLN B 239 7.88 -28.02 1.65
CA GLN B 239 7.62 -27.75 3.08
C GLN B 239 6.19 -27.24 3.33
N LEU B 240 5.59 -26.65 2.30
CA LEU B 240 4.19 -26.22 2.34
C LEU B 240 3.21 -27.32 1.90
N LYS B 241 3.74 -28.48 1.49
CA LYS B 241 2.93 -29.61 1.02
C LYS B 241 2.01 -29.21 -0.13
N ALA B 242 2.59 -28.47 -1.06
CA ALA B 242 1.85 -27.91 -2.19
C ALA B 242 2.08 -28.69 -3.50
N GLN B 243 3.07 -29.56 -3.54
CA GLN B 243 3.51 -30.19 -4.81
C GLN B 243 2.48 -31.18 -5.39
N GLY B 244 1.83 -31.93 -4.52
CA GLY B 244 0.80 -32.87 -4.97
C GLY B 244 -0.37 -32.15 -5.60
N ALA B 245 -0.82 -31.07 -4.98
CA ALA B 245 -1.95 -30.31 -5.47
C ALA B 245 -1.60 -29.60 -6.78
N MET B 246 -0.40 -29.04 -6.85
CA MET B 246 0.07 -28.39 -8.08
C MET B 246 0.21 -29.40 -9.22
N ALA B 247 0.72 -30.58 -8.91
CA ALA B 247 0.84 -31.66 -9.88
C ALA B 247 -0.54 -32.07 -10.39
N ALA B 248 -1.51 -32.15 -9.49
CA ALA B 248 -2.88 -32.49 -9.87
C ALA B 248 -3.45 -31.43 -10.79
N LEU B 249 -3.17 -30.16 -10.49
CA LEU B 249 -3.59 -29.06 -11.35
C LEU B 249 -2.95 -29.11 -12.75
N LEU B 250 -1.78 -29.74 -12.85
CA LEU B 250 -1.03 -29.82 -14.10
C LEU B 250 -1.13 -31.18 -14.81
N LYS B 251 -1.83 -32.14 -14.23
CA LYS B 251 -1.79 -33.52 -14.73
C LYS B 251 -2.24 -33.65 -16.19
N ASP B 252 -3.40 -33.11 -16.53
CA ASP B 252 -3.86 -33.14 -17.93
C ASP B 252 -3.04 -32.18 -18.80
N ALA B 253 -2.70 -31.02 -18.25
CA ALA B 253 -1.89 -30.04 -19.00
C ALA B 253 -0.56 -30.64 -19.47
N PHE B 254 0.05 -31.48 -18.63
CA PHE B 254 1.34 -32.11 -18.90
C PHE B 254 1.32 -33.10 -20.08
N LYS B 255 0.12 -33.49 -20.53
CA LYS B 255 -0.04 -34.29 -21.73
C LYS B 255 0.17 -33.40 -22.97
N PRO B 256 1.13 -33.74 -23.84
CA PRO B 256 1.36 -32.92 -25.03
C PRO B 256 0.13 -32.80 -25.93
N ASN B 257 0.01 -31.64 -26.58
CA ASN B 257 -1.11 -31.35 -27.47
C ASN B 257 -0.77 -31.66 -28.92
N LEU B 258 -1.57 -32.53 -29.55
CA LEU B 258 -1.40 -32.88 -30.96
C LEU B 258 -2.29 -32.00 -31.83
N VAL B 259 -1.65 -31.27 -32.73
CA VAL B 259 -2.31 -30.56 -33.81
C VAL B 259 -1.57 -30.92 -35.11
N GLN B 260 -1.67 -30.08 -36.14
CA GLN B 260 -1.12 -30.42 -37.46
C GLN B 260 -0.75 -29.19 -38.25
N THR B 261 0.09 -29.39 -39.26
CA THR B 261 0.40 -28.31 -40.18
C THR B 261 -0.67 -28.26 -41.27
N LEU B 262 -0.63 -27.23 -42.10
CA LEU B 262 -1.58 -27.12 -43.21
C LEU B 262 -1.54 -28.34 -44.12
N GLU B 263 -0.38 -29.00 -44.20
CA GLU B 263 -0.23 -30.17 -45.07
C GLU B 263 -0.46 -31.50 -44.33
N GLY B 264 -0.86 -31.41 -43.06
CA GLY B 264 -1.19 -32.60 -42.28
C GLY B 264 -0.03 -33.25 -41.55
N THR B 265 1.10 -32.55 -41.46
CA THR B 265 2.23 -33.06 -40.66
C THR B 265 1.88 -32.97 -39.18
N PRO B 266 2.09 -34.05 -38.40
CA PRO B 266 1.81 -33.98 -36.96
C PRO B 266 2.67 -32.93 -36.24
N ALA B 267 2.06 -32.25 -35.28
CA ALA B 267 2.74 -31.22 -34.52
C ALA B 267 2.29 -31.23 -33.06
N PHE B 268 3.26 -31.28 -32.15
CA PHE B 268 3.04 -31.03 -30.75
C PHE B 268 3.23 -29.53 -30.50
N VAL B 269 2.28 -28.92 -29.80
CA VAL B 269 2.39 -27.55 -29.34
C VAL B 269 2.22 -27.61 -27.83
N HIS B 270 3.32 -27.37 -27.11
CA HIS B 270 3.33 -27.64 -25.68
C HIS B 270 4.35 -26.79 -24.92
N GLY B 271 3.88 -26.02 -23.95
CA GLY B 271 4.77 -25.21 -23.13
C GLY B 271 5.17 -23.93 -23.84
N GLY B 272 5.69 -22.95 -23.10
CA GLY B 272 6.09 -21.68 -23.70
C GLY B 272 6.86 -20.76 -22.77
N PRO B 273 8.08 -21.18 -22.37
CA PRO B 273 8.88 -20.32 -21.50
C PRO B 273 9.56 -19.22 -22.29
N PHE B 274 9.97 -18.16 -21.60
CA PHE B 274 10.79 -17.11 -22.21
C PHE B 274 12.17 -17.66 -22.56
N ALA B 275 12.87 -16.96 -23.45
CA ALA B 275 14.20 -17.36 -23.90
C ALA B 275 15.34 -16.57 -23.22
N ASN B 276 14.99 -15.58 -22.39
CA ASN B 276 16.00 -14.80 -21.64
C ASN B 276 16.14 -15.27 -20.19
N ILE B 277 15.07 -15.11 -19.42
CA ILE B 277 15.03 -15.57 -18.02
C ILE B 277 14.71 -17.06 -17.89
N ALA B 278 14.40 -17.70 -19.01
CA ALA B 278 14.35 -19.16 -19.09
C ALA B 278 14.97 -19.64 -20.41
N HIS B 279 14.74 -20.90 -20.77
CA HIS B 279 15.50 -21.60 -21.82
C HIS B 279 14.83 -21.60 -23.21
N GLY B 280 13.61 -21.09 -23.31
CA GLY B 280 12.98 -20.82 -24.59
C GLY B 280 12.63 -22.01 -25.46
N CYS B 281 12.44 -23.17 -24.84
CA CYS B 281 12.08 -24.41 -25.57
C CYS B 281 10.66 -24.87 -25.23
N ASN B 282 10.07 -25.64 -26.13
CA ASN B 282 8.84 -26.38 -25.79
C ASN B 282 9.21 -27.49 -24.80
N SER B 283 8.20 -28.19 -24.31
CA SER B 283 8.40 -29.10 -23.17
C SER B 283 9.29 -30.28 -23.51
N ILE B 284 10.00 -30.77 -22.50
CA ILE B 284 10.77 -32.00 -22.63
C ILE B 284 9.87 -33.20 -22.92
N ILE B 285 8.74 -33.27 -22.24
CA ILE B 285 7.81 -34.41 -22.42
C ILE B 285 7.33 -34.50 -23.88
N ALA B 286 7.02 -33.36 -24.50
CA ALA B 286 6.61 -33.33 -25.90
C ALA B 286 7.74 -33.71 -26.87
N THR B 287 8.93 -33.15 -26.65
CA THR B 287 10.08 -33.53 -27.47
C THR B 287 10.42 -35.01 -27.32
N LYS B 288 10.52 -35.50 -26.08
CA LYS B 288 10.85 -36.90 -25.85
C LYS B 288 9.82 -37.85 -26.46
N MET B 289 8.54 -37.52 -26.34
CA MET B 289 7.47 -38.33 -26.91
CA MET B 289 7.49 -38.36 -26.92
C MET B 289 7.53 -38.31 -28.44
N ALA B 290 7.77 -37.14 -29.01
CA ALA B 290 7.87 -37.02 -30.48
C ALA B 290 9.04 -37.88 -30.99
N LEU B 291 10.14 -37.89 -30.26
CA LEU B 291 11.32 -38.68 -30.63
C LEU B 291 11.06 -40.20 -30.62
N LYS B 292 10.11 -40.66 -29.80
CA LYS B 292 9.74 -42.08 -29.77
C LYS B 292 8.71 -42.46 -30.83
N LEU B 293 7.82 -41.54 -31.19
CA LEU B 293 6.72 -41.81 -32.11
C LEU B 293 7.08 -41.63 -33.59
N ALA B 294 8.07 -40.79 -33.88
CA ALA B 294 8.40 -40.44 -35.26
C ALA B 294 9.79 -40.92 -35.60
N ASP B 295 10.23 -40.66 -36.83
CA ASP B 295 11.59 -40.98 -37.26
C ASP B 295 12.46 -39.74 -37.33
N TYR B 296 11.84 -38.59 -37.60
CA TYR B 296 12.49 -37.29 -37.59
C TYR B 296 11.64 -36.33 -36.79
N VAL B 297 12.27 -35.55 -35.91
CA VAL B 297 11.59 -34.54 -35.12
C VAL B 297 12.26 -33.19 -35.34
N VAL B 298 11.49 -32.20 -35.80
CA VAL B 298 11.98 -30.85 -35.98
C VAL B 298 11.42 -29.98 -34.86
N THR B 299 12.32 -29.37 -34.09
CA THR B 299 11.93 -28.46 -33.03
C THR B 299 12.74 -27.15 -33.11
N GLU B 300 12.51 -26.25 -32.18
CA GLU B 300 13.13 -24.93 -32.24
C GLU B 300 13.32 -24.32 -30.86
N ALA B 301 14.09 -23.23 -30.80
CA ALA B 301 14.23 -22.47 -29.56
C ALA B 301 14.10 -20.99 -29.87
N GLY B 302 13.60 -20.23 -28.90
CA GLY B 302 13.37 -18.80 -29.06
C GLY B 302 14.62 -17.98 -29.27
N PHE B 303 14.44 -16.81 -29.91
CA PHE B 303 15.52 -15.85 -30.20
C PHE B 303 16.67 -16.47 -31.03
N GLY B 304 17.80 -15.79 -31.11
CA GLY B 304 18.93 -16.28 -31.88
C GLY B 304 19.61 -17.47 -31.24
N ALA B 305 20.56 -18.07 -31.97
CA ALA B 305 21.31 -19.24 -31.52
C ALA B 305 22.21 -18.95 -30.32
N ASP B 306 22.46 -17.68 -30.03
CA ASP B 306 23.20 -17.30 -28.82
C ASP B 306 22.39 -17.49 -27.55
N LEU B 307 21.06 -17.50 -27.67
CA LEU B 307 20.17 -17.68 -26.52
C LEU B 307 19.45 -19.03 -26.56
N GLY B 308 18.50 -19.18 -27.46
CA GLY B 308 17.68 -20.39 -27.57
C GLY B 308 18.48 -21.65 -27.79
N ALA B 309 19.25 -21.67 -28.88
CA ALA B 309 20.05 -22.85 -29.21
C ALA B 309 21.03 -23.17 -28.09
N GLU B 310 21.69 -22.15 -27.56
CA GLU B 310 22.66 -22.34 -26.48
C GLU B 310 21.99 -23.05 -25.30
N LYS B 311 20.80 -22.60 -24.94
CA LYS B 311 20.09 -23.15 -23.79
C LYS B 311 19.45 -24.51 -24.09
N PHE B 312 18.97 -24.69 -25.32
CA PHE B 312 18.51 -26.01 -25.77
C PHE B 312 19.61 -27.05 -25.59
N LEU B 313 20.81 -26.68 -26.02
CA LEU B 313 21.94 -27.59 -26.05
C LEU B 313 22.62 -27.75 -24.69
N ASP B 314 22.69 -26.67 -23.91
CA ASP B 314 23.40 -26.71 -22.62
C ASP B 314 22.49 -26.98 -21.42
N ILE B 315 21.18 -26.79 -21.58
CA ILE B 315 20.22 -27.06 -20.49
C ILE B 315 19.29 -28.23 -20.83
N LYS B 316 18.49 -28.07 -21.87
CA LYS B 316 17.47 -29.06 -22.22
C LYS B 316 18.04 -30.44 -22.57
N CYS B 317 19.09 -30.48 -23.38
CA CYS B 317 19.61 -31.76 -23.87
C CYS B 317 20.10 -32.69 -22.75
N ARG B 318 20.84 -32.16 -21.79
CA ARG B 318 21.31 -32.99 -20.68
C ARG B 318 20.17 -33.37 -19.74
N MET B 319 19.21 -32.47 -19.53
CA MET B 319 18.07 -32.77 -18.66
C MET B 319 17.11 -33.80 -19.27
N ALA B 320 17.02 -33.80 -20.60
CA ALA B 320 16.14 -34.72 -21.32
C ALA B 320 16.86 -36.01 -21.71
N ASP B 321 18.18 -36.04 -21.56
CA ASP B 321 19.00 -37.13 -22.10
C ASP B 321 18.73 -37.33 -23.60
N ILE B 322 18.76 -36.23 -24.34
CA ILE B 322 18.62 -36.26 -25.80
C ILE B 322 19.84 -35.64 -26.47
N ARG B 323 19.99 -35.90 -27.75
CA ARG B 323 21.20 -35.52 -28.48
C ARG B 323 20.80 -35.06 -29.88
N PRO B 324 21.14 -33.82 -30.25
CA PRO B 324 20.80 -33.32 -31.58
C PRO B 324 21.59 -34.00 -32.68
N ASP B 325 20.93 -34.22 -33.82
CA ASP B 325 21.55 -34.85 -34.99
C ASP B 325 21.86 -33.84 -36.08
N ALA B 326 21.09 -32.74 -36.11
CA ALA B 326 21.37 -31.64 -37.02
C ALA B 326 20.78 -30.34 -36.49
N VAL B 327 21.36 -29.23 -36.95
CA VAL B 327 20.89 -27.88 -36.62
C VAL B 327 20.70 -27.10 -37.92
N VAL B 328 19.57 -26.42 -38.02
CA VAL B 328 19.27 -25.51 -39.12
C VAL B 328 19.32 -24.09 -38.57
N ILE B 329 20.19 -23.25 -39.16
CA ILE B 329 20.29 -21.84 -38.77
C ILE B 329 19.60 -20.99 -39.82
N VAL B 330 18.54 -20.30 -39.41
CA VAL B 330 17.76 -19.48 -40.32
C VAL B 330 18.30 -18.06 -40.39
N ALA B 331 18.31 -17.52 -41.61
CA ALA B 331 18.84 -16.20 -41.85
C ALA B 331 18.15 -15.60 -43.07
N THR B 332 18.31 -14.29 -43.23
CA THR B 332 17.87 -13.60 -44.43
C THR B 332 18.95 -12.61 -44.87
N ILE B 333 18.90 -12.24 -46.15
CA ILE B 333 19.83 -11.30 -46.74
C ILE B 333 19.62 -9.92 -46.14
N ARG B 334 18.36 -9.49 -46.06
CA ARG B 334 18.01 -8.19 -45.50
C ARG B 334 18.47 -8.02 -44.05
N ALA B 335 18.29 -9.05 -43.24
CA ALA B 335 18.75 -9.02 -41.84
C ALA B 335 20.27 -8.89 -41.73
N LEU B 336 21.00 -9.54 -42.62
CA LEU B 336 22.47 -9.43 -42.64
C LEU B 336 22.92 -8.05 -43.10
N LYS B 337 22.25 -7.49 -44.11
CA LYS B 337 22.55 -6.11 -44.52
C LYS B 337 22.27 -5.10 -43.40
N TYR B 338 21.23 -5.37 -42.61
CA TYR B 338 20.92 -4.54 -41.44
C TYR B 338 22.06 -4.63 -40.43
N ASN B 339 22.55 -5.84 -40.18
CA ASN B 339 23.76 -6.03 -39.38
C ASN B 339 24.96 -5.31 -39.98
N GLY B 340 24.98 -5.17 -41.31
CA GLY B 340 26.05 -4.47 -42.00
C GLY B 340 25.92 -2.95 -42.03
N GLY B 341 24.94 -2.41 -41.32
CA GLY B 341 24.81 -0.96 -41.13
C GLY B 341 23.71 -0.27 -41.93
N VAL B 342 22.94 -1.03 -42.73
CA VAL B 342 21.90 -0.43 -43.56
C VAL B 342 20.62 -0.18 -42.75
N LYS B 343 20.01 1.00 -42.96
CA LYS B 343 18.77 1.37 -42.27
C LYS B 343 17.63 0.46 -42.67
N LYS B 344 16.71 0.22 -41.74
CA LYS B 344 15.53 -0.61 -41.98
C LYS B 344 14.82 -0.22 -43.29
N GLU B 345 14.75 1.08 -43.56
CA GLU B 345 14.04 1.61 -44.72
C GLU B 345 14.66 1.26 -46.07
N ASP B 346 15.97 0.99 -46.07
CA ASP B 346 16.73 0.84 -47.30
C ASP B 346 17.14 -0.60 -47.61
N LEU B 347 16.59 -1.57 -46.89
CA LEU B 347 17.06 -2.96 -46.98
C LEU B 347 16.77 -3.66 -48.32
N ASN B 348 15.91 -3.07 -49.15
CA ASN B 348 15.49 -3.71 -50.39
C ASN B 348 16.42 -3.46 -51.58
N GLN B 349 17.25 -2.43 -51.51
CA GLN B 349 18.25 -2.22 -52.56
C GLN B 349 19.45 -3.15 -52.35
N GLU B 350 20.02 -3.65 -53.45
CA GLU B 350 21.17 -4.54 -53.39
C GLU B 350 22.33 -3.80 -52.72
N ASN B 351 23.03 -4.49 -51.82
CA ASN B 351 24.22 -3.94 -51.21
C ASN B 351 25.15 -5.05 -50.73
N LEU B 352 26.10 -5.40 -51.59
CA LEU B 352 27.01 -6.50 -51.32
C LEU B 352 28.05 -6.15 -50.25
N ASP B 353 28.37 -4.86 -50.15
CA ASP B 353 29.32 -4.39 -49.14
C ASP B 353 28.73 -4.54 -47.74
N ALA B 354 27.49 -4.08 -47.58
CA ALA B 354 26.78 -4.20 -46.32
C ALA B 354 26.54 -5.65 -45.95
N LEU B 355 26.23 -6.48 -46.96
CA LEU B 355 26.00 -7.90 -46.73
C LEU B 355 27.28 -8.56 -46.21
N LYS B 356 28.40 -8.23 -46.85
CA LYS B 356 29.72 -8.68 -46.40
C LYS B 356 29.98 -8.23 -44.96
N LYS B 357 29.67 -6.99 -44.65
CA LYS B 357 29.87 -6.43 -43.31
C LYS B 357 28.98 -7.09 -42.24
N GLY B 358 27.79 -7.53 -42.64
CA GLY B 358 26.82 -8.11 -41.69
C GLY B 358 26.93 -9.61 -41.54
N LEU B 359 27.50 -10.26 -42.55
CA LEU B 359 27.63 -11.72 -42.58
C LEU B 359 28.32 -12.36 -41.38
N PRO B 360 29.25 -11.63 -40.72
CA PRO B 360 29.91 -12.20 -39.54
C PRO B 360 28.99 -12.65 -38.40
N ASN B 361 27.78 -12.11 -38.32
CA ASN B 361 26.79 -12.59 -37.34
C ASN B 361 26.38 -14.03 -37.65
N LEU B 362 25.95 -14.27 -38.88
CA LEU B 362 25.64 -15.62 -39.34
C LEU B 362 26.81 -16.57 -39.12
N LEU B 363 28.00 -16.14 -39.55
CA LEU B 363 29.20 -17.00 -39.52
C LEU B 363 29.62 -17.35 -38.09
N LYS B 364 29.40 -16.44 -37.15
CA LYS B 364 29.66 -16.74 -35.74
C LYS B 364 28.74 -17.87 -35.26
N HIS B 365 27.45 -17.77 -35.58
CA HIS B 365 26.49 -18.80 -35.19
C HIS B 365 26.84 -20.15 -35.83
N VAL B 366 27.20 -20.14 -37.11
CA VAL B 366 27.66 -21.36 -37.79
C VAL B 366 28.88 -21.96 -37.08
N GLU B 367 29.88 -21.13 -36.81
CA GLU B 367 31.10 -21.57 -36.11
C GLU B 367 30.74 -22.17 -34.75
N ASN B 368 29.87 -21.49 -34.01
CA ASN B 368 29.40 -21.99 -32.71
C ASN B 368 28.84 -23.41 -32.79
N ILE B 369 27.90 -23.64 -33.70
CA ILE B 369 27.27 -24.96 -33.78
C ILE B 369 28.25 -26.02 -34.29
N THR B 370 28.98 -25.71 -35.36
CA THR B 370 29.86 -26.70 -35.99
C THR B 370 31.13 -26.96 -35.19
N GLU B 371 31.83 -25.90 -34.79
CA GLU B 371 33.13 -26.03 -34.10
CA GLU B 371 33.13 -26.03 -34.10
C GLU B 371 32.98 -26.18 -32.59
N LYS B 372 32.18 -25.31 -31.98
CA LYS B 372 32.04 -25.30 -30.52
C LYS B 372 31.20 -26.46 -30.00
N TYR B 373 30.04 -26.70 -30.62
CA TYR B 373 29.16 -27.80 -30.21
C TYR B 373 29.46 -29.11 -30.93
N GLY B 374 29.86 -29.03 -32.19
CA GLY B 374 30.20 -30.23 -32.97
C GLY B 374 29.02 -30.86 -33.68
N ILE B 375 28.02 -30.07 -34.07
CA ILE B 375 26.81 -30.61 -34.69
C ILE B 375 26.72 -30.25 -36.17
N PRO B 376 26.36 -31.22 -37.03
CA PRO B 376 26.13 -30.95 -38.44
C PRO B 376 25.12 -29.82 -38.64
N THR B 377 25.47 -28.87 -39.51
CA THR B 377 24.74 -27.63 -39.65
C THR B 377 24.42 -27.33 -41.12
N VAL B 378 23.22 -26.77 -41.33
CA VAL B 378 22.85 -26.19 -42.60
C VAL B 378 22.28 -24.80 -42.34
N VAL B 379 22.49 -23.88 -43.28
CA VAL B 379 21.88 -22.56 -43.19
C VAL B 379 20.69 -22.51 -44.13
N ALA B 380 19.56 -22.05 -43.60
CA ALA B 380 18.36 -21.86 -44.39
C ALA B 380 18.18 -20.37 -44.65
N ILE B 381 18.33 -19.95 -45.91
CA ILE B 381 18.08 -18.57 -46.31
C ILE B 381 16.63 -18.43 -46.76
N ASN B 382 15.82 -17.70 -45.99
CA ASN B 382 14.42 -17.52 -46.35
C ASN B 382 14.28 -16.58 -47.53
N GLN B 383 13.66 -17.08 -48.59
CA GLN B 383 13.45 -16.33 -49.84
C GLN B 383 12.83 -14.96 -49.59
N PHE B 384 13.34 -13.96 -50.30
CA PHE B 384 12.71 -12.63 -50.32
C PHE B 384 12.89 -12.01 -51.71
N PRO B 385 11.79 -11.48 -52.31
CA PRO B 385 11.79 -11.01 -53.71
C PRO B 385 12.94 -10.08 -54.12
N THR B 386 13.36 -9.20 -53.22
CA THR B 386 14.40 -8.21 -53.54
C THR B 386 15.84 -8.77 -53.51
N ASP B 387 16.03 -9.99 -53.02
CA ASP B 387 17.36 -10.60 -52.99
C ASP B 387 17.87 -10.89 -54.41
N THR B 388 19.10 -10.49 -54.69
CA THR B 388 19.72 -10.77 -55.99
C THR B 388 20.48 -12.10 -55.94
N GLU B 389 20.86 -12.60 -57.11
CA GLU B 389 21.68 -13.81 -57.21
C GLU B 389 23.07 -13.59 -56.63
N ARG B 390 23.61 -12.39 -56.80
CA ARG B 390 24.93 -12.05 -56.28
C ARG B 390 24.95 -12.10 -54.74
N GLU B 391 23.92 -11.52 -54.12
CA GLU B 391 23.77 -11.55 -52.67
C GLU B 391 23.70 -12.99 -52.14
N LEU B 392 22.85 -13.80 -52.76
CA LEU B 392 22.72 -15.21 -52.37
C LEU B 392 24.02 -15.98 -52.49
N ALA B 393 24.69 -15.81 -53.63
CA ALA B 393 25.96 -16.49 -53.89
C ALA B 393 27.01 -16.15 -52.85
N LEU B 394 27.07 -14.87 -52.46
CA LEU B 394 28.03 -14.41 -51.45
C LEU B 394 27.82 -15.15 -50.13
N VAL B 395 26.57 -15.25 -49.69
CA VAL B 395 26.24 -15.97 -48.44
C VAL B 395 26.68 -17.43 -48.56
N GLN B 396 26.42 -18.04 -49.72
CA GLN B 396 26.78 -19.42 -49.96
C GLN B 396 28.30 -19.63 -49.95
N GLU B 397 29.03 -18.73 -50.60
CA GLU B 397 30.50 -18.78 -50.62
C GLU B 397 31.09 -18.69 -49.21
N GLU B 398 30.63 -17.70 -48.44
CA GLU B 398 31.10 -17.51 -47.07
C GLU B 398 30.74 -18.69 -46.15
N CYS B 399 29.56 -19.27 -46.33
CA CYS B 399 29.18 -20.45 -45.56
C CYS B 399 30.00 -21.68 -45.95
N ASN B 400 30.26 -21.84 -47.25
CA ASN B 400 31.09 -22.94 -47.74
C ASN B 400 32.48 -22.96 -47.13
N ARG B 401 33.04 -21.78 -46.88
CA ARG B 401 34.34 -21.68 -46.21
C ARG B 401 34.36 -22.39 -44.86
N LEU B 402 33.21 -22.46 -44.20
CA LEU B 402 33.07 -23.17 -42.93
C LEU B 402 32.56 -24.60 -43.12
N GLY B 403 32.55 -25.09 -44.35
CA GLY B 403 32.09 -26.45 -44.64
C GLY B 403 30.59 -26.64 -44.46
N VAL B 404 29.82 -25.59 -44.70
CA VAL B 404 28.38 -25.61 -44.51
C VAL B 404 27.69 -25.05 -45.75
N ASN B 405 26.60 -25.68 -46.15
CA ASN B 405 25.79 -25.15 -47.24
C ASN B 405 24.71 -24.20 -46.75
N ALA B 406 24.47 -23.15 -47.52
CA ALA B 406 23.32 -22.27 -47.33
C ALA B 406 22.31 -22.59 -48.42
N VAL B 407 21.12 -23.03 -48.02
CA VAL B 407 20.10 -23.49 -48.96
C VAL B 407 18.89 -22.56 -48.92
N LEU B 408 18.40 -22.18 -50.10
CA LEU B 408 17.24 -21.30 -50.20
C LEU B 408 15.99 -22.04 -49.76
N SER B 409 15.12 -21.34 -49.02
CA SER B 409 13.86 -21.92 -48.55
C SER B 409 12.71 -21.02 -48.99
N GLU B 410 11.72 -21.62 -49.64
CA GLU B 410 10.52 -20.91 -50.06
C GLU B 410 9.27 -21.50 -49.40
N VAL B 411 9.41 -21.94 -48.15
CA VAL B 411 8.29 -22.59 -47.46
C VAL B 411 7.14 -21.61 -47.20
N TRP B 412 7.46 -20.34 -46.99
CA TRP B 412 6.43 -19.31 -46.77
C TRP B 412 5.49 -19.21 -47.98
N ALA B 413 6.07 -19.10 -49.18
CA ALA B 413 5.29 -18.94 -50.40
C ALA B 413 4.74 -20.25 -50.97
N LYS B 414 5.47 -21.35 -50.78
CA LYS B 414 5.17 -22.61 -51.47
C LYS B 414 4.94 -23.82 -50.56
N GLY B 415 4.92 -23.60 -49.25
CA GLY B 415 4.74 -24.71 -48.30
C GLY B 415 5.91 -25.68 -48.35
N GLY B 416 5.61 -26.95 -48.09
CA GLY B 416 6.63 -28.00 -48.05
C GLY B 416 7.46 -28.15 -49.31
N GLU B 417 6.84 -27.90 -50.47
CA GLU B 417 7.54 -27.95 -51.75
C GLU B 417 8.72 -26.98 -51.81
N GLY B 418 8.59 -25.83 -51.14
CA GLY B 418 9.66 -24.85 -51.05
C GLY B 418 10.77 -25.19 -50.06
N GLY B 419 10.64 -26.31 -49.35
CA GLY B 419 11.65 -26.75 -48.39
C GLY B 419 12.30 -28.08 -48.70
N LEU B 420 12.08 -28.61 -49.90
CA LEU B 420 12.61 -29.92 -50.28
C LEU B 420 14.13 -29.91 -50.34
N GLU B 421 14.70 -28.83 -50.86
CA GLU B 421 16.16 -28.69 -50.91
C GLU B 421 16.74 -28.73 -49.50
N LEU B 422 16.18 -27.90 -48.62
CA LEU B 422 16.58 -27.89 -47.22
C LEU B 422 16.45 -29.27 -46.59
N ALA B 423 15.29 -29.90 -46.78
CA ALA B 423 15.05 -31.21 -46.21
C ALA B 423 16.08 -32.23 -46.70
N LYS B 424 16.37 -32.20 -47.99
CA LYS B 424 17.34 -33.12 -48.58
C LYS B 424 18.71 -32.92 -47.94
N GLU B 425 19.11 -31.67 -47.77
CA GLU B 425 20.40 -31.34 -47.14
C GLU B 425 20.45 -31.76 -45.66
N VAL B 426 19.34 -31.61 -44.93
CA VAL B 426 19.27 -32.06 -43.54
C VAL B 426 19.44 -33.57 -43.45
N VAL B 427 18.71 -34.30 -44.29
CA VAL B 427 18.87 -35.75 -44.35
C VAL B 427 20.33 -36.11 -44.67
N ARG B 428 20.95 -35.38 -45.61
CA ARG B 428 22.34 -35.65 -45.99
C ARG B 428 23.31 -35.45 -44.83
N ILE B 429 23.31 -34.27 -44.21
CA ILE B 429 24.26 -33.98 -43.14
C ILE B 429 24.06 -34.90 -41.94
N ILE B 430 22.83 -35.37 -41.73
CA ILE B 430 22.58 -36.36 -40.69
C ILE B 430 23.25 -37.69 -41.05
N GLU B 431 23.13 -38.10 -42.29
CA GLU B 431 23.73 -39.36 -42.74
C GLU B 431 25.25 -39.28 -42.86
N GLU B 432 25.78 -38.13 -43.25
CA GLU B 432 27.20 -38.02 -43.59
C GLU B 432 28.05 -37.15 -42.66
N GLY B 433 27.44 -36.16 -42.02
CA GLY B 433 28.17 -35.21 -41.18
C GLY B 433 28.77 -35.83 -39.93
N LYS B 434 29.95 -35.34 -39.56
CA LYS B 434 30.59 -35.70 -38.30
C LYS B 434 29.82 -35.03 -37.14
N ASN B 435 29.38 -35.85 -36.19
CA ASN B 435 28.69 -35.35 -34.98
C ASN B 435 29.50 -35.70 -33.74
N ASN B 436 30.04 -34.67 -33.08
CA ASN B 436 30.76 -34.83 -31.82
C ASN B 436 30.09 -34.06 -30.69
N PHE B 437 28.76 -34.04 -30.68
CA PHE B 437 28.04 -33.16 -29.76
C PHE B 437 28.48 -33.29 -28.30
N LYS B 438 28.71 -32.14 -27.67
CA LYS B 438 28.89 -32.03 -26.24
C LYS B 438 28.47 -30.62 -25.85
N PRO B 439 27.85 -30.45 -24.66
CA PRO B 439 27.63 -29.09 -24.16
C PRO B 439 28.96 -28.34 -24.03
N ILE B 440 28.93 -27.02 -24.14
CA ILE B 440 30.16 -26.24 -24.03
C ILE B 440 30.75 -26.20 -22.62
N TYR B 441 29.98 -26.62 -21.61
CA TYR B 441 30.51 -26.75 -20.26
C TYR B 441 29.99 -28.00 -19.57
N ASP B 442 30.74 -28.47 -18.59
CA ASP B 442 30.29 -29.59 -17.74
CA ASP B 442 30.31 -29.59 -17.74
C ASP B 442 29.64 -29.04 -16.48
N LEU B 443 28.81 -29.85 -15.84
CA LEU B 443 28.11 -29.43 -14.63
C LEU B 443 29.05 -29.20 -13.43
N ASP B 444 30.15 -29.94 -13.36
N ASP B 444 30.14 -29.96 -13.37
CA ASP B 444 31.10 -29.79 -12.25
CA ASP B 444 31.15 -29.82 -12.32
C ASP B 444 31.87 -28.46 -12.30
C ASP B 444 31.81 -28.44 -12.28
N MET B 445 31.73 -27.70 -13.38
CA MET B 445 32.26 -26.35 -13.44
C MET B 445 31.46 -25.42 -12.52
N GLY B 446 32.13 -24.42 -11.96
CA GLY B 446 31.48 -23.44 -11.07
C GLY B 446 30.64 -22.44 -11.84
N ILE B 447 29.77 -21.74 -11.13
CA ILE B 447 28.77 -20.89 -11.75
C ILE B 447 29.39 -19.72 -12.52
N ALA B 448 30.34 -19.03 -11.90
CA ALA B 448 31.02 -17.92 -12.56
C ALA B 448 31.72 -18.39 -13.85
N ASP B 449 32.42 -19.52 -13.76
CA ASP B 449 33.11 -20.08 -14.92
C ASP B 449 32.16 -20.51 -16.04
N LYS B 450 31.04 -21.13 -15.69
CA LYS B 450 30.03 -21.52 -16.70
C LYS B 450 29.50 -20.30 -17.46
N ILE B 451 29.19 -19.23 -16.73
CA ILE B 451 28.77 -17.97 -17.32
C ILE B 451 29.85 -17.43 -18.25
N THR B 452 31.10 -17.42 -17.76
CA THR B 452 32.25 -16.94 -18.54
C THR B 452 32.44 -17.77 -19.81
N THR B 453 32.34 -19.09 -19.66
CA THR B 453 32.47 -20.01 -20.79
C THR B 453 31.46 -19.71 -21.89
N ILE B 454 30.22 -19.44 -21.50
CA ILE B 454 29.18 -19.11 -22.46
C ILE B 454 29.50 -17.79 -23.14
N ALA B 455 29.85 -16.78 -22.36
CA ALA B 455 30.17 -15.46 -22.89
C ALA B 455 31.33 -15.51 -23.89
N LYS B 456 32.40 -16.21 -23.53
CA LYS B 456 33.60 -16.27 -24.36
C LYS B 456 33.42 -17.17 -25.58
N GLU B 457 32.90 -18.37 -25.36
CA GLU B 457 32.75 -19.33 -26.44
C GLU B 457 31.58 -19.01 -27.39
N ILE B 458 30.43 -18.66 -26.82
CA ILE B 458 29.22 -18.48 -27.62
C ILE B 458 29.03 -17.03 -28.07
N TYR B 459 29.12 -16.07 -27.16
CA TYR B 459 28.92 -14.67 -27.54
C TYR B 459 30.16 -14.07 -28.20
N GLY B 460 31.32 -14.65 -27.93
CA GLY B 460 32.59 -14.13 -28.42
C GLY B 460 33.17 -13.00 -27.60
N ALA B 461 32.86 -12.99 -26.30
CA ALA B 461 33.32 -11.94 -25.39
C ALA B 461 34.74 -12.22 -24.88
N ASP B 462 35.42 -11.18 -24.41
CA ASP B 462 36.75 -11.36 -23.79
C ASP B 462 36.61 -11.89 -22.37
N GLY B 463 35.42 -11.72 -21.78
CA GLY B 463 35.14 -12.21 -20.45
C GLY B 463 33.87 -11.65 -19.89
N VAL B 464 33.70 -11.78 -18.57
CA VAL B 464 32.54 -11.26 -17.87
C VAL B 464 32.99 -10.35 -16.73
N GLU B 465 32.31 -9.21 -16.58
CA GLU B 465 32.47 -8.35 -15.43
C GLU B 465 31.33 -8.63 -14.45
N PHE B 466 31.64 -9.32 -13.35
CA PHE B 466 30.66 -9.62 -12.32
C PHE B 466 30.59 -8.49 -11.31
N ALA B 467 29.40 -7.93 -11.09
CA ALA B 467 29.21 -6.94 -10.03
C ALA B 467 29.39 -7.60 -8.67
N PRO B 468 29.80 -6.82 -7.65
CA PRO B 468 30.02 -7.36 -6.29
C PRO B 468 28.86 -8.19 -5.74
N ALA B 469 27.63 -7.78 -6.02
CA ALA B 469 26.44 -8.51 -5.55
C ALA B 469 26.32 -9.88 -6.24
N ALA B 470 26.64 -9.92 -7.54
CA ALA B 470 26.61 -11.18 -8.30
C ALA B 470 27.59 -12.20 -7.73
N LEU B 471 28.81 -11.74 -7.45
CA LEU B 471 29.83 -12.61 -6.84
C LEU B 471 29.37 -13.13 -5.48
N LYS B 472 28.76 -12.27 -4.67
CA LYS B 472 28.25 -12.67 -3.35
C LYS B 472 27.17 -13.74 -3.49
N GLU B 473 26.21 -13.48 -4.38
CA GLU B 473 25.10 -14.38 -4.63
C GLU B 473 25.59 -15.72 -5.19
N ILE B 474 26.51 -15.68 -6.14
CA ILE B 474 27.14 -16.89 -6.67
C ILE B 474 27.76 -17.74 -5.55
N ASN B 475 28.58 -17.12 -4.71
CA ASN B 475 29.21 -17.87 -3.63
C ASN B 475 28.18 -18.46 -2.67
N THR B 476 27.14 -17.68 -2.35
CA THR B 476 26.05 -18.16 -1.50
C THR B 476 25.36 -19.38 -2.11
N LEU B 477 25.07 -19.33 -3.41
CA LEU B 477 24.36 -20.44 -4.07
C LEU B 477 25.18 -21.72 -4.11
N GLU B 478 26.51 -21.58 -4.22
CA GLU B 478 27.39 -22.75 -4.24
C GLU B 478 27.48 -23.39 -2.85
N GLU B 479 27.54 -22.55 -1.81
CA GLU B 479 27.47 -23.03 -0.43
C GLU B 479 26.12 -23.68 -0.12
N LEU B 480 25.06 -23.23 -0.79
CA LEU B 480 23.73 -23.80 -0.60
C LEU B 480 23.49 -25.08 -1.41
N GLY B 481 24.45 -25.48 -2.24
CA GLY B 481 24.40 -26.77 -2.94
C GLY B 481 24.09 -26.71 -4.42
N PHE B 482 24.08 -25.50 -5.00
CA PHE B 482 23.68 -25.30 -6.41
C PHE B 482 24.84 -25.03 -7.37
N LYS B 483 26.06 -25.42 -6.99
CA LYS B 483 27.22 -25.19 -7.84
C LYS B 483 27.10 -25.91 -9.18
N ASN B 484 26.55 -27.12 -9.17
CA ASN B 484 26.59 -28.01 -10.32
C ASN B 484 25.33 -28.01 -11.18
N VAL B 485 24.62 -26.89 -11.22
CA VAL B 485 23.47 -26.75 -12.11
C VAL B 485 23.85 -25.94 -13.35
N PRO B 486 23.06 -26.05 -14.42
CA PRO B 486 23.34 -25.24 -15.61
C PRO B 486 23.03 -23.77 -15.37
N VAL B 487 23.39 -22.93 -16.33
CA VAL B 487 23.21 -21.51 -16.20
C VAL B 487 22.38 -20.96 -17.35
N CYS B 488 21.54 -19.99 -17.02
CA CYS B 488 20.63 -19.37 -17.98
C CYS B 488 20.88 -17.87 -17.97
N ILE B 489 21.59 -17.38 -18.98
CA ILE B 489 21.96 -15.96 -19.05
C ILE B 489 20.84 -15.16 -19.71
N ALA B 490 20.34 -14.15 -18.99
CA ALA B 490 19.35 -13.23 -19.50
C ALA B 490 20.04 -11.98 -20.05
N LYS B 491 19.89 -11.75 -21.35
CA LYS B 491 20.48 -10.60 -22.02
C LYS B 491 19.67 -10.28 -23.26
N THR B 492 20.03 -9.18 -23.93
CA THR B 492 19.36 -8.78 -25.16
C THR B 492 19.47 -9.83 -26.26
N GLN B 493 18.43 -9.91 -27.08
CA GLN B 493 18.39 -10.84 -28.21
C GLN B 493 18.97 -10.23 -29.49
N TYR B 494 19.06 -8.90 -29.54
CA TYR B 494 19.37 -8.18 -30.78
C TYR B 494 20.88 -8.14 -31.09
N SER B 495 21.71 -8.56 -30.14
CA SER B 495 23.16 -8.55 -30.29
C SER B 495 23.76 -9.76 -29.61
N LEU B 496 24.92 -10.18 -30.08
CA LEU B 496 25.71 -11.21 -29.40
C LEU B 496 26.18 -10.72 -28.04
N THR B 497 26.31 -9.39 -27.92
CA THR B 497 26.71 -8.75 -26.67
C THR B 497 25.49 -8.53 -25.78
N ASP B 498 25.70 -7.93 -24.61
CA ASP B 498 24.59 -7.47 -23.77
C ASP B 498 24.16 -6.03 -24.14
N ASP B 499 24.81 -5.45 -25.15
CA ASP B 499 24.43 -4.14 -25.68
C ASP B 499 23.65 -4.31 -26.98
N PRO B 500 22.34 -3.97 -26.98
CA PRO B 500 21.49 -4.25 -28.14
C PRO B 500 21.93 -3.56 -29.44
N LYS B 501 22.68 -2.47 -29.34
CA LYS B 501 23.08 -1.70 -30.53
C LYS B 501 24.28 -2.25 -31.30
N LEU B 502 25.05 -3.16 -30.68
CA LEU B 502 26.26 -3.70 -31.32
C LEU B 502 25.94 -4.90 -32.20
N LEU B 503 25.96 -4.69 -33.52
CA LEU B 503 25.56 -5.70 -34.49
C LEU B 503 26.75 -6.40 -35.12
N GLY B 504 26.47 -7.38 -35.98
CA GLY B 504 27.51 -8.13 -36.67
C GLY B 504 28.13 -9.16 -35.74
N ARG B 505 29.46 -9.18 -35.71
CA ARG B 505 30.23 -9.99 -34.77
C ARG B 505 31.17 -9.05 -33.99
N PRO B 506 30.66 -8.42 -32.92
CA PRO B 506 31.49 -7.49 -32.12
C PRO B 506 32.69 -8.17 -31.48
N THR B 507 33.77 -7.42 -31.29
CA THR B 507 34.95 -7.91 -30.60
C THR B 507 35.40 -6.89 -29.56
N GLY B 508 36.26 -7.31 -28.66
CA GLY B 508 36.78 -6.43 -27.61
C GLY B 508 35.72 -5.99 -26.63
N PHE B 509 34.86 -6.91 -26.22
CA PHE B 509 33.77 -6.56 -25.30
C PHE B 509 33.67 -7.55 -24.13
N LYS B 510 33.05 -7.09 -23.06
CA LYS B 510 32.69 -7.96 -21.94
C LYS B 510 31.19 -7.84 -21.67
N ILE B 511 30.64 -8.92 -21.11
CA ILE B 511 29.27 -8.93 -20.59
C ILE B 511 29.31 -8.45 -19.14
N ASN B 512 28.30 -7.68 -18.74
CA ASN B 512 28.15 -7.28 -17.34
C ASN B 512 27.01 -8.01 -16.64
N VAL B 513 27.36 -8.81 -15.64
CA VAL B 513 26.38 -9.55 -14.85
C VAL B 513 26.16 -8.85 -13.51
N ARG B 514 24.95 -8.35 -13.31
CA ARG B 514 24.61 -7.58 -12.10
C ARG B 514 24.15 -8.47 -10.94
N ASN B 515 23.42 -9.53 -11.24
CA ASN B 515 22.87 -10.43 -10.23
C ASN B 515 22.79 -11.87 -10.73
N VAL B 516 22.64 -12.78 -9.78
CA VAL B 516 22.44 -14.19 -10.07
C VAL B 516 21.38 -14.76 -9.12
N LYS B 517 20.40 -15.49 -9.66
CA LYS B 517 19.29 -16.05 -8.89
C LYS B 517 19.06 -17.53 -9.21
N ILE B 518 18.72 -18.33 -8.20
CA ILE B 518 18.42 -19.74 -8.41
C ILE B 518 16.93 -19.93 -8.72
N SER B 519 16.66 -20.75 -9.72
CA SER B 519 15.33 -21.32 -9.93
C SER B 519 15.47 -22.79 -9.61
N ALA B 520 15.20 -23.15 -8.36
CA ALA B 520 15.54 -24.47 -7.84
C ALA B 520 14.69 -25.59 -8.44
N GLY B 521 13.42 -25.29 -8.75
CA GLY B 521 12.55 -26.27 -9.37
C GLY B 521 12.96 -26.54 -10.81
N ALA B 522 13.18 -25.46 -11.56
CA ALA B 522 13.67 -25.56 -12.93
C ALA B 522 15.05 -26.20 -12.95
N GLY B 523 15.82 -25.99 -11.88
CA GLY B 523 17.15 -26.58 -11.75
C GLY B 523 18.22 -25.84 -12.52
N PHE B 524 18.07 -24.54 -12.71
CA PHE B 524 19.14 -23.73 -13.24
C PHE B 524 19.28 -22.40 -12.51
N VAL B 525 20.44 -21.79 -12.67
CA VAL B 525 20.73 -20.46 -12.14
C VAL B 525 20.47 -19.44 -13.24
N VAL B 526 19.83 -18.32 -12.90
CA VAL B 526 19.60 -17.25 -13.85
C VAL B 526 20.61 -16.12 -13.61
N ALA B 527 21.36 -15.78 -14.65
CA ALA B 527 22.34 -14.69 -14.59
C ALA B 527 21.78 -13.48 -15.31
N LEU B 528 21.66 -12.36 -14.60
CA LEU B 528 20.99 -11.18 -15.09
C LEU B 528 22.01 -10.13 -15.54
N THR B 529 21.75 -9.49 -16.68
CA THR B 529 22.62 -8.44 -17.21
C THR B 529 21.92 -7.08 -17.14
N GLY B 530 20.89 -6.87 -17.94
CA GLY B 530 20.15 -5.62 -17.93
C GLY B 530 18.88 -5.73 -17.13
N ALA B 531 17.96 -4.79 -17.36
CA ALA B 531 16.63 -4.85 -16.76
C ALA B 531 15.83 -5.97 -17.44
N ILE B 532 14.96 -6.62 -16.68
CA ILE B 532 14.07 -7.63 -17.24
C ILE B 532 12.63 -7.16 -17.12
N MET B 533 11.83 -7.42 -18.15
CA MET B 533 10.40 -7.17 -18.12
C MET B 533 9.70 -8.52 -18.07
N THR B 534 9.02 -8.79 -16.95
CA THR B 534 8.26 -10.03 -16.82
C THR B 534 6.75 -9.78 -16.92
N MET B 535 6.34 -8.52 -17.01
CA MET B 535 4.94 -8.15 -17.22
C MET B 535 4.83 -7.03 -18.22
N PRO B 536 4.60 -7.37 -19.50
CA PRO B 536 4.44 -6.33 -20.51
C PRO B 536 3.10 -5.59 -20.36
N GLY B 537 3.06 -4.35 -20.82
CA GLY B 537 1.87 -3.53 -20.71
C GLY B 537 1.07 -3.52 -22.00
N LEU B 538 -0.05 -2.81 -21.98
CA LEU B 538 -0.90 -2.65 -23.15
C LEU B 538 -0.56 -1.34 -23.83
N PRO B 539 -0.76 -1.26 -25.16
CA PRO B 539 -0.51 0.00 -25.85
C PRO B 539 -1.68 0.96 -25.74
N LYS B 540 -1.49 2.17 -26.26
CA LYS B 540 -2.52 3.21 -26.29
C LYS B 540 -3.84 2.70 -26.90
N ARG B 541 -3.75 2.00 -28.02
CA ARG B 541 -4.93 1.41 -28.67
C ARG B 541 -4.80 -0.11 -28.70
N PRO B 542 -5.25 -0.79 -27.63
CA PRO B 542 -5.08 -2.24 -27.60
C PRO B 542 -5.80 -2.94 -28.74
N ALA B 543 -5.20 -4.01 -29.24
CA ALA B 543 -5.83 -4.86 -30.26
C ALA B 543 -7.23 -5.31 -29.83
N ALA B 544 -7.42 -5.49 -28.52
CA ALA B 544 -8.72 -5.86 -27.95
C ALA B 544 -9.86 -5.01 -28.47
N GLU B 545 -9.61 -3.71 -28.65
CA GLU B 545 -10.66 -2.76 -29.05
C GLU B 545 -11.34 -3.13 -30.36
N LYS B 546 -10.60 -3.79 -31.25
CA LYS B 546 -11.12 -4.19 -32.56
C LYS B 546 -11.37 -5.70 -32.67
N ILE B 547 -11.19 -6.44 -31.59
CA ILE B 547 -11.65 -7.83 -31.55
C ILE B 547 -13.17 -7.80 -31.36
N ASP B 548 -13.87 -8.64 -32.10
CA ASP B 548 -15.34 -8.67 -32.06
C ASP B 548 -15.85 -10.10 -32.25
N VAL B 549 -17.14 -10.29 -31.97
CA VAL B 549 -17.82 -11.55 -32.21
C VAL B 549 -19.22 -11.26 -32.76
N ASP B 550 -19.61 -11.98 -33.80
CA ASP B 550 -20.95 -11.81 -34.38
C ASP B 550 -22.01 -12.62 -33.62
N VAL B 551 -23.26 -12.54 -34.09
CA VAL B 551 -24.38 -13.26 -33.45
C VAL B 551 -24.22 -14.78 -33.42
N ASN B 552 -23.39 -15.32 -34.32
CA ASN B 552 -23.13 -16.76 -34.37
C ASN B 552 -21.90 -17.21 -33.58
N GLY B 553 -21.19 -16.27 -32.95
CA GLY B 553 -19.99 -16.61 -32.19
C GLY B 553 -18.71 -16.71 -33.00
N LYS B 554 -18.69 -16.16 -34.21
CA LYS B 554 -17.48 -16.12 -35.02
C LYS B 554 -16.65 -14.90 -34.64
N ILE B 555 -15.36 -15.10 -34.43
CA ILE B 555 -14.47 -14.02 -33.97
C ILE B 555 -13.88 -13.25 -35.15
N ALA B 556 -13.87 -11.92 -35.05
CA ALA B 556 -13.21 -11.04 -36.00
C ALA B 556 -12.22 -10.14 -35.27
N GLY B 557 -11.19 -9.68 -35.99
CA GLY B 557 -10.22 -8.71 -35.46
C GLY B 557 -9.08 -9.29 -34.63
N LEU B 558 -9.05 -10.61 -34.49
CA LEU B 558 -8.01 -11.27 -33.68
C LEU B 558 -6.65 -11.19 -34.36
N PHE B 559 -6.66 -11.26 -35.70
CA PHE B 559 -5.46 -11.18 -36.50
C PHE B 559 -5.56 -10.03 -37.50
N LYS C 4 36.66 13.95 34.03
CA LYS C 4 35.36 14.70 33.95
C LYS C 4 34.75 14.61 32.55
N SER C 5 33.51 14.15 32.48
CA SER C 5 32.79 14.06 31.20
C SER C 5 32.33 15.45 30.73
N ASP C 6 31.94 15.54 29.48
CA ASP C 6 31.45 16.79 28.90
C ASP C 6 30.27 17.36 29.68
N ILE C 7 29.29 16.51 29.98
CA ILE C 7 28.09 16.94 30.72
C ILE C 7 28.42 17.42 32.13
N GLU C 8 29.40 16.78 32.78
CA GLU C 8 29.83 17.18 34.13
C GLU C 8 30.51 18.56 34.11
N ILE C 9 31.36 18.78 33.12
CA ILE C 9 32.02 20.08 32.93
C ILE C 9 30.96 21.18 32.73
N ALA C 10 30.02 20.93 31.84
CA ALA C 10 28.95 21.88 31.53
C ALA C 10 28.04 22.13 32.73
N GLN C 11 27.72 21.06 33.46
CA GLN C 11 26.85 21.14 34.63
C GLN C 11 27.51 21.85 35.82
N GLU C 12 28.84 21.75 35.91
CA GLU C 12 29.60 22.38 37.00
C GLU C 12 30.03 23.81 36.70
N ALA C 13 30.05 24.19 35.42
CA ALA C 13 30.57 25.49 35.00
C ALA C 13 29.67 26.64 35.45
N LYS C 14 30.28 27.75 35.85
CA LYS C 14 29.55 28.96 36.24
C LYS C 14 29.31 29.80 35.00
N ILE C 15 28.03 30.03 34.69
CA ILE C 15 27.63 30.58 33.40
C ILE C 15 26.95 31.94 33.58
N GLU C 16 27.18 32.84 32.63
CA GLU C 16 26.67 34.21 32.70
C GLU C 16 25.23 34.28 32.23
N HIS C 17 24.54 35.35 32.65
CA HIS C 17 23.20 35.66 32.15
C HIS C 17 23.35 36.13 30.70
N ILE C 18 22.40 35.76 29.84
CA ILE C 18 22.54 36.02 28.41
C ILE C 18 22.51 37.52 28.07
N LYS C 19 21.80 38.28 28.90
CA LYS C 19 21.90 39.76 28.90
C LYS C 19 23.35 40.21 28.90
N ASP C 20 24.12 39.64 29.81
CA ASP C 20 25.52 40.02 29.99
C ASP C 20 26.41 39.48 28.87
N VAL C 21 25.99 38.37 28.26
CA VAL C 21 26.68 37.87 27.07
C VAL C 21 26.39 38.80 25.89
N ALA C 22 25.13 39.21 25.77
CA ALA C 22 24.68 40.07 24.67
C ALA C 22 25.39 41.43 24.65
N THR C 23 25.61 42.01 25.82
CA THR C 23 26.28 43.33 25.93
C THR C 23 27.69 43.33 25.36
N LYS C 24 28.33 42.16 25.30
CA LYS C 24 29.67 42.03 24.75
C LYS C 24 29.71 42.30 23.25
N ILE C 25 28.56 42.22 22.59
CA ILE C 25 28.45 42.50 21.16
C ILE C 25 27.47 43.65 20.88
N GLY C 26 27.29 44.51 21.88
CA GLY C 26 26.54 45.75 21.72
C GLY C 26 25.04 45.59 21.56
N LEU C 27 24.45 44.73 22.39
CA LEU C 27 23.01 44.47 22.34
C LEU C 27 22.37 44.79 23.70
N CYS C 28 21.33 45.62 23.67
CA CYS C 28 20.54 45.92 24.86
C CYS C 28 19.36 44.95 24.95
N GLU C 29 18.70 44.94 26.11
CA GLU C 29 17.54 44.05 26.34
C GLU C 29 16.41 44.20 25.32
N ASP C 30 16.27 45.40 24.75
CA ASP C 30 15.26 45.64 23.72
C ASP C 30 15.61 44.99 22.38
N ASP C 31 16.88 44.58 22.23
CA ASP C 31 17.33 43.90 21.02
C ASP C 31 17.20 42.38 21.12
N ILE C 32 17.25 41.85 22.34
CA ILE C 32 17.19 40.39 22.56
C ILE C 32 15.81 39.95 23.07
N GLU C 33 15.45 38.70 22.75
CA GLU C 33 14.19 38.12 23.18
C GLU C 33 14.49 36.84 23.96
N TYR C 34 14.25 36.89 25.26
CA TYR C 34 14.65 35.81 26.16
C TYR C 34 13.93 34.50 25.89
N TYR C 35 14.68 33.40 26.01
CA TYR C 35 14.13 32.08 26.23
C TYR C 35 14.77 31.59 27.52
N GLY C 36 14.16 31.96 28.66
CA GLY C 36 14.79 31.75 29.96
C GLY C 36 15.97 32.69 30.14
N LYS C 37 16.77 32.43 31.17
CA LYS C 37 17.92 33.27 31.51
C LYS C 37 19.12 33.10 30.59
N TYR C 38 19.23 31.95 29.94
CA TYR C 38 20.47 31.55 29.27
C TYR C 38 20.39 31.42 27.73
N LYS C 39 19.23 31.72 27.16
CA LYS C 39 19.08 31.71 25.70
C LYS C 39 18.30 32.92 25.24
N ALA C 40 18.62 33.43 24.06
CA ALA C 40 17.90 34.57 23.51
C ALA C 40 17.88 34.57 21.99
N LYS C 41 16.77 35.05 21.43
CA LYS C 41 16.65 35.26 19.99
C LYS C 41 16.87 36.74 19.69
N ILE C 42 17.62 37.02 18.63
CA ILE C 42 17.93 38.37 18.22
C ILE C 42 17.22 38.66 16.91
N ASP C 43 16.49 39.77 16.84
CA ASP C 43 15.69 40.08 15.65
C ASP C 43 16.58 40.23 14.41
N TYR C 44 16.21 39.50 13.35
CA TYR C 44 16.93 39.57 12.06
C TYR C 44 16.86 40.96 11.42
N ASN C 45 15.82 41.73 11.75
CA ASN C 45 15.69 43.10 11.26
C ASN C 45 16.74 44.06 11.81
N LEU C 46 17.41 43.67 12.89
CA LEU C 46 18.51 44.45 13.44
C LEU C 46 19.63 44.62 12.42
N LEU C 47 19.82 43.62 11.58
CA LEU C 47 20.87 43.61 10.55
C LEU C 47 20.77 44.75 9.55
N LYS C 48 19.54 45.18 9.23
CA LYS C 48 19.33 46.17 8.18
C LYS C 48 19.72 47.60 8.58
N ARG C 49 19.88 47.86 9.88
CA ARG C 49 20.36 49.17 10.34
C ARG C 49 21.87 49.21 10.59
N PHE C 50 22.54 48.06 10.45
CA PHE C 50 24.00 48.01 10.35
C PHE C 50 24.41 47.93 8.88
N GLU C 51 23.53 48.41 7.99
CA GLU C 51 23.69 48.26 6.55
C GLU C 51 25.12 48.48 6.10
N ASP C 52 25.66 49.67 6.36
CA ASP C 52 26.95 50.08 5.84
C ASP C 52 28.07 50.02 6.88
N LYS C 53 27.96 49.11 7.83
CA LYS C 53 29.08 48.83 8.73
C LYS C 53 29.94 47.77 8.06
N LYS C 54 31.25 47.84 8.28
CA LYS C 54 32.17 46.90 7.64
C LYS C 54 32.13 45.55 8.37
N ASP C 55 32.19 44.48 7.59
CA ASP C 55 32.10 43.12 8.14
C ASP C 55 33.28 42.81 9.05
N ALA C 56 33.01 41.97 10.05
CA ALA C 56 34.05 41.46 10.95
C ALA C 56 35.03 40.57 10.19
N LYS C 57 36.10 40.20 10.87
CA LYS C 57 37.05 39.23 10.32
C LYS C 57 36.40 37.85 10.34
N LEU C 58 36.32 37.22 9.18
CA LEU C 58 35.66 35.91 9.03
C LEU C 58 36.68 34.77 9.06
N ILE C 59 36.58 33.92 10.08
CA ILE C 59 37.42 32.74 10.20
C ILE C 59 36.59 31.46 10.01
N LEU C 60 36.97 30.68 8.99
CA LEU C 60 36.32 29.40 8.71
C LEU C 60 37.15 28.26 9.30
N THR C 61 36.58 27.56 10.27
CA THR C 61 37.20 26.35 10.80
C THR C 61 36.77 25.17 9.93
N THR C 62 37.75 24.43 9.42
CA THR C 62 37.49 23.21 8.66
C THR C 62 38.44 22.10 9.13
N ALA C 63 38.52 21.01 8.37
CA ALA C 63 39.35 19.88 8.78
C ALA C 63 39.81 19.00 7.62
N ILE C 64 40.73 18.10 7.94
CA ILE C 64 41.06 16.98 7.06
C ILE C 64 39.86 16.04 7.02
N ASN C 65 39.90 15.05 6.13
CA ASN C 65 38.80 14.10 6.02
C ASN C 65 38.56 13.39 7.34
N PRO C 66 37.29 13.24 7.75
CA PRO C 66 37.01 12.52 8.99
C PRO C 66 37.50 11.07 8.97
N THR C 67 37.83 10.57 10.16
CA THR C 67 38.35 9.21 10.34
C THR C 67 37.62 8.56 11.51
N PRO C 68 37.81 7.24 11.71
CA PRO C 68 37.28 6.60 12.92
C PRO C 68 37.89 7.13 14.22
N ALA C 69 39.07 7.75 14.13
CA ALA C 69 39.73 8.34 15.31
C ALA C 69 38.93 9.48 15.92
N GLY C 70 39.00 10.67 15.32
CA GLY C 70 38.31 11.83 15.87
C GLY C 70 38.52 13.12 15.09
N GLU C 71 39.54 13.88 15.47
CA GLU C 71 39.74 15.26 15.01
C GLU C 71 38.58 16.14 15.50
N GLY C 72 38.82 17.44 15.66
CA GLY C 72 37.86 18.38 16.24
C GLY C 72 36.38 18.08 15.99
N LYS C 73 35.69 18.86 15.15
CA LYS C 73 36.15 20.13 14.59
C LYS C 73 35.67 21.29 15.46
N THR C 74 34.47 21.13 16.02
CA THR C 74 33.81 22.19 16.80
C THR C 74 34.62 22.66 18.01
N THR C 75 35.30 21.74 18.68
CA THR C 75 36.15 22.10 19.83
C THR C 75 37.11 23.23 19.47
N THR C 76 37.71 23.16 18.27
CA THR C 76 38.62 24.19 17.79
C THR C 76 37.87 25.51 17.54
N THR C 77 36.70 25.42 16.90
CA THR C 77 35.87 26.60 16.62
C THR C 77 35.50 27.33 17.91
N VAL C 78 35.09 26.58 18.93
CA VAL C 78 34.71 27.16 20.22
C VAL C 78 35.94 27.69 20.98
N GLY C 79 37.00 26.87 21.04
CA GLY C 79 38.22 27.22 21.74
C GLY C 79 38.96 28.42 21.15
N LEU C 80 38.94 28.52 19.82
CA LEU C 80 39.56 29.64 19.13
C LEU C 80 38.84 30.96 19.41
N GLY C 81 37.50 30.89 19.49
CA GLY C 81 36.71 32.05 19.89
C GLY C 81 37.07 32.49 21.30
N ASP C 82 37.13 31.52 22.21
CA ASP C 82 37.58 31.74 23.58
C ASP C 82 38.99 32.36 23.63
N ALA C 83 39.88 31.85 22.78
CA ALA C 83 41.27 32.30 22.73
C ALA C 83 41.39 33.75 22.25
N LEU C 84 40.63 34.10 21.21
CA LEU C 84 40.61 35.46 20.68
C LEU C 84 40.10 36.46 21.71
N ARG C 85 39.08 36.08 22.48
CA ARG C 85 38.58 36.95 23.55
C ARG C 85 39.62 37.14 24.66
N ARG C 86 40.35 36.08 24.98
CA ARG C 86 41.45 36.16 25.94
C ARG C 86 42.53 37.14 25.49
N LEU C 87 42.71 37.27 24.18
CA LEU C 87 43.64 38.25 23.61
C LEU C 87 43.03 39.66 23.52
N GLY C 88 41.90 39.89 24.19
CA GLY C 88 41.25 41.20 24.23
C GLY C 88 40.48 41.56 22.96
N LYS C 89 40.28 40.59 22.07
CA LYS C 89 39.57 40.83 20.81
C LYS C 89 38.08 40.56 21.00
N ASN C 90 37.24 41.36 20.34
CA ASN C 90 35.79 41.14 20.39
C ASN C 90 35.42 40.03 19.40
N ALA C 91 35.52 38.79 19.86
CA ALA C 91 35.28 37.61 19.03
C ALA C 91 33.97 36.92 19.43
N MET C 92 33.34 36.28 18.44
CA MET C 92 32.19 35.40 18.70
C MET C 92 32.18 34.25 17.70
N ILE C 93 31.29 33.27 17.93
CA ILE C 93 31.21 32.10 17.08
C ILE C 93 29.81 31.85 16.53
N ALA C 94 29.75 31.16 15.38
CA ALA C 94 28.49 30.73 14.79
C ALA C 94 28.56 29.23 14.51
N LEU C 95 27.61 28.48 15.07
CA LEU C 95 27.55 27.03 14.92
C LEU C 95 26.19 26.58 14.46
N ARG C 96 26.10 25.32 14.06
CA ARG C 96 24.83 24.69 13.68
C ARG C 96 24.13 24.11 14.91
N GLU C 97 22.82 23.97 14.81
CA GLU C 97 22.02 23.28 15.83
C GLU C 97 21.93 21.81 15.44
N PRO C 98 22.07 20.89 16.41
CA PRO C 98 21.97 19.46 16.07
C PRO C 98 20.52 18.95 15.98
N SER C 99 20.33 17.90 15.19
CA SER C 99 19.02 17.30 15.00
C SER C 99 18.56 16.60 16.28
N LEU C 100 17.25 16.62 16.53
CA LEU C 100 16.66 15.99 17.71
C LEU C 100 16.67 14.46 17.65
N GLY C 101 16.34 13.90 16.48
CA GLY C 101 16.19 12.46 16.30
C GLY C 101 17.35 11.60 16.78
N PRO C 102 18.57 11.84 16.28
CA PRO C 102 19.74 11.01 16.63
C PRO C 102 20.01 10.87 18.13
N VAL C 103 19.60 11.85 18.92
CA VAL C 103 19.80 11.85 20.37
C VAL C 103 19.14 10.63 21.03
N PHE C 104 17.98 10.23 20.50
CA PHE C 104 17.25 9.10 21.05
C PHE C 104 17.73 7.75 20.53
N GLY C 105 18.62 7.78 19.54
CA GLY C 105 19.26 6.58 19.00
C GLY C 105 20.63 6.29 19.63
N ILE C 106 21.55 7.25 19.49
CA ILE C 106 22.94 7.09 19.94
C ILE C 106 23.40 8.13 20.97
N LYS C 107 22.45 8.68 21.73
CA LYS C 107 22.72 9.70 22.77
C LYS C 107 23.07 11.07 22.17
N GLY C 108 22.90 12.09 23.00
CA GLY C 108 23.27 13.45 22.62
C GLY C 108 24.78 13.64 22.66
N GLY C 109 25.22 14.80 22.20
CA GLY C 109 26.64 15.14 22.19
C GLY C 109 26.84 16.62 22.48
N ALA C 110 28.02 16.96 23.00
CA ALA C 110 28.33 18.34 23.34
C ALA C 110 28.57 19.18 22.09
N ALA C 111 28.16 20.44 22.15
CA ALA C 111 28.51 21.41 21.11
C ALA C 111 29.97 21.76 21.30
N GLY C 112 30.85 20.94 20.74
CA GLY C 112 32.28 20.98 21.03
C GLY C 112 32.65 19.81 21.94
N GLY C 113 33.49 20.07 22.94
CA GLY C 113 33.95 19.01 23.82
C GLY C 113 34.99 19.47 24.84
N GLY C 114 35.04 18.77 25.98
CA GLY C 114 35.99 19.11 27.04
C GLY C 114 35.73 20.48 27.63
N TYR C 115 36.73 21.36 27.54
CA TYR C 115 36.60 22.73 28.04
C TYR C 115 36.32 23.75 26.94
N ALA C 116 36.04 23.27 25.74
CA ALA C 116 35.59 24.12 24.64
C ALA C 116 34.18 23.69 24.20
N GLN C 117 33.19 24.04 25.03
CA GLN C 117 31.78 23.73 24.75
C GLN C 117 30.93 25.00 24.64
N VAL C 118 29.77 24.84 24.01
CA VAL C 118 28.72 25.85 24.03
C VAL C 118 27.58 25.31 24.90
N VAL C 119 26.97 26.20 25.69
CA VAL C 119 25.96 25.81 26.67
C VAL C 119 24.73 26.73 26.57
N PRO C 120 23.57 26.29 27.09
CA PRO C 120 23.28 25.03 27.79
C PRO C 120 23.22 23.81 26.85
N MET C 121 23.89 22.74 27.25
CA MET C 121 24.08 21.55 26.42
C MET C 121 22.76 20.77 26.26
N GLU C 122 22.05 20.61 27.37
CA GLU C 122 20.78 19.90 27.39
C GLU C 122 19.77 20.53 26.42
N ASP C 123 19.52 21.82 26.57
CA ASP C 123 18.56 22.54 25.72
C ASP C 123 18.89 22.41 24.24
N ILE C 124 20.16 22.58 23.90
CA ILE C 124 20.63 22.50 22.51
C ILE C 124 20.38 21.11 21.90
N ASN C 125 20.51 20.06 22.71
CA ASN C 125 20.28 18.67 22.26
C ASN C 125 18.81 18.24 22.28
N LEU C 126 17.92 19.11 22.75
CA LEU C 126 16.48 18.84 22.70
C LEU C 126 15.79 19.91 21.85
N HIS C 127 14.75 20.55 22.36
CA HIS C 127 13.94 21.46 21.55
C HIS C 127 14.67 22.77 21.27
N PHE C 128 15.60 23.14 22.16
CA PHE C 128 16.33 24.40 22.08
C PHE C 128 15.36 25.60 22.03
N THR C 129 15.34 26.36 20.94
CA THR C 129 14.40 27.49 20.81
C THR C 129 13.24 27.18 19.88
N GLY C 130 13.16 25.93 19.42
CA GLY C 130 12.03 25.46 18.61
C GLY C 130 12.15 25.62 17.10
N ASP C 131 13.36 25.90 16.61
CA ASP C 131 13.55 26.20 15.19
C ASP C 131 13.25 25.03 14.26
N PHE C 132 13.68 23.84 14.66
CA PHE C 132 13.55 22.65 13.83
C PHE C 132 12.09 22.21 13.75
N HIS C 133 11.34 22.40 14.83
CA HIS C 133 9.89 22.21 14.83
C HIS C 133 9.19 23.14 13.85
N ALA C 134 9.66 24.38 13.78
CA ALA C 134 9.09 25.37 12.86
C ALA C 134 9.43 25.00 11.41
N ILE C 135 10.69 24.64 11.19
CA ILE C 135 11.15 24.20 9.87
C ILE C 135 10.36 22.99 9.38
N GLY C 136 10.14 22.04 10.29
CA GLY C 136 9.33 20.85 10.00
C GLY C 136 7.89 21.22 9.67
N ALA C 137 7.32 22.12 10.48
CA ALA C 137 5.94 22.57 10.28
C ALA C 137 5.75 23.18 8.90
N ALA C 138 6.72 23.98 8.46
CA ALA C 138 6.71 24.58 7.14
C ALA C 138 6.72 23.50 6.05
N ASN C 139 7.61 22.53 6.20
CA ASN C 139 7.74 21.40 5.27
C ASN C 139 6.43 20.63 5.15
N ASN C 140 5.86 20.27 6.29
CA ASN C 140 4.65 19.46 6.32
C ASN C 140 3.39 20.24 5.97
N LEU C 141 3.39 21.56 6.17
CA LEU C 141 2.30 22.40 5.65
C LEU C 141 2.30 22.33 4.13
N LEU C 142 3.46 22.52 3.52
CA LEU C 142 3.57 22.47 2.06
C LEU C 142 3.08 21.13 1.50
N ALA C 143 3.45 20.03 2.16
CA ALA C 143 3.01 18.69 1.79
C ALA C 143 1.48 18.62 1.77
N ALA C 144 0.88 19.03 2.88
CA ALA C 144 -0.58 19.02 3.02
C ALA C 144 -1.28 19.88 1.98
N MET C 145 -0.66 21.00 1.60
CA MET C 145 -1.23 21.89 0.60
C MET C 145 -1.12 21.31 -0.82
N ILE C 146 -0.03 20.59 -1.11
CA ILE C 146 0.09 19.88 -2.38
C ILE C 146 -1.04 18.87 -2.54
N ASP C 147 -1.21 18.02 -1.54
CA ASP C 147 -2.25 16.98 -1.60
C ASP C 147 -3.66 17.56 -1.57
N ASN C 148 -3.88 18.62 -0.81
CA ASN C 148 -5.18 19.27 -0.78
C ASN C 148 -5.53 19.87 -2.14
N HIS C 149 -4.58 20.55 -2.75
CA HIS C 149 -4.82 21.15 -4.06
C HIS C 149 -5.29 20.10 -5.09
N ILE C 150 -4.59 18.97 -5.12
CA ILE C 150 -4.94 17.87 -6.01
C ILE C 150 -6.32 17.36 -5.64
N TYR C 151 -6.53 17.11 -4.35
CA TYR C 151 -7.80 16.64 -3.84
C TYR C 151 -9.00 17.52 -4.20
N GLN C 152 -8.80 18.84 -4.17
CA GLN C 152 -9.90 19.80 -4.36
C GLN C 152 -10.17 20.15 -5.82
N GLY C 153 -9.37 19.62 -6.75
CA GLY C 153 -9.61 19.84 -8.18
C GLY C 153 -8.41 19.79 -9.09
N ASN C 154 -7.23 20.07 -8.54
CA ASN C 154 -5.97 19.96 -9.30
C ASN C 154 -5.88 20.84 -10.55
N GLU C 155 -6.20 22.12 -10.39
CA GLU C 155 -6.16 23.07 -11.51
C GLU C 155 -4.75 23.23 -12.08
N LEU C 156 -3.75 23.04 -11.24
CA LEU C 156 -2.34 23.05 -11.66
C LEU C 156 -1.93 21.78 -12.39
N ASN C 157 -2.78 20.76 -12.38
CA ASN C 157 -2.54 19.53 -13.12
C ASN C 157 -1.30 18.75 -12.65
N ILE C 158 -1.10 18.68 -11.34
CA ILE C 158 0.05 17.96 -10.79
C ILE C 158 -0.19 16.47 -10.97
N ASP C 159 0.80 15.76 -11.53
CA ASP C 159 0.77 14.31 -11.56
C ASP C 159 1.21 13.82 -10.17
N PRO C 160 0.28 13.23 -9.41
CA PRO C 160 0.64 12.85 -8.03
C PRO C 160 1.79 11.85 -7.95
N ARG C 161 2.06 11.13 -9.03
CA ARG C 161 3.18 10.20 -9.10
C ARG C 161 4.52 10.93 -9.29
N ARG C 162 4.48 12.22 -9.60
CA ARG C 162 5.70 12.99 -9.87
C ARG C 162 5.90 14.11 -8.84
N ILE C 163 5.36 13.91 -7.64
CA ILE C 163 5.59 14.82 -6.53
C ILE C 163 6.92 14.47 -5.90
N THR C 164 7.87 15.41 -5.95
CA THR C 164 9.21 15.19 -5.41
C THR C 164 9.32 15.66 -3.96
N TRP C 165 8.38 16.49 -3.51
CA TRP C 165 8.38 17.01 -2.15
C TRP C 165 8.06 15.89 -1.17
N LYS C 166 8.80 15.85 -0.06
CA LYS C 166 8.64 14.80 0.94
C LYS C 166 8.21 15.38 2.27
N ARG C 167 7.50 14.58 3.05
CA ARG C 167 7.13 14.95 4.41
C ARG C 167 8.35 14.78 5.32
N CYS C 168 8.24 15.22 6.58
CA CYS C 168 9.38 15.09 7.49
C CYS C 168 8.98 14.96 8.94
N VAL C 169 9.96 14.56 9.74
CA VAL C 169 9.83 14.42 11.19
C VAL C 169 11.25 14.36 11.73
N ASP C 170 11.48 14.92 12.92
CA ASP C 170 12.83 14.93 13.48
C ASP C 170 13.02 13.76 14.45
N MET C 171 12.85 12.56 13.90
CA MET C 171 13.02 11.31 14.62
C MET C 171 13.69 10.34 13.67
N ASN C 172 14.52 9.45 14.21
CA ASN C 172 15.15 8.41 13.41
C ASN C 172 14.14 7.28 13.19
N ASP C 173 13.32 7.40 12.14
CA ASP C 173 12.23 6.45 11.91
C ASP C 173 12.28 5.86 10.49
N ARG C 174 12.95 4.72 10.36
CA ARG C 174 13.07 4.06 9.04
C ARG C 174 11.71 3.65 8.47
N GLN C 175 10.76 3.39 9.35
CA GLN C 175 9.40 3.00 8.96
C GLN C 175 8.72 4.00 8.02
N LEU C 176 9.21 5.25 7.99
CA LEU C 176 8.62 6.28 7.13
C LEU C 176 9.42 6.59 5.86
N ARG C 177 10.47 5.82 5.60
CA ARG C 177 11.27 6.00 4.39
C ARG C 177 10.48 5.82 3.10
N PHE C 178 9.59 4.83 3.10
CA PHE C 178 8.75 4.52 1.94
C PHE C 178 7.33 4.22 2.39
N VAL C 179 6.38 5.05 1.96
CA VAL C 179 4.99 4.85 2.33
C VAL C 179 4.06 5.01 1.14
N VAL C 180 2.83 4.54 1.31
CA VAL C 180 1.74 4.90 0.43
C VAL C 180 0.72 5.59 1.33
N ASP C 181 0.36 6.81 0.98
CA ASP C 181 -0.63 7.56 1.74
C ASP C 181 -1.79 7.99 0.84
N GLY C 182 -2.81 8.59 1.42
CA GLY C 182 -4.03 8.97 0.69
C GLY C 182 -4.98 7.80 0.49
N LEU C 183 -4.98 6.84 1.40
CA LEU C 183 -5.83 5.66 1.28
C LEU C 183 -7.15 5.87 2.03
N GLY C 184 -8.01 4.86 1.98
CA GLY C 184 -9.31 4.91 2.64
C GLY C 184 -10.41 5.55 1.81
N GLY C 185 -10.30 5.48 0.50
CA GLY C 185 -11.37 5.94 -0.39
C GLY C 185 -11.30 7.41 -0.73
N LYS C 186 -12.23 7.87 -1.55
CA LYS C 186 -12.20 9.24 -2.07
C LYS C 186 -12.39 10.34 -1.02
N ALA C 187 -12.97 10.01 0.13
CA ALA C 187 -13.13 10.98 1.21
C ALA C 187 -11.82 11.36 1.88
N ASN C 188 -10.78 10.55 1.70
CA ASN C 188 -9.59 10.64 2.54
C ASN C 188 -8.27 10.92 1.81
N GLY C 189 -8.35 11.21 0.51
CA GLY C 189 -7.19 11.69 -0.23
C GLY C 189 -7.08 11.12 -1.63
N THR C 190 -5.86 11.16 -2.17
CA THR C 190 -5.54 10.53 -3.45
C THR C 190 -4.33 9.62 -3.23
N PRO C 191 -4.48 8.30 -3.50
CA PRO C 191 -3.38 7.39 -3.21
C PRO C 191 -2.10 7.72 -3.98
N ARG C 192 -0.97 7.72 -3.27
CA ARG C 192 0.31 7.92 -3.93
C ARG C 192 1.48 7.38 -3.11
N GLU C 193 2.59 7.13 -3.79
CA GLU C 193 3.83 6.78 -3.11
C GLU C 193 4.45 8.05 -2.53
N ASP C 194 5.02 7.92 -1.34
CA ASP C 194 5.51 9.07 -0.60
C ASP C 194 6.63 8.59 0.32
N GLY C 195 7.23 9.51 1.07
CA GLY C 195 8.28 9.17 2.01
C GLY C 195 8.63 10.33 2.89
N TYR C 196 9.31 10.03 4.00
CA TYR C 196 9.77 11.06 4.93
C TYR C 196 11.28 11.18 4.92
N ASP C 197 11.76 12.42 5.04
CA ASP C 197 13.15 12.72 5.35
C ASP C 197 13.19 13.09 6.81
N ILE C 198 14.34 12.93 7.46
CA ILE C 198 14.52 13.57 8.76
C ILE C 198 14.49 15.08 8.50
N THR C 199 13.94 15.85 9.43
CA THR C 199 13.65 17.27 9.22
C THR C 199 14.85 18.05 8.67
N VAL C 200 16.04 17.80 9.22
CA VAL C 200 17.23 18.56 8.81
C VAL C 200 17.63 18.33 7.35
N ALA C 201 17.08 17.29 6.73
CA ALA C 201 17.33 17.02 5.31
C ALA C 201 16.30 17.70 4.39
N SER C 202 15.23 18.23 4.95
CA SER C 202 14.22 18.97 4.18
C SER C 202 14.87 20.15 3.45
N GLU C 203 14.36 20.49 2.27
CA GLU C 203 14.89 21.63 1.52
C GLU C 203 14.60 22.94 2.26
N ILE C 204 13.58 22.94 3.11
CA ILE C 204 13.26 24.09 3.95
C ILE C 204 14.47 24.45 4.82
N MET C 205 15.20 23.44 5.30
CA MET C 205 16.40 23.68 6.09
C MET C 205 17.49 24.42 5.30
N ALA C 206 17.67 24.04 4.03
CA ALA C 206 18.64 24.71 3.16
C ALA C 206 18.23 26.14 2.81
N VAL C 207 16.93 26.33 2.55
CA VAL C 207 16.38 27.65 2.24
C VAL C 207 16.53 28.59 3.45
N PHE C 208 16.05 28.12 4.60
CA PHE C 208 16.22 28.77 5.89
C PHE C 208 17.67 29.20 6.15
N CYS C 209 18.61 28.31 5.83
CA CYS C 209 20.02 28.57 6.09
C CYS C 209 20.68 29.49 5.05
N LEU C 210 20.09 29.63 3.87
CA LEU C 210 20.69 30.44 2.80
C LEU C 210 20.00 31.80 2.56
N ALA C 211 18.86 32.04 3.20
CA ALA C 211 18.11 33.28 3.01
C ALA C 211 18.86 34.49 3.61
N ASN C 212 18.99 35.56 2.82
CA ASN C 212 19.63 36.79 3.27
C ASN C 212 18.78 37.53 4.29
N ASP C 213 17.47 37.59 4.02
CA ASP C 213 16.51 38.27 4.88
C ASP C 213 15.11 37.67 4.68
N MET C 214 14.11 38.23 5.35
CA MET C 214 12.74 37.74 5.24
C MET C 214 12.19 37.81 3.82
N GLU C 215 12.54 38.86 3.09
CA GLU C 215 12.11 39.00 1.69
C GLU C 215 12.71 37.87 0.85
N ASP C 216 14.00 37.62 1.05
CA ASP C 216 14.71 36.58 0.33
C ASP C 216 14.23 35.17 0.74
N LEU C 217 13.89 35.02 2.01
CA LEU C 217 13.33 33.76 2.52
C LEU C 217 12.03 33.43 1.80
N LYS C 218 11.15 34.42 1.73
CA LYS C 218 9.83 34.24 1.10
C LYS C 218 9.97 33.95 -0.40
N ASN C 219 10.92 34.61 -1.06
CA ASN C 219 11.18 34.36 -2.49
C ASN C 219 11.76 32.99 -2.78
N ARG C 220 12.66 32.53 -1.90
CA ARG C 220 13.26 31.20 -2.03
C ARG C 220 12.20 30.11 -1.82
N LEU C 221 11.35 30.31 -0.82
CA LEU C 221 10.26 29.39 -0.52
C LEU C 221 9.29 29.22 -1.69
N ALA C 222 8.83 30.34 -2.24
CA ALA C 222 7.91 30.34 -3.39
C ALA C 222 8.52 29.67 -4.61
N ARG C 223 9.85 29.73 -4.70
CA ARG C 223 10.61 29.20 -5.82
C ARG C 223 10.75 27.67 -5.81
N ILE C 224 10.51 27.05 -4.65
CA ILE C 224 10.69 25.61 -4.49
C ILE C 224 9.85 24.83 -5.50
N ILE C 225 10.48 23.90 -6.22
CA ILE C 225 9.76 22.98 -7.09
C ILE C 225 9.32 21.76 -6.26
N ILE C 226 8.02 21.51 -6.23
CA ILE C 226 7.45 20.41 -5.42
C ILE C 226 7.14 19.14 -6.23
N GLY C 227 7.32 19.22 -7.55
CA GLY C 227 6.95 18.13 -8.44
C GLY C 227 6.62 18.63 -9.84
N TYR C 228 5.89 17.81 -10.60
CA TYR C 228 5.68 18.07 -12.02
C TYR C 228 4.26 17.73 -12.46
N THR C 229 3.81 18.39 -13.53
CA THR C 229 2.51 18.11 -14.12
C THR C 229 2.55 16.82 -14.95
N TYR C 230 1.38 16.39 -15.44
CA TYR C 230 1.29 15.21 -16.30
C TYR C 230 2.09 15.35 -17.59
N ASP C 231 2.32 16.59 -18.04
CA ASP C 231 3.16 16.82 -19.22
C ASP C 231 4.55 17.37 -18.87
N GLY C 232 5.00 17.14 -17.65
CA GLY C 232 6.41 17.34 -17.26
C GLY C 232 6.85 18.75 -16.89
N LYS C 233 5.91 19.64 -16.59
CA LYS C 233 6.25 21.01 -16.21
C LYS C 233 6.37 21.14 -14.70
N PRO C 234 7.42 21.86 -14.22
CA PRO C 234 7.58 22.03 -12.77
C PRO C 234 6.43 22.79 -12.14
N VAL C 235 6.12 22.45 -10.89
CA VAL C 235 5.10 23.14 -10.11
C VAL C 235 5.76 23.61 -8.83
N THR C 236 5.51 24.86 -8.48
CA THR C 236 6.21 25.50 -7.36
C THR C 236 5.29 25.76 -6.17
N ALA C 237 5.90 25.93 -4.99
CA ALA C 237 5.16 26.32 -3.80
C ALA C 237 4.49 27.69 -3.98
N GLY C 238 5.11 28.56 -4.77
CA GLY C 238 4.52 29.85 -5.12
C GLY C 238 3.15 29.68 -5.78
N GLN C 239 3.09 28.78 -6.76
CA GLN C 239 1.83 28.48 -7.43
C GLN C 239 0.77 27.90 -6.49
N LEU C 240 1.21 27.24 -5.42
CA LEU C 240 0.29 26.74 -4.39
C LEU C 240 -0.02 27.81 -3.33
N LYS C 241 0.68 28.94 -3.42
CA LYS C 241 0.46 30.10 -2.55
C LYS C 241 0.69 29.76 -1.07
N ALA C 242 1.82 29.09 -0.82
CA ALA C 242 2.18 28.63 0.51
C ALA C 242 3.36 29.39 1.13
N GLN C 243 4.07 30.19 0.34
CA GLN C 243 5.29 30.87 0.81
C GLN C 243 5.05 31.83 1.98
N GLY C 244 3.92 32.52 1.96
CA GLY C 244 3.56 33.45 3.03
C GLY C 244 3.26 32.74 4.32
N ALA C 245 2.56 31.60 4.23
CA ALA C 245 2.24 30.79 5.40
C ALA C 245 3.49 30.12 5.96
N MET C 246 4.34 29.62 5.07
CA MET C 246 5.62 29.01 5.46
C MET C 246 6.55 30.03 6.11
N ALA C 247 6.62 31.23 5.54
CA ALA C 247 7.40 32.33 6.13
C ALA C 247 6.89 32.67 7.52
N ALA C 248 5.58 32.72 7.67
CA ALA C 248 4.96 32.99 8.97
C ALA C 248 5.34 31.95 10.01
N LEU C 249 5.34 30.68 9.62
CA LEU C 249 5.80 29.60 10.51
C LEU C 249 7.27 29.75 10.88
N LEU C 250 8.06 30.32 9.98
CA LEU C 250 9.51 30.49 10.20
C LEU C 250 9.91 31.87 10.76
N LYS C 251 8.95 32.73 11.09
CA LYS C 251 9.24 34.11 11.50
C LYS C 251 10.23 34.16 12.67
N ASP C 252 9.79 33.67 13.82
CA ASP C 252 10.62 33.67 15.02
C ASP C 252 11.82 32.74 14.90
N ALA C 253 11.63 31.60 14.24
CA ALA C 253 12.71 30.64 14.00
C ALA C 253 13.89 31.29 13.29
N PHE C 254 13.61 32.12 12.29
CA PHE C 254 14.64 32.79 11.48
C PHE C 254 15.51 33.78 12.27
N LYS C 255 15.10 34.13 13.48
CA LYS C 255 15.91 34.97 14.38
C LYS C 255 17.02 34.13 15.01
N PRO C 256 18.30 34.51 14.78
CA PRO C 256 19.43 33.74 15.34
C PRO C 256 19.36 33.53 16.85
N ASN C 257 19.82 32.38 17.31
CA ASN C 257 19.82 32.05 18.74
C ASN C 257 21.15 32.39 19.39
N LEU C 258 21.09 33.20 20.45
CA LEU C 258 22.30 33.61 21.19
C LEU C 258 22.47 32.74 22.42
N VAL C 259 23.64 32.08 22.50
CA VAL C 259 24.04 31.32 23.67
C VAL C 259 25.51 31.67 23.95
N GLN C 260 26.22 30.86 24.73
CA GLN C 260 27.62 31.18 25.07
C GLN C 260 28.48 29.95 25.25
N THR C 261 29.80 30.16 25.21
CA THR C 261 30.76 29.11 25.55
C THR C 261 30.92 29.07 27.07
N LEU C 262 31.68 28.09 27.57
CA LEU C 262 31.94 27.95 29.00
C LEU C 262 32.63 29.19 29.57
N GLU C 263 33.40 29.88 28.74
CA GLU C 263 34.12 31.10 29.15
C GLU C 263 33.37 32.38 28.77
N GLY C 264 32.08 32.26 28.46
CA GLY C 264 31.23 33.42 28.18
C GLY C 264 31.36 34.05 26.81
N THR C 265 32.12 33.42 25.90
CA THR C 265 32.22 33.92 24.53
C THR C 265 30.86 33.81 23.84
N PRO C 266 30.34 34.92 23.28
CA PRO C 266 29.08 34.88 22.54
C PRO C 266 29.05 33.85 21.42
N ALA C 267 27.91 33.20 21.24
CA ALA C 267 27.76 32.15 20.24
C ALA C 267 26.36 32.12 19.64
N PHE C 268 26.30 32.16 18.31
CA PHE C 268 25.05 31.92 17.60
C PHE C 268 24.96 30.44 17.24
N VAL C 269 23.83 29.82 17.57
CA VAL C 269 23.52 28.46 17.13
C VAL C 269 22.23 28.54 16.32
N HIS C 270 22.33 28.27 15.01
CA HIS C 270 21.22 28.55 14.11
C HIS C 270 21.34 27.74 12.82
N GLY C 271 20.33 26.91 12.54
CA GLY C 271 20.32 26.08 11.33
C GLY C 271 21.17 24.83 11.47
N GLY C 272 21.01 23.89 10.55
CA GLY C 272 21.75 22.64 10.63
C GLY C 272 21.45 21.68 9.49
N PRO C 273 21.88 22.02 8.26
CA PRO C 273 21.72 21.14 7.12
C PRO C 273 22.88 20.15 7.01
N PHE C 274 22.69 19.10 6.21
CA PHE C 274 23.74 18.13 5.97
C PHE C 274 24.82 18.71 5.05
N ALA C 275 26.00 18.10 5.08
CA ALA C 275 27.14 18.59 4.33
C ALA C 275 27.41 17.76 3.08
N ASN C 276 26.45 16.92 2.69
CA ASN C 276 26.58 16.13 1.46
C ASN C 276 25.52 16.51 0.42
N ILE C 277 24.24 16.34 0.80
CA ILE C 277 23.12 16.77 -0.06
C ILE C 277 22.82 18.26 0.12
N ALA C 278 23.49 18.90 1.07
CA ALA C 278 23.44 20.34 1.23
C ALA C 278 24.84 20.88 1.59
N HIS C 279 24.90 22.11 2.10
CA HIS C 279 26.17 22.84 2.18
C HIS C 279 26.84 22.79 3.56
N GLY C 280 26.16 22.22 4.55
CA GLY C 280 26.77 21.92 5.84
C GLY C 280 27.24 23.09 6.69
N CYS C 281 26.64 24.26 6.49
CA CYS C 281 26.99 25.46 7.25
C CYS C 281 25.81 25.94 8.08
N ASN C 282 26.08 26.71 9.13
CA ASN C 282 25.01 27.38 9.89
C ASN C 282 24.37 28.47 9.01
N SER C 283 23.29 29.07 9.49
CA SER C 283 22.51 30.00 8.67
C SER C 283 23.29 31.23 8.23
N ILE C 284 23.01 31.70 7.02
CA ILE C 284 23.55 32.95 6.50
C ILE C 284 23.13 34.14 7.38
N ILE C 285 21.91 34.10 7.90
CA ILE C 285 21.43 35.19 8.75
C ILE C 285 22.24 35.30 10.05
N ALA C 286 22.62 34.17 10.63
CA ALA C 286 23.44 34.18 11.85
C ALA C 286 24.86 34.67 11.57
N THR C 287 25.47 34.19 10.49
CA THR C 287 26.83 34.58 10.12
C THR C 287 26.91 36.08 9.80
N LYS C 288 26.11 36.53 8.83
CA LYS C 288 26.10 37.94 8.44
C LYS C 288 25.80 38.87 9.61
N MET C 289 24.91 38.44 10.48
CA MET C 289 24.54 39.19 11.68
C MET C 289 25.66 39.20 12.71
N ALA C 290 26.40 38.10 12.80
CA ALA C 290 27.59 38.02 13.65
C ALA C 290 28.70 38.94 13.12
N LEU C 291 28.83 39.02 11.80
CA LEU C 291 29.85 39.87 11.18
C LEU C 291 29.65 41.37 11.43
N LYS C 292 28.43 41.79 11.76
CA LYS C 292 28.14 43.19 12.06
C LYS C 292 28.31 43.52 13.55
N LEU C 293 28.12 42.53 14.42
CA LEU C 293 28.12 42.76 15.86
C LEU C 293 29.48 42.56 16.53
N ALA C 294 30.42 41.93 15.83
CA ALA C 294 31.72 41.63 16.40
C ALA C 294 32.85 42.09 15.48
N ASP C 295 34.09 41.96 15.97
CA ASP C 295 35.28 42.26 15.19
C ASP C 295 35.87 41.00 14.57
N TYR C 296 35.69 39.87 15.26
CA TYR C 296 36.10 38.57 14.76
C TYR C 296 34.94 37.57 14.86
N VAL C 297 34.71 36.82 13.79
CA VAL C 297 33.68 35.77 13.77
C VAL C 297 34.32 34.45 13.35
N VAL C 298 34.25 33.46 14.24
CA VAL C 298 34.73 32.11 13.94
C VAL C 298 33.53 31.20 13.69
N THR C 299 33.52 30.57 12.52
CA THR C 299 32.45 29.65 12.12
C THR C 299 33.07 28.41 11.47
N GLU C 300 32.23 27.46 11.08
CA GLU C 300 32.70 26.19 10.53
C GLU C 300 31.72 25.56 9.55
N ALA C 301 32.20 24.55 8.82
CA ALA C 301 31.36 23.76 7.93
C ALA C 301 31.60 22.27 8.15
N GLY C 302 30.57 21.46 7.87
CA GLY C 302 30.59 20.02 8.18
C GLY C 302 31.58 19.21 7.38
N PHE C 303 32.01 18.08 7.96
CA PHE C 303 32.99 17.17 7.34
C PHE C 303 34.32 17.88 7.02
N GLY C 304 35.12 17.32 6.11
CA GLY C 304 36.42 17.88 5.76
C GLY C 304 36.33 19.01 4.75
N ALA C 305 37.47 19.63 4.49
CA ALA C 305 37.54 20.81 3.62
C ALA C 305 37.14 20.51 2.17
N ASP C 306 37.21 19.24 1.76
CA ASP C 306 36.74 18.84 0.43
C ASP C 306 35.22 18.97 0.29
N LEU C 307 34.49 18.93 1.41
CA LEU C 307 33.03 19.06 1.40
C LEU C 307 32.55 20.39 2.00
N GLY C 308 32.60 20.50 3.32
CA GLY C 308 32.07 21.67 4.02
C GLY C 308 32.70 22.99 3.59
N ALA C 309 34.03 23.03 3.56
CA ALA C 309 34.76 24.25 3.19
C ALA C 309 34.49 24.60 1.73
N GLU C 310 34.59 23.62 0.85
CA GLU C 310 34.28 23.81 -0.58
C GLU C 310 32.92 24.46 -0.76
N LYS C 311 31.92 23.97 -0.01
CA LYS C 311 30.55 24.47 -0.14
C LYS C 311 30.35 25.80 0.59
N PHE C 312 31.07 26.00 1.69
CA PHE C 312 31.08 27.29 2.38
C PHE C 312 31.62 28.39 1.44
N LEU C 313 32.64 28.06 0.67
CA LEU C 313 33.33 29.04 -0.17
C LEU C 313 32.68 29.22 -1.54
N ASP C 314 32.26 28.12 -2.16
CA ASP C 314 31.69 28.16 -3.52
C ASP C 314 30.18 28.38 -3.58
N ILE C 315 29.49 28.24 -2.44
CA ILE C 315 28.03 28.43 -2.40
C ILE C 315 27.66 29.52 -1.41
N LYS C 316 27.97 29.31 -0.11
CA LYS C 316 27.52 30.23 0.94
C LYS C 316 28.05 31.65 0.81
N CYS C 317 29.36 31.78 0.55
CA CYS C 317 30.01 33.10 0.52
C CYS C 317 29.44 34.01 -0.57
N ARG C 318 29.21 33.46 -1.76
CA ARG C 318 28.65 34.23 -2.86
C ARG C 318 27.21 34.65 -2.57
N MET C 319 26.41 33.74 -2.00
CA MET C 319 25.02 34.03 -1.66
C MET C 319 24.90 35.03 -0.50
N ALA C 320 25.80 34.95 0.47
CA ALA C 320 25.79 35.87 1.62
C ALA C 320 26.49 37.19 1.30
N ASP C 321 27.31 37.21 0.25
CA ASP C 321 28.20 38.34 -0.07
C ASP C 321 29.18 38.57 1.08
N ILE C 322 29.96 37.54 1.41
CA ILE C 322 30.99 37.63 2.44
C ILE C 322 32.30 37.06 1.92
N ARG C 323 33.39 37.49 2.54
CA ARG C 323 34.73 37.07 2.18
C ARG C 323 35.42 36.51 3.42
N PRO C 324 35.98 35.29 3.32
CA PRO C 324 36.74 34.75 4.43
C PRO C 324 38.10 35.43 4.54
N ASP C 325 38.54 35.69 5.76
CA ASP C 325 39.83 36.32 6.02
C ASP C 325 40.90 35.31 6.40
N ALA C 326 40.49 34.24 7.07
CA ALA C 326 41.39 33.17 7.47
C ALA C 326 40.68 31.81 7.45
N VAL C 327 41.46 30.74 7.33
CA VAL C 327 40.94 29.38 7.38
C VAL C 327 41.81 28.51 8.29
N VAL C 328 41.16 27.76 9.19
CA VAL C 328 41.86 26.86 10.10
C VAL C 328 41.53 25.42 9.73
N ILE C 329 42.56 24.64 9.37
CA ILE C 329 42.40 23.22 9.06
C ILE C 329 42.78 22.38 10.28
N VAL C 330 41.79 21.75 10.90
CA VAL C 330 42.02 20.92 12.08
C VAL C 330 42.49 19.53 11.65
N ALA C 331 43.45 18.99 12.40
CA ALA C 331 44.02 17.68 12.10
C ALA C 331 44.64 17.04 13.34
N THR C 332 44.82 15.73 13.29
CA THR C 332 45.53 15.00 14.34
C THR C 332 46.59 14.10 13.73
N ILE C 333 47.62 13.79 14.51
CA ILE C 333 48.68 12.87 14.08
C ILE C 333 48.08 11.49 13.82
N ARG C 334 47.23 11.03 14.74
CA ARG C 334 46.63 9.71 14.64
CA ARG C 334 46.62 9.71 14.64
C ARG C 334 45.80 9.55 13.37
N ALA C 335 45.01 10.58 13.03
CA ALA C 335 44.20 10.57 11.82
C ALA C 335 45.08 10.53 10.58
N LEU C 336 46.17 11.28 10.60
CA LEU C 336 47.15 11.25 9.51
C LEU C 336 47.78 9.85 9.39
N LYS C 337 48.16 9.26 10.53
CA LYS C 337 48.73 7.92 10.53
C LYS C 337 47.73 6.86 10.03
N TYR C 338 46.45 7.05 10.36
CA TYR C 338 45.39 6.21 9.84
C TYR C 338 45.30 6.29 8.30
N ASN C 339 45.47 7.50 7.77
CA ASN C 339 45.54 7.70 6.31
C ASN C 339 46.75 7.00 5.69
N GLY C 340 47.80 6.79 6.49
CA GLY C 340 48.99 6.07 6.05
C GLY C 340 48.89 4.55 6.14
N GLY C 341 47.74 4.04 6.58
CA GLY C 341 47.46 2.61 6.58
C GLY C 341 47.46 1.95 7.94
N VAL C 342 47.75 2.71 9.00
CA VAL C 342 47.77 2.15 10.35
C VAL C 342 46.34 1.84 10.79
N LYS C 343 46.16 0.73 11.49
CA LYS C 343 44.84 0.29 11.93
C LYS C 343 44.32 1.15 13.07
N LYS C 344 43.01 1.04 13.32
CA LYS C 344 42.34 1.75 14.41
C LYS C 344 42.99 1.52 15.79
N GLU C 345 43.48 0.31 16.01
CA GLU C 345 43.98 -0.09 17.33
C GLU C 345 45.43 0.31 17.59
N ASP C 346 46.22 0.44 16.53
CA ASP C 346 47.67 0.61 16.65
C ASP C 346 48.15 2.06 16.52
N LEU C 347 47.24 3.03 16.67
CA LEU C 347 47.56 4.44 16.43
C LEU C 347 48.42 5.09 17.52
N ASN C 348 48.38 4.53 18.73
CA ASN C 348 49.13 5.08 19.86
C ASN C 348 50.65 4.95 19.77
N GLN C 349 51.11 3.96 19.00
CA GLN C 349 52.55 3.78 18.76
C GLN C 349 53.04 4.82 17.76
N GLU C 350 54.26 5.30 17.96
CA GLU C 350 54.87 6.23 17.01
C GLU C 350 55.15 5.52 15.69
N ASN C 351 54.93 6.21 14.58
CA ASN C 351 55.17 5.65 13.25
C ASN C 351 55.30 6.77 12.22
N LEU C 352 56.53 7.23 12.00
CA LEU C 352 56.79 8.34 11.08
C LEU C 352 56.66 7.93 9.62
N ASP C 353 56.81 6.64 9.35
CA ASP C 353 56.68 6.11 8.00
C ASP C 353 55.23 6.26 7.52
N ALA C 354 54.28 5.85 8.36
CA ALA C 354 52.86 6.01 8.07
C ALA C 354 52.42 7.47 8.11
N LEU C 355 52.99 8.25 9.03
CA LEU C 355 52.65 9.66 9.17
C LEU C 355 52.93 10.42 7.88
N LYS C 356 54.10 10.17 7.28
CA LYS C 356 54.49 10.79 6.02
C LYS C 356 53.64 10.24 4.86
N LYS C 357 53.22 8.99 4.96
CA LYS C 357 52.40 8.34 3.94
C LYS C 357 50.97 8.90 3.90
N GLY C 358 50.42 9.24 5.07
CA GLY C 358 49.07 9.81 5.16
C GLY C 358 49.02 11.33 5.28
N LEU C 359 50.19 11.96 5.35
CA LEU C 359 50.29 13.42 5.46
C LEU C 359 49.71 14.16 4.24
N PRO C 360 49.88 13.60 3.02
CA PRO C 360 49.32 14.17 1.80
C PRO C 360 47.83 14.55 1.84
N ASN C 361 47.03 13.90 2.68
CA ASN C 361 45.63 14.33 2.86
C ASN C 361 45.58 15.77 3.37
N LEU C 362 46.33 16.05 4.43
CA LEU C 362 46.43 17.40 4.97
C LEU C 362 47.04 18.37 3.97
N LEU C 363 48.08 17.91 3.27
CA LEU C 363 48.79 18.76 2.31
C LEU C 363 47.89 19.17 1.14
N LYS C 364 46.99 18.27 0.73
CA LYS C 364 46.05 18.58 -0.34
C LYS C 364 45.04 19.65 0.10
N HIS C 365 44.54 19.54 1.33
CA HIS C 365 43.60 20.52 1.87
C HIS C 365 44.26 21.88 2.07
N VAL C 366 45.49 21.88 2.60
CA VAL C 366 46.27 23.11 2.74
C VAL C 366 46.50 23.74 1.36
N GLU C 367 46.86 22.92 0.39
CA GLU C 367 47.07 23.36 -0.98
C GLU C 367 45.81 23.97 -1.58
N ASN C 368 44.67 23.33 -1.34
CA ASN C 368 43.39 23.82 -1.85
C ASN C 368 43.07 25.22 -1.34
N ILE C 369 43.16 25.41 -0.03
CA ILE C 369 42.76 26.69 0.58
C ILE C 369 43.75 27.82 0.22
N THR C 370 45.04 27.50 0.18
CA THR C 370 46.08 28.51 -0.06
C THR C 370 46.30 28.82 -1.55
N GLU C 371 46.28 27.78 -2.39
CA GLU C 371 46.59 27.97 -3.82
C GLU C 371 45.35 28.08 -4.71
N LYS C 372 44.31 27.29 -4.42
CA LYS C 372 43.10 27.30 -5.26
C LYS C 372 42.20 28.46 -4.84
N TYR C 373 41.90 28.55 -3.55
CA TYR C 373 41.04 29.62 -3.04
C TYR C 373 41.84 30.89 -2.72
N GLY C 374 43.09 30.73 -2.28
CA GLY C 374 43.95 31.88 -2.01
C GLY C 374 43.64 32.58 -0.70
N ILE C 375 43.35 31.80 0.34
CA ILE C 375 43.01 32.34 1.65
C ILE C 375 44.13 32.01 2.63
N PRO C 376 44.52 33.00 3.47
CA PRO C 376 45.49 32.73 4.54
C PRO C 376 45.08 31.53 5.39
N THR C 377 46.00 30.60 5.58
CA THR C 377 45.71 29.34 6.26
C THR C 377 46.66 29.08 7.43
N VAL C 378 46.11 28.43 8.46
CA VAL C 378 46.90 27.90 9.57
C VAL C 378 46.36 26.50 9.87
N VAL C 379 47.26 25.55 10.05
CA VAL C 379 46.88 24.19 10.44
C VAL C 379 46.86 24.10 11.96
N ALA C 380 45.80 23.48 12.50
CA ALA C 380 45.68 23.25 13.94
C ALA C 380 45.83 21.77 14.23
N ILE C 381 46.82 21.43 15.04
CA ILE C 381 47.03 20.05 15.48
C ILE C 381 46.47 19.89 16.89
N ASN C 382 45.33 19.19 17.01
CA ASN C 382 44.76 18.88 18.33
C ASN C 382 45.68 17.93 19.08
N GLN C 383 46.27 18.43 20.16
CA GLN C 383 47.27 17.68 20.91
C GLN C 383 46.70 16.36 21.46
N PHE C 384 47.55 15.36 21.56
CA PHE C 384 47.17 14.05 22.09
C PHE C 384 48.39 13.49 22.80
N PRO C 385 48.22 12.92 24.00
CA PRO C 385 49.37 12.47 24.81
C PRO C 385 50.40 11.60 24.07
N THR C 386 49.94 10.68 23.22
CA THR C 386 50.85 9.73 22.56
C THR C 386 51.65 10.33 21.41
N ASP C 387 51.30 11.54 20.97
CA ASP C 387 52.05 12.22 19.91
C ASP C 387 53.48 12.46 20.35
N THR C 388 54.45 12.10 19.51
CA THR C 388 55.86 12.34 19.80
C THR C 388 56.29 13.68 19.24
N GLU C 389 57.43 14.17 19.70
CA GLU C 389 57.97 15.45 19.23
C GLU C 389 58.43 15.34 17.78
N ARG C 390 58.87 14.16 17.37
CA ARG C 390 59.36 13.95 16.01
C ARG C 390 58.22 13.94 14.99
N GLU C 391 57.07 13.37 15.38
CA GLU C 391 55.87 13.39 14.55
C GLU C 391 55.38 14.82 14.31
N LEU C 392 55.24 15.59 15.39
CA LEU C 392 54.82 16.99 15.31
C LEU C 392 55.78 17.81 14.44
N ALA C 393 57.07 17.51 14.56
CA ALA C 393 58.11 18.21 13.79
C ALA C 393 58.00 17.92 12.29
N LEU C 394 57.64 16.68 11.94
CA LEU C 394 57.46 16.30 10.54
C LEU C 394 56.28 17.04 9.91
N VAL C 395 55.16 17.08 10.63
CA VAL C 395 53.97 17.78 10.17
C VAL C 395 54.26 19.28 10.00
N GLN C 396 54.96 19.86 10.95
CA GLN C 396 55.32 21.28 10.89
C GLN C 396 56.26 21.58 9.72
N GLU C 397 57.19 20.67 9.47
CA GLU C 397 58.13 20.83 8.36
C GLU C 397 57.41 20.82 7.01
N GLU C 398 56.50 19.87 6.84
CA GLU C 398 55.76 19.73 5.59
C GLU C 398 54.79 20.89 5.35
N CYS C 399 54.15 21.35 6.42
CA CYS C 399 53.24 22.51 6.34
C CYS C 399 54.01 23.78 5.98
N ASN C 400 55.14 23.98 6.65
CA ASN C 400 56.02 25.13 6.36
C ASN C 400 56.54 25.11 4.92
N ARG C 401 56.69 23.91 4.36
CA ARG C 401 57.10 23.75 2.97
C ARG C 401 56.11 24.40 2.00
N LEU C 402 54.84 24.49 2.40
CA LEU C 402 53.83 25.19 1.62
C LEU C 402 53.50 26.57 2.19
N GLY C 403 54.39 27.11 3.01
CA GLY C 403 54.24 28.45 3.57
C GLY C 403 53.16 28.57 4.64
N VAL C 404 52.86 27.48 5.33
CA VAL C 404 51.81 27.46 6.36
C VAL C 404 52.37 26.89 7.66
N ASN C 405 51.98 27.49 8.77
CA ASN C 405 52.39 27.00 10.09
C ASN C 405 51.40 26.00 10.65
N ALA C 406 51.93 24.96 11.30
CA ALA C 406 51.11 24.01 12.05
C ALA C 406 51.25 24.33 13.53
N VAL C 407 50.16 24.81 14.13
CA VAL C 407 50.16 25.22 15.54
C VAL C 407 49.49 24.16 16.40
N LEU C 408 50.08 23.87 17.55
CA LEU C 408 49.51 22.91 18.49
C LEU C 408 48.32 23.54 19.20
N SER C 409 47.24 22.77 19.35
CA SER C 409 46.03 23.23 20.03
C SER C 409 45.67 22.28 21.16
N GLU C 410 45.44 22.85 22.35
CA GLU C 410 45.07 22.08 23.52
C GLU C 410 43.73 22.55 24.08
N VAL C 411 42.84 23.00 23.19
CA VAL C 411 41.56 23.59 23.59
C VAL C 411 40.62 22.62 24.31
N TRP C 412 40.74 21.33 24.00
CA TRP C 412 39.92 20.31 24.66
C TRP C 412 40.24 20.25 26.15
N ALA C 413 41.52 20.13 26.48
CA ALA C 413 41.96 19.97 27.87
C ALA C 413 42.04 21.31 28.62
N LYS C 414 42.60 22.33 27.97
CA LYS C 414 42.92 23.60 28.64
C LYS C 414 41.92 24.74 28.35
N GLY C 415 41.01 24.53 27.40
CA GLY C 415 40.04 25.55 27.05
C GLY C 415 40.66 26.67 26.23
N GLY C 416 40.20 27.90 26.45
CA GLY C 416 40.73 29.07 25.75
C GLY C 416 42.24 29.19 25.88
N GLU C 417 42.76 28.83 27.05
CA GLU C 417 44.21 28.86 27.32
C GLU C 417 44.99 27.99 26.35
N GLY C 418 44.41 26.82 26.02
CA GLY C 418 45.04 25.89 25.08
C GLY C 418 45.04 26.32 23.63
N GLY C 419 44.30 27.39 23.30
CA GLY C 419 44.21 27.88 21.94
C GLY C 419 44.80 29.27 21.74
N LEU C 420 45.54 29.78 22.72
CA LEU C 420 46.12 31.12 22.64
C LEU C 420 47.10 31.26 21.48
N GLU C 421 47.95 30.24 21.30
CA GLU C 421 48.95 30.26 20.22
C GLU C 421 48.32 30.21 18.83
N LEU C 422 47.22 29.47 18.70
CA LEU C 422 46.47 29.43 17.44
C LEU C 422 45.91 30.81 17.10
N ALA C 423 45.24 31.42 18.08
CA ALA C 423 44.63 32.75 17.90
C ALA C 423 45.65 33.81 17.47
N LYS C 424 46.84 33.78 18.06
CA LYS C 424 47.92 34.70 17.68
C LYS C 424 48.25 34.55 16.20
N GLU C 425 48.45 33.31 15.77
CA GLU C 425 48.76 33.00 14.37
C GLU C 425 47.61 33.38 13.44
N VAL C 426 46.37 33.19 13.90
CA VAL C 426 45.18 33.57 13.13
C VAL C 426 45.15 35.09 12.92
N VAL C 427 45.34 35.84 14.00
CA VAL C 427 45.42 37.30 13.93
C VAL C 427 46.57 37.75 13.01
N ARG C 428 47.68 37.03 13.05
CA ARG C 428 48.87 37.38 12.26
C ARG C 428 48.65 37.19 10.75
N ILE C 429 48.14 36.02 10.37
CA ILE C 429 47.93 35.71 8.94
C ILE C 429 46.83 36.58 8.32
N ILE C 430 45.90 37.07 9.17
CA ILE C 430 44.89 38.03 8.73
C ILE C 430 45.56 39.34 8.33
N GLU C 431 46.42 39.86 9.21
CA GLU C 431 47.10 41.14 8.97
C GLU C 431 48.21 41.04 7.91
N GLU C 432 48.91 39.91 7.86
CA GLU C 432 50.11 39.77 7.03
C GLU C 432 49.93 38.92 5.76
N GLY C 433 49.05 37.92 5.81
CA GLY C 433 48.86 36.99 4.69
C GLY C 433 48.18 37.61 3.49
N LYS C 434 48.57 37.15 2.29
CA LYS C 434 47.99 37.66 1.04
C LYS C 434 46.66 36.95 0.78
N ASN C 435 45.59 37.73 0.63
CA ASN C 435 44.24 37.20 0.43
C ASN C 435 43.72 37.46 -0.98
N ASN C 436 43.72 36.43 -1.82
CA ASN C 436 43.22 36.51 -3.19
C ASN C 436 41.95 35.67 -3.38
N PHE C 437 41.03 35.77 -2.42
CA PHE C 437 39.86 34.88 -2.42
C PHE C 437 38.99 35.02 -3.66
N LYS C 438 38.66 33.87 -4.23
CA LYS C 438 37.64 33.78 -5.27
C LYS C 438 37.15 32.34 -5.31
N PRO C 439 35.84 32.12 -5.52
CA PRO C 439 35.38 30.77 -5.75
C PRO C 439 36.11 30.10 -6.92
N ILE C 440 36.25 28.77 -6.87
CA ILE C 440 36.97 28.03 -7.92
C ILE C 440 36.19 27.88 -9.23
N TYR C 441 34.93 28.29 -9.25
CA TYR C 441 34.16 28.36 -10.50
C TYR C 441 33.23 29.57 -10.52
N ASP C 442 33.08 30.17 -11.71
CA ASP C 442 32.14 31.28 -11.90
C ASP C 442 30.77 30.68 -12.19
N LEU C 443 29.71 31.42 -11.86
CA LEU C 443 28.34 30.95 -12.09
C LEU C 443 27.98 30.84 -13.57
N ASP C 444 28.70 31.56 -14.42
CA ASP C 444 28.51 31.50 -15.88
C ASP C 444 28.70 30.08 -16.43
N MET C 445 29.62 29.34 -15.82
CA MET C 445 29.98 27.99 -16.27
C MET C 445 28.80 27.02 -16.21
N GLY C 446 28.80 26.05 -17.11
CA GLY C 446 27.76 25.02 -17.16
C GLY C 446 27.82 24.06 -15.98
N ILE C 447 26.74 23.32 -15.77
CA ILE C 447 26.60 22.46 -14.58
C ILE C 447 27.62 21.33 -14.57
N ALA C 448 27.82 20.67 -15.70
CA ALA C 448 28.78 19.57 -15.80
C ALA C 448 30.21 20.05 -15.59
N ASP C 449 30.56 21.18 -16.21
CA ASP C 449 31.89 21.76 -16.03
C ASP C 449 32.12 22.20 -14.60
N LYS C 450 31.11 22.81 -13.98
CA LYS C 450 31.15 23.16 -12.56
C LYS C 450 31.46 21.93 -11.69
N ILE C 451 30.81 20.82 -11.98
CA ILE C 451 31.06 19.56 -11.26
C ILE C 451 32.49 19.08 -11.51
N THR C 452 32.91 19.11 -12.77
CA THR C 452 34.27 18.69 -13.15
C THR C 452 35.32 19.52 -12.42
N THR C 453 35.16 20.84 -12.42
CA THR C 453 36.10 21.76 -11.77
C THR C 453 36.34 21.41 -10.30
N ILE C 454 35.26 21.12 -9.57
CA ILE C 454 35.38 20.77 -8.15
C ILE C 454 36.17 19.48 -7.99
N ALA C 455 35.81 18.45 -8.74
CA ALA C 455 36.49 17.15 -8.68
C ALA C 455 37.97 17.28 -9.04
N LYS C 456 38.25 18.00 -10.12
CA LYS C 456 39.62 18.22 -10.60
C LYS C 456 40.46 18.97 -9.57
N GLU C 457 39.95 20.13 -9.15
CA GLU C 457 40.72 21.06 -8.31
C GLU C 457 40.76 20.66 -6.84
N ILE C 458 39.60 20.30 -6.29
CA ILE C 458 39.45 20.08 -4.85
C ILE C 458 39.73 18.64 -4.46
N TYR C 459 39.16 17.69 -5.21
CA TYR C 459 39.35 16.28 -4.90
C TYR C 459 40.64 15.72 -5.52
N GLY C 460 41.15 16.40 -6.55
CA GLY C 460 42.31 15.91 -7.28
C GLY C 460 41.95 14.76 -8.20
N ALA C 461 40.75 14.82 -8.76
CA ALA C 461 40.28 13.78 -9.68
C ALA C 461 40.83 14.02 -11.09
N ASP C 462 40.93 12.94 -11.86
CA ASP C 462 41.25 13.04 -13.29
C ASP C 462 40.09 13.64 -14.07
N GLY C 463 38.87 13.42 -13.58
CA GLY C 463 37.67 13.92 -14.22
C GLY C 463 36.42 13.28 -13.65
N VAL C 464 35.31 13.42 -14.37
CA VAL C 464 34.00 12.93 -13.93
C VAL C 464 33.35 12.06 -15.00
N GLU C 465 32.89 10.88 -14.62
CA GLU C 465 32.10 10.01 -15.51
C GLU C 465 30.61 10.20 -15.21
N PHE C 466 29.95 10.97 -16.07
CA PHE C 466 28.51 11.22 -15.92
C PHE C 466 27.72 10.06 -16.54
N ALA C 467 26.79 9.50 -15.78
CA ALA C 467 25.91 8.46 -16.30
C ALA C 467 24.89 9.09 -17.25
N PRO C 468 24.33 8.29 -18.19
CA PRO C 468 23.34 8.80 -19.14
C PRO C 468 22.20 9.58 -18.50
N ALA C 469 21.64 9.06 -17.40
CA ALA C 469 20.58 9.75 -16.67
C ALA C 469 21.04 11.13 -16.18
N ALA C 470 22.27 11.20 -15.67
CA ALA C 470 22.83 12.46 -15.19
C ALA C 470 22.98 13.48 -16.32
N LEU C 471 23.43 13.03 -17.48
CA LEU C 471 23.58 13.91 -18.65
C LEU C 471 22.24 14.48 -19.09
N LYS C 472 21.20 13.64 -19.11
CA LYS C 472 19.88 14.07 -19.50
C LYS C 472 19.27 15.02 -18.47
N GLU C 473 19.50 14.74 -17.19
CA GLU C 473 18.98 15.58 -16.10
C GLU C 473 19.63 16.96 -16.10
N ILE C 474 20.93 17.02 -16.37
CA ILE C 474 21.67 18.29 -16.45
C ILE C 474 21.12 19.17 -17.57
N ASN C 475 20.95 18.58 -18.75
CA ASN C 475 20.41 19.33 -19.90
C ASN C 475 19.00 19.85 -19.63
N THR C 476 18.14 18.97 -19.12
CA THR C 476 16.77 19.35 -18.73
C THR C 476 16.78 20.55 -17.80
N LEU C 477 17.62 20.50 -16.78
CA LEU C 477 17.72 21.58 -15.80
C LEU C 477 18.22 22.89 -16.40
N GLU C 478 19.20 22.82 -17.28
CA GLU C 478 19.72 24.01 -17.96
C GLU C 478 18.66 24.65 -18.86
N GLU C 479 17.83 23.82 -19.49
CA GLU C 479 16.71 24.30 -20.30
C GLU C 479 15.62 24.94 -19.44
N LEU C 480 15.45 24.47 -18.20
CA LEU C 480 14.52 25.06 -17.25
C LEU C 480 15.09 26.35 -16.61
N GLY C 481 16.32 26.69 -16.94
CA GLY C 481 16.93 27.97 -16.51
C GLY C 481 17.72 27.88 -15.22
N PHE C 482 18.37 26.74 -14.99
CA PHE C 482 19.16 26.51 -13.77
C PHE C 482 20.65 26.32 -14.06
N LYS C 483 21.11 26.79 -15.23
CA LYS C 483 22.52 26.67 -15.61
C LYS C 483 23.45 27.46 -14.70
N ASN C 484 23.01 28.63 -14.26
CA ASN C 484 23.85 29.58 -13.54
C ASN C 484 23.76 29.47 -12.00
N VAL C 485 23.48 28.27 -11.50
CA VAL C 485 23.41 28.04 -10.06
C VAL C 485 24.62 27.21 -9.57
N PRO C 486 25.00 27.37 -8.29
CA PRO C 486 26.10 26.56 -7.76
C PRO C 486 25.80 25.07 -7.71
N VAL C 487 26.85 24.28 -7.47
CA VAL C 487 26.78 22.82 -7.49
C VAL C 487 27.12 22.27 -6.11
N CYS C 488 26.32 21.31 -5.65
CA CYS C 488 26.51 20.67 -4.35
C CYS C 488 26.72 19.16 -4.56
N ILE C 489 27.97 18.72 -4.45
CA ILE C 489 28.29 17.31 -4.69
C ILE C 489 28.08 16.49 -3.41
N ALA C 490 27.20 15.49 -3.51
CA ALA C 490 26.99 14.53 -2.43
C ALA C 490 27.91 13.34 -2.64
N LYS C 491 28.91 13.20 -1.78
CA LYS C 491 29.80 12.04 -1.79
C LYS C 491 30.24 11.70 -0.38
N THR C 492 30.98 10.59 -0.26
CA THR C 492 31.52 10.15 1.03
C THR C 492 32.43 11.23 1.65
N GLN C 493 32.42 11.32 2.96
CA GLN C 493 33.25 12.29 3.68
C GLN C 493 34.62 11.70 4.02
N TYR C 494 34.72 10.38 4.05
CA TYR C 494 35.92 9.70 4.55
C TYR C 494 37.09 9.70 3.57
N SER C 495 36.82 10.05 2.31
CA SER C 495 37.83 10.06 1.27
C SER C 495 37.71 11.29 0.38
N LEU C 496 38.84 11.72 -0.19
CA LEU C 496 38.83 12.74 -1.23
C LEU C 496 38.10 12.25 -2.48
N THR C 497 38.12 10.94 -2.71
CA THR C 497 37.36 10.32 -3.81
C THR C 497 35.91 10.05 -3.38
N ASP C 498 35.15 9.44 -4.27
CA ASP C 498 33.81 8.94 -3.93
C ASP C 498 33.87 7.52 -3.35
N ASP C 499 35.05 6.89 -3.42
CA ASP C 499 35.30 5.60 -2.80
C ASP C 499 35.83 5.83 -1.38
N PRO C 500 35.05 5.44 -0.35
CA PRO C 500 35.45 5.70 1.04
C PRO C 500 36.73 4.98 1.49
N LYS C 501 37.12 3.93 0.76
CA LYS C 501 38.29 3.12 1.11
C LYS C 501 39.62 3.83 0.79
N LEU C 502 39.61 4.77 -0.15
CA LEU C 502 40.83 5.39 -0.67
C LEU C 502 41.28 6.56 0.20
N LEU C 503 42.29 6.32 1.02
CA LEU C 503 42.79 7.30 1.99
C LEU C 503 44.01 8.06 1.46
N GLY C 504 44.53 8.99 2.26
CA GLY C 504 45.71 9.75 1.90
C GLY C 504 45.41 10.81 0.87
N ARG C 505 46.09 10.74 -0.27
CA ARG C 505 45.88 11.66 -1.38
C ARG C 505 45.83 10.84 -2.67
N PRO C 506 44.68 10.20 -2.95
CA PRO C 506 44.56 9.32 -4.11
C PRO C 506 44.76 10.05 -5.43
N THR C 507 45.35 9.35 -6.40
CA THR C 507 45.60 9.90 -7.73
C THR C 507 45.15 8.89 -8.78
N GLY C 508 44.84 9.39 -9.98
CA GLY C 508 44.42 8.54 -11.09
C GLY C 508 43.04 7.93 -10.87
N PHE C 509 42.10 8.75 -10.42
CA PHE C 509 40.74 8.30 -10.15
C PHE C 509 39.72 9.25 -10.79
N LYS C 510 38.49 8.77 -10.96
CA LYS C 510 37.38 9.56 -11.48
C LYS C 510 36.16 9.46 -10.57
N ILE C 511 35.34 10.51 -10.57
CA ILE C 511 34.12 10.56 -9.78
C ILE C 511 32.93 10.16 -10.65
N ASN C 512 32.15 9.20 -10.18
CA ASN C 512 30.98 8.71 -10.91
C ASN C 512 29.70 9.40 -10.44
N VAL C 513 29.14 10.26 -11.29
CA VAL C 513 27.91 10.97 -10.99
C VAL C 513 26.75 10.23 -11.65
N ARG C 514 25.89 9.64 -10.83
CA ARG C 514 24.75 8.85 -11.32
C ARG C 514 23.54 9.72 -11.66
N ASN C 515 23.30 10.75 -10.86
CA ASN C 515 22.13 11.63 -11.04
C ASN C 515 22.40 13.07 -10.65
N VAL C 516 21.51 13.96 -11.08
CA VAL C 516 21.59 15.38 -10.78
C VAL C 516 20.19 15.95 -10.50
N LYS C 517 19.98 16.50 -9.32
CA LYS C 517 18.68 17.01 -8.90
C LYS C 517 18.76 18.46 -8.43
N ILE C 518 17.74 19.25 -8.75
CA ILE C 518 17.69 20.67 -8.42
C ILE C 518 17.03 20.90 -7.06
N SER C 519 17.64 21.74 -6.23
CA SER C 519 16.99 22.33 -5.07
C SER C 519 16.81 23.81 -5.38
N ALA C 520 15.67 24.14 -5.99
CA ALA C 520 15.43 25.48 -6.54
C ALA C 520 15.33 26.56 -5.47
N GLY C 521 14.73 26.20 -4.33
CA GLY C 521 14.65 27.13 -3.21
C GLY C 521 16.03 27.45 -2.66
N ALA C 522 16.81 26.40 -2.41
CA ALA C 522 18.18 26.55 -1.95
C ALA C 522 19.03 27.28 -2.99
N GLY C 523 18.67 27.11 -4.25
CA GLY C 523 19.36 27.77 -5.35
C GLY C 523 20.64 27.07 -5.75
N PHE C 524 20.73 25.76 -5.50
CA PHE C 524 21.83 24.96 -6.01
C PHE C 524 21.38 23.62 -6.59
N VAL C 525 22.26 23.01 -7.36
CA VAL C 525 22.02 21.69 -7.94
C VAL C 525 22.78 20.65 -7.12
N VAL C 526 22.14 19.49 -6.89
CA VAL C 526 22.75 18.40 -6.14
C VAL C 526 23.25 17.31 -7.10
N ALA C 527 24.56 17.04 -7.05
CA ALA C 527 25.17 15.96 -7.84
C ALA C 527 25.36 14.73 -6.95
N LEU C 528 24.75 13.61 -7.38
CA LEU C 528 24.72 12.40 -6.57
C LEU C 528 25.71 11.37 -7.10
N THR C 529 26.51 10.81 -6.20
CA THR C 529 27.48 9.77 -6.55
C THR C 529 26.97 8.40 -6.10
N GLY C 530 26.90 8.19 -4.79
CA GLY C 530 26.47 6.90 -4.24
C GLY C 530 25.05 6.93 -3.71
N ALA C 531 24.75 6.04 -2.78
CA ALA C 531 23.44 5.99 -2.12
C ALA C 531 23.40 7.05 -1.02
N ILE C 532 22.24 7.68 -0.84
CA ILE C 532 22.03 8.67 0.20
C ILE C 532 21.05 8.16 1.24
N MET C 533 21.35 8.39 2.51
CA MET C 533 20.42 8.13 3.61
C MET C 533 19.90 9.47 4.09
N THR C 534 18.61 9.73 3.89
CA THR C 534 17.99 10.97 4.35
C THR C 534 17.15 10.75 5.61
N MET C 535 17.04 9.49 6.04
CA MET C 535 16.31 9.14 7.25
C MET C 535 17.00 7.98 7.97
N PRO C 536 17.83 8.29 8.97
CA PRO C 536 18.53 7.22 9.70
C PRO C 536 17.60 6.44 10.63
N GLY C 537 17.99 5.21 10.95
CA GLY C 537 17.19 4.34 11.81
C GLY C 537 17.67 4.32 13.24
N LEU C 538 16.88 3.71 14.12
CA LEU C 538 17.27 3.47 15.51
C LEU C 538 18.06 2.17 15.61
N PRO C 539 18.94 2.07 16.62
CA PRO C 539 19.69 0.83 16.82
C PRO C 539 18.90 -0.19 17.63
N LYS C 540 19.51 -1.35 17.83
CA LYS C 540 18.92 -2.43 18.63
C LYS C 540 18.51 -1.94 20.02
N ARG C 541 19.40 -1.18 20.66
CA ARG C 541 19.14 -0.64 22.00
C ARG C 541 19.22 0.88 21.99
N PRO C 542 18.13 1.55 21.58
CA PRO C 542 18.14 3.01 21.50
C PRO C 542 18.54 3.69 22.80
N ALA C 543 19.28 4.79 22.69
CA ALA C 543 19.64 5.62 23.84
C ALA C 543 18.41 6.07 24.61
N ALA C 544 17.29 6.20 23.91
CA ALA C 544 16.01 6.52 24.54
C ALA C 544 15.68 5.65 25.75
N GLU C 545 16.11 4.38 25.71
CA GLU C 545 15.79 3.44 26.77
C GLU C 545 16.37 3.82 28.13
N LYS C 546 17.49 4.54 28.13
CA LYS C 546 18.14 4.96 29.36
C LYS C 546 17.96 6.45 29.67
N ILE C 547 17.26 7.18 28.80
CA ILE C 547 16.89 8.56 29.10
C ILE C 547 15.77 8.51 30.14
N ASP C 548 15.87 9.36 31.16
CA ASP C 548 14.93 9.31 32.29
C ASP C 548 14.75 10.69 32.91
N VAL C 549 13.65 10.83 33.63
CA VAL C 549 13.36 12.04 34.40
C VAL C 549 12.95 11.61 35.82
N ASP C 550 13.34 12.40 36.82
CA ASP C 550 12.97 12.11 38.21
C ASP C 550 11.73 12.91 38.63
N VAL C 551 11.34 12.78 39.90
CA VAL C 551 10.20 13.53 40.44
C VAL C 551 10.34 15.06 40.25
N ASN C 552 11.58 15.56 40.29
CA ASN C 552 11.85 17.00 40.15
C ASN C 552 11.93 17.51 38.71
N GLY C 553 11.88 16.60 37.74
CA GLY C 553 12.00 16.99 36.33
C GLY C 553 13.43 17.10 35.83
N LYS C 554 14.38 16.53 36.57
CA LYS C 554 15.78 16.51 36.13
C LYS C 554 15.97 15.36 35.13
N ILE C 555 16.48 15.68 33.94
CA ILE C 555 16.73 14.67 32.90
C ILE C 555 18.06 13.97 33.17
N ALA C 556 18.08 12.65 33.00
CA ALA C 556 19.31 11.86 33.10
C ALA C 556 19.47 10.95 31.90
N GLY C 557 20.70 10.52 31.66
CA GLY C 557 20.99 9.52 30.62
C GLY C 557 20.96 10.04 29.19
N LEU C 558 20.87 11.35 29.02
CA LEU C 558 20.86 11.95 27.68
C LEU C 558 22.24 11.87 27.06
N PHE C 559 23.27 11.87 27.90
CA PHE C 559 24.66 11.79 27.45
C PHE C 559 25.36 10.61 28.12
N LYS D 4 -12.37 47.61 16.66
CA LYS D 4 -13.63 47.04 16.12
C LYS D 4 -13.52 45.50 15.99
N SER D 5 -12.58 45.03 15.18
CA SER D 5 -12.31 43.59 15.04
C SER D 5 -11.46 43.09 16.20
N ASP D 6 -11.39 41.77 16.36
CA ASP D 6 -10.61 41.16 17.45
C ASP D 6 -9.14 41.54 17.38
N ILE D 7 -8.54 41.35 16.21
CA ILE D 7 -7.12 41.66 16.00
C ILE D 7 -6.82 43.15 16.20
N GLU D 8 -7.73 44.02 15.77
CA GLU D 8 -7.59 45.47 16.00
C GLU D 8 -7.50 45.77 17.49
N ILE D 9 -8.50 45.27 18.24
CA ILE D 9 -8.54 45.44 19.69
C ILE D 9 -7.28 44.87 20.36
N ALA D 10 -6.87 43.69 19.94
CA ALA D 10 -5.70 43.01 20.51
C ALA D 10 -4.41 43.80 20.30
N GLN D 11 -4.15 44.19 19.05
CA GLN D 11 -2.89 44.86 18.69
C GLN D 11 -2.85 46.34 19.10
N GLU D 12 -4.00 46.90 19.43
CA GLU D 12 -4.10 48.30 19.87
C GLU D 12 -4.09 48.44 21.40
N ALA D 13 -4.29 47.33 22.12
CA ALA D 13 -4.36 47.36 23.58
C ALA D 13 -2.99 47.57 24.22
N LYS D 14 -2.97 48.32 25.32
CA LYS D 14 -1.76 48.52 26.12
C LYS D 14 -1.65 47.35 27.10
N ILE D 15 -0.58 46.57 26.96
CA ILE D 15 -0.43 45.31 27.69
C ILE D 15 0.72 45.36 28.69
N GLU D 16 0.54 44.71 29.83
CA GLU D 16 1.53 44.69 30.90
C GLU D 16 2.63 43.65 30.64
N HIS D 17 3.80 43.90 31.21
CA HIS D 17 4.90 42.93 31.22
C HIS D 17 4.48 41.74 32.09
N ILE D 18 4.84 40.53 31.66
CA ILE D 18 4.33 39.30 32.29
C ILE D 18 4.79 39.12 33.74
N LYS D 19 5.95 39.68 34.08
CA LYS D 19 6.41 39.75 35.47
C LYS D 19 5.39 40.45 36.38
N ASP D 20 4.83 41.55 35.89
CA ASP D 20 3.83 42.31 36.65
C ASP D 20 2.53 41.52 36.77
N VAL D 21 2.23 40.73 35.74
CA VAL D 21 1.08 39.82 35.78
C VAL D 21 1.37 38.71 36.81
N ALA D 22 2.60 38.21 36.80
CA ALA D 22 3.01 37.14 37.72
C ALA D 22 3.00 37.60 39.18
N THR D 23 3.25 38.89 39.40
CA THR D 23 3.21 39.48 40.75
C THR D 23 1.81 39.41 41.35
N LYS D 24 0.79 39.55 40.50
CA LYS D 24 -0.60 39.55 40.98
C LYS D 24 -1.03 38.22 41.59
N ILE D 25 -0.31 37.15 41.28
CA ILE D 25 -0.57 35.81 41.85
C ILE D 25 0.59 35.29 42.70
N GLY D 26 1.41 36.22 43.22
CA GLY D 26 2.45 35.89 44.19
C GLY D 26 3.54 34.98 43.67
N LEU D 27 3.99 35.20 42.44
CA LEU D 27 5.08 34.41 41.86
C LEU D 27 6.35 35.24 41.78
N CYS D 28 7.42 34.72 42.37
CA CYS D 28 8.73 35.37 42.32
C CYS D 28 9.33 35.27 40.92
N GLU D 29 10.33 36.11 40.64
CA GLU D 29 10.98 36.10 39.33
C GLU D 29 11.88 34.87 39.14
N ASP D 30 12.21 34.18 40.23
CA ASP D 30 12.90 32.88 40.16
C ASP D 30 11.94 31.74 39.82
N ASP D 31 10.64 31.98 39.93
CA ASP D 31 9.62 30.95 39.67
C ASP D 31 9.22 30.90 38.20
N ILE D 32 9.64 31.89 37.41
CA ILE D 32 9.18 32.02 36.01
C ILE D 32 10.35 32.02 35.02
N GLU D 33 10.07 31.54 33.81
CA GLU D 33 11.04 31.54 32.71
C GLU D 33 10.43 32.27 31.52
N TYR D 34 11.09 33.36 31.10
CA TYR D 34 10.51 34.24 30.09
C TYR D 34 10.59 33.65 28.69
N TYR D 35 9.49 33.79 27.95
CA TYR D 35 9.49 33.63 26.50
C TYR D 35 9.09 34.99 25.95
N GLY D 36 10.07 35.86 25.78
CA GLY D 36 9.82 37.26 25.48
C GLY D 36 9.25 37.97 26.70
N LYS D 37 8.70 39.16 26.48
CA LYS D 37 8.17 39.98 27.58
C LYS D 37 6.76 39.60 28.03
N TYR D 38 5.99 38.95 27.15
CA TYR D 38 4.55 38.73 27.39
C TYR D 38 4.14 37.26 27.55
N LYS D 39 5.11 36.36 27.69
CA LYS D 39 4.82 34.93 27.96
C LYS D 39 5.85 34.38 28.94
N ALA D 40 5.40 33.51 29.84
CA ALA D 40 6.31 32.87 30.78
C ALA D 40 5.85 31.47 31.13
N LYS D 41 6.80 30.58 31.38
CA LYS D 41 6.50 29.26 31.91
C LYS D 41 6.79 29.22 33.41
N ILE D 42 5.87 28.60 34.16
CA ILE D 42 5.95 28.55 35.61
C ILE D 42 6.34 27.13 36.02
N ASP D 43 7.37 27.02 36.85
CA ASP D 43 7.88 25.72 37.27
C ASP D 43 6.81 24.95 38.05
N TYR D 44 6.56 23.70 37.65
CA TYR D 44 5.55 22.85 38.30
C TYR D 44 5.95 22.37 39.69
N ASN D 45 7.25 22.43 40.01
CA ASN D 45 7.76 21.98 41.31
C ASN D 45 7.33 22.85 42.49
N LEU D 46 6.94 24.09 42.24
CA LEU D 46 6.48 24.97 43.32
C LEU D 46 5.14 24.53 43.93
N LEU D 47 4.38 23.72 43.19
CA LEU D 47 3.10 23.20 43.68
C LEU D 47 3.28 22.36 44.95
N LYS D 48 4.46 21.72 45.08
CA LYS D 48 4.81 20.96 46.29
C LYS D 48 4.90 21.86 47.53
N ARG D 49 5.26 23.13 47.34
CA ARG D 49 5.39 24.08 48.45
C ARG D 49 4.04 24.56 48.97
N PHE D 50 3.01 24.52 48.12
CA PHE D 50 1.66 24.95 48.50
C PHE D 50 0.76 23.76 48.86
N GLU D 51 1.35 22.72 49.43
CA GLU D 51 0.65 21.48 49.75
C GLU D 51 -0.46 21.69 50.78
N ASP D 52 -0.30 22.68 51.65
CA ASP D 52 -1.27 22.98 52.72
C ASP D 52 -2.11 24.24 52.49
N LYS D 53 -1.90 24.95 51.39
CA LYS D 53 -2.54 26.27 51.20
C LYS D 53 -4.06 26.23 51.02
N LYS D 54 -4.62 25.09 50.58
CA LYS D 54 -6.06 24.97 50.31
C LYS D 54 -6.44 25.66 48.99
N ASP D 55 -7.31 25.01 48.23
CA ASP D 55 -7.65 25.46 46.88
C ASP D 55 -8.47 26.74 46.84
N ALA D 56 -8.25 27.51 45.77
CA ALA D 56 -9.09 28.66 45.45
C ALA D 56 -10.52 28.24 45.17
N LYS D 57 -11.41 29.23 45.05
CA LYS D 57 -12.76 28.97 44.58
C LYS D 57 -12.69 28.61 43.09
N LEU D 58 -13.28 27.48 42.73
CA LEU D 58 -13.20 26.96 41.37
C LEU D 58 -14.51 27.21 40.65
N ILE D 59 -14.43 27.94 39.53
CA ILE D 59 -15.61 28.27 38.73
C ILE D 59 -15.49 27.66 37.34
N LEU D 60 -16.38 26.71 37.04
CA LEU D 60 -16.41 26.05 35.72
C LEU D 60 -17.37 26.75 34.77
N THR D 61 -16.82 27.34 33.70
CA THR D 61 -17.64 27.89 32.63
C THR D 61 -17.96 26.77 31.63
N THR D 62 -19.25 26.44 31.50
CA THR D 62 -19.71 25.50 30.47
C THR D 62 -20.74 26.21 29.60
N ALA D 63 -21.54 25.44 28.87
CA ALA D 63 -22.56 26.00 28.01
C ALA D 63 -23.63 24.97 27.64
N ILE D 64 -24.69 25.45 27.01
CA ILE D 64 -25.67 24.58 26.38
C ILE D 64 -25.06 23.99 25.11
N ASN D 65 -25.74 23.02 24.52
CA ASN D 65 -25.24 22.38 23.29
C ASN D 65 -24.92 23.42 22.23
N PRO D 66 -23.70 23.39 21.66
CA PRO D 66 -23.35 24.41 20.66
C PRO D 66 -24.30 24.44 19.47
N THR D 67 -24.49 25.64 18.90
CA THR D 67 -25.39 25.84 17.77
C THR D 67 -24.73 26.76 16.74
N PRO D 68 -25.33 26.88 15.54
CA PRO D 68 -24.84 27.85 14.55
C PRO D 68 -25.05 29.32 14.94
N ALA D 69 -26.02 29.58 15.81
CA ALA D 69 -26.39 30.96 16.21
C ALA D 69 -25.20 31.73 16.76
N GLY D 70 -24.58 31.18 17.80
CA GLY D 70 -23.34 31.73 18.34
C GLY D 70 -22.33 30.59 18.44
N GLU D 71 -21.68 30.40 19.59
CA GLU D 71 -21.72 31.31 20.74
C GLU D 71 -20.30 31.47 21.29
N GLY D 72 -19.73 30.36 21.76
CA GLY D 72 -18.41 30.37 22.39
C GLY D 72 -18.51 30.79 23.83
N LYS D 73 -18.07 29.93 24.73
CA LYS D 73 -18.14 30.19 26.18
C LYS D 73 -16.88 30.87 26.74
N THR D 74 -15.85 31.03 25.90
CA THR D 74 -14.56 31.54 26.35
C THR D 74 -14.57 33.05 26.63
N THR D 75 -15.37 33.80 25.88
CA THR D 75 -15.57 35.22 26.15
C THR D 75 -16.08 35.43 27.58
N THR D 76 -16.99 34.56 28.01
CA THR D 76 -17.52 34.59 29.38
C THR D 76 -16.46 34.17 30.41
N THR D 77 -15.64 33.17 30.06
CA THR D 77 -14.55 32.73 30.93
C THR D 77 -13.57 33.86 31.19
N VAL D 78 -13.15 34.54 30.12
CA VAL D 78 -12.23 35.67 30.20
C VAL D 78 -12.90 36.84 30.91
N GLY D 79 -14.12 37.17 30.48
CA GLY D 79 -14.88 38.28 31.06
C GLY D 79 -15.12 38.14 32.55
N LEU D 80 -15.54 36.94 32.97
CA LEU D 80 -15.78 36.66 34.38
C LEU D 80 -14.50 36.84 35.20
N GLY D 81 -13.37 36.43 34.63
CA GLY D 81 -12.06 36.64 35.26
C GLY D 81 -11.71 38.12 35.39
N ASP D 82 -12.01 38.88 34.35
CA ASP D 82 -11.80 40.33 34.35
C ASP D 82 -12.72 41.05 35.35
N ALA D 83 -14.00 40.69 35.33
CA ALA D 83 -14.98 41.27 36.24
C ALA D 83 -14.66 41.00 37.71
N LEU D 84 -14.19 39.79 38.01
CA LEU D 84 -13.83 39.43 39.38
C LEU D 84 -12.70 40.30 39.94
N ARG D 85 -11.71 40.60 39.11
N ARG D 85 -11.71 40.60 39.11
CA ARG D 85 -10.61 41.48 39.50
CA ARG D 85 -10.60 41.48 39.50
C ARG D 85 -11.05 42.94 39.61
C ARG D 85 -11.04 42.93 39.61
N ARG D 86 -12.06 43.32 38.86
CA ARG D 86 -12.66 44.67 38.96
C ARG D 86 -13.48 44.82 40.25
N LEU D 87 -13.94 43.70 40.81
CA LEU D 87 -14.57 43.68 42.13
C LEU D 87 -13.57 43.46 43.25
N GLY D 88 -12.28 43.56 42.96
CA GLY D 88 -11.23 43.45 43.96
C GLY D 88 -10.85 42.05 44.41
N LYS D 89 -11.31 41.03 43.68
CA LYS D 89 -10.96 39.64 44.01
C LYS D 89 -9.68 39.26 43.25
N ASN D 90 -8.81 38.47 43.89
CA ASN D 90 -7.61 37.96 43.22
C ASN D 90 -7.97 36.73 42.38
N ALA D 91 -8.31 36.96 41.13
CA ALA D 91 -8.79 35.92 40.23
C ALA D 91 -7.85 35.71 39.04
N MET D 92 -7.80 34.47 38.54
CA MET D 92 -7.12 34.16 37.28
C MET D 92 -7.95 33.15 36.51
N ILE D 93 -7.52 32.84 35.29
CA ILE D 93 -8.24 31.89 34.43
C ILE D 93 -7.31 30.81 33.88
N ALA D 94 -7.90 29.65 33.58
CA ALA D 94 -7.16 28.55 32.97
C ALA D 94 -7.89 28.09 31.71
N LEU D 95 -7.25 28.27 30.55
CA LEU D 95 -7.80 27.88 29.26
C LEU D 95 -6.94 26.83 28.57
N ARG D 96 -7.49 26.23 27.52
CA ARG D 96 -6.74 25.33 26.64
C ARG D 96 -5.95 26.13 25.62
N GLU D 97 -4.89 25.52 25.09
CA GLU D 97 -4.16 26.08 23.97
C GLU D 97 -4.76 25.54 22.66
N PRO D 98 -4.86 26.38 21.62
CA PRO D 98 -5.46 25.91 20.37
C PRO D 98 -4.46 25.18 19.48
N SER D 99 -4.98 24.26 18.67
CA SER D 99 -4.16 23.48 17.73
C SER D 99 -3.65 24.36 16.59
N LEU D 100 -2.45 24.06 16.10
CA LEU D 100 -1.81 24.80 15.02
C LEU D 100 -2.44 24.55 13.64
N GLY D 101 -2.88 23.31 13.39
CA GLY D 101 -3.40 22.90 12.09
C GLY D 101 -4.54 23.73 11.52
N PRO D 102 -5.66 23.85 12.26
CA PRO D 102 -6.85 24.56 11.75
C PRO D 102 -6.61 26.01 11.35
N VAL D 103 -5.63 26.67 11.96
CA VAL D 103 -5.28 28.05 11.61
C VAL D 103 -5.00 28.22 10.11
N PHE D 104 -4.44 27.19 9.49
CA PHE D 104 -4.13 27.23 8.06
C PHE D 104 -5.30 26.76 7.19
N GLY D 105 -6.33 26.20 7.80
CA GLY D 105 -7.56 25.83 7.10
C GLY D 105 -8.60 26.94 7.15
N ILE D 106 -9.11 27.20 8.35
CA ILE D 106 -10.20 28.15 8.58
C ILE D 106 -9.75 29.35 9.42
N LYS D 107 -8.59 29.91 9.06
CA LYS D 107 -8.09 31.20 9.58
C LYS D 107 -7.53 31.14 11.01
N GLY D 108 -8.38 30.82 11.98
CA GLY D 108 -8.01 30.90 13.40
C GLY D 108 -8.59 32.15 14.01
N GLY D 109 -8.71 32.17 15.33
CA GLY D 109 -9.39 33.26 16.03
C GLY D 109 -8.88 33.51 17.44
N ALA D 110 -9.62 34.34 18.17
CA ALA D 110 -9.22 34.76 19.51
C ALA D 110 -9.59 33.75 20.59
N ALA D 111 -8.79 33.71 21.64
CA ALA D 111 -9.15 32.99 22.86
C ALA D 111 -10.16 33.85 23.60
N GLY D 112 -11.43 33.63 23.30
CA GLY D 112 -12.50 34.56 23.67
C GLY D 112 -12.79 35.45 22.47
N GLY D 113 -12.94 36.74 22.70
CA GLY D 113 -13.20 37.69 21.62
C GLY D 113 -13.64 39.07 22.11
N GLY D 114 -13.63 40.04 21.22
CA GLY D 114 -14.04 41.41 21.55
C GLY D 114 -13.12 42.04 22.59
N TYR D 115 -13.71 42.49 23.69
CA TYR D 115 -12.94 43.03 24.82
C TYR D 115 -12.79 41.99 25.94
N ALA D 116 -12.97 40.72 25.59
CA ALA D 116 -12.70 39.61 26.50
C ALA D 116 -11.80 38.59 25.79
N GLN D 117 -10.53 38.96 25.65
CA GLN D 117 -9.54 38.14 24.93
C GLN D 117 -8.36 37.79 25.84
N VAL D 118 -7.54 36.85 25.37
CA VAL D 118 -6.20 36.61 25.93
C VAL D 118 -5.17 36.99 24.88
N VAL D 119 -4.01 37.47 25.33
CA VAL D 119 -2.96 37.95 24.43
C VAL D 119 -1.60 37.42 24.91
N PRO D 120 -0.59 37.36 24.03
CA PRO D 120 -0.59 37.72 22.60
C PRO D 120 -1.26 36.67 21.71
N MET D 121 -2.26 37.12 20.96
CA MET D 121 -3.10 36.25 20.13
C MET D 121 -2.30 35.55 19.03
N GLU D 122 -1.42 36.31 18.37
CA GLU D 122 -0.60 35.80 17.27
C GLU D 122 0.28 34.62 17.70
N ASP D 123 0.87 34.72 18.88
CA ASP D 123 1.75 33.67 19.41
C ASP D 123 0.96 32.43 19.82
N ILE D 124 -0.16 32.64 20.51
CA ILE D 124 -1.01 31.55 20.98
C ILE D 124 -1.55 30.72 19.82
N ASN D 125 -1.85 31.38 18.70
CA ASN D 125 -2.37 30.72 17.50
C ASN D 125 -1.28 30.17 16.56
N LEU D 126 -0.01 30.26 16.97
CA LEU D 126 1.09 29.61 16.24
C LEU D 126 1.82 28.64 17.18
N HIS D 127 3.14 28.76 17.31
CA HIS D 127 3.93 27.79 18.09
C HIS D 127 3.72 27.98 19.60
N PHE D 128 3.37 29.20 20.00
CA PHE D 128 3.24 29.60 21.40
C PHE D 128 4.56 29.30 22.13
N THR D 129 4.56 28.52 23.20
CA THR D 129 5.80 28.20 23.91
C THR D 129 6.35 26.81 23.53
N GLY D 130 5.70 26.16 22.56
CA GLY D 130 6.21 24.91 21.96
C GLY D 130 5.66 23.60 22.51
N ASP D 131 4.59 23.67 23.29
CA ASP D 131 4.08 22.48 23.99
C ASP D 131 3.57 21.40 23.02
N PHE D 132 2.88 21.83 21.98
CA PHE D 132 2.25 20.89 21.05
C PHE D 132 3.30 20.18 20.19
N HIS D 133 4.41 20.86 19.91
CA HIS D 133 5.56 20.20 19.27
C HIS D 133 6.17 19.12 20.16
N ALA D 134 6.31 19.44 21.44
CA ALA D 134 6.87 18.49 22.41
C ALA D 134 5.96 17.28 22.59
N ILE D 135 4.65 17.53 22.57
CA ILE D 135 3.67 16.46 22.69
C ILE D 135 3.72 15.56 21.46
N GLY D 136 3.84 16.17 20.28
CA GLY D 136 3.96 15.42 19.03
C GLY D 136 5.24 14.61 18.93
N ALA D 137 6.34 15.15 19.45
CA ALA D 137 7.62 14.46 19.43
C ALA D 137 7.60 13.21 20.32
N ALA D 138 6.92 13.31 21.46
CA ALA D 138 6.77 12.16 22.36
C ALA D 138 5.98 11.05 21.67
N ASN D 139 4.86 11.43 21.07
CA ASN D 139 4.00 10.51 20.31
C ASN D 139 4.77 9.79 19.20
N ASN D 140 5.57 10.54 18.45
CA ASN D 140 6.31 10.00 17.31
C ASN D 140 7.58 9.24 17.69
N LEU D 141 8.18 9.56 18.82
CA LEU D 141 9.25 8.74 19.37
C LEU D 141 8.71 7.36 19.67
N LEU D 142 7.54 7.30 20.32
CA LEU D 142 6.94 6.02 20.68
C LEU D 142 6.63 5.20 19.43
N ALA D 143 6.07 5.85 18.41
CA ALA D 143 5.79 5.20 17.13
C ALA D 143 7.06 4.60 16.53
N ALA D 144 8.12 5.40 16.49
CA ALA D 144 9.41 4.93 15.97
C ALA D 144 9.96 3.76 16.78
N MET D 145 9.80 3.81 18.10
CA MET D 145 10.34 2.78 18.96
C MET D 145 9.53 1.48 18.89
N ILE D 146 8.23 1.59 18.60
CA ILE D 146 7.39 0.41 18.41
C ILE D 146 7.89 -0.37 17.20
N ASP D 147 7.99 0.33 16.08
CA ASP D 147 8.41 -0.29 14.83
C ASP D 147 9.85 -0.79 14.89
N ASN D 148 10.71 -0.04 15.58
CA ASN D 148 12.10 -0.44 15.74
C ASN D 148 12.22 -1.74 16.53
N HIS D 149 11.45 -1.85 17.60
CA HIS D 149 11.46 -3.07 18.39
C HIS D 149 11.08 -4.30 17.54
N ILE D 150 10.07 -4.14 16.68
CA ILE D 150 9.63 -5.22 15.80
C ILE D 150 10.76 -5.51 14.80
N TYR D 151 11.26 -4.45 14.19
CA TYR D 151 12.33 -4.53 13.21
C TYR D 151 13.57 -5.25 13.73
N GLN D 152 13.93 -5.01 14.99
CA GLN D 152 15.17 -5.52 15.56
C GLN D 152 15.07 -6.93 16.18
N GLY D 153 13.90 -7.58 16.09
CA GLY D 153 13.75 -8.95 16.58
C GLY D 153 12.42 -9.29 17.21
N ASN D 154 11.72 -8.28 17.72
CA ASN D 154 10.37 -8.45 18.23
C ASN D 154 10.22 -9.43 19.40
N GLU D 155 11.07 -9.28 20.41
CA GLU D 155 11.04 -10.15 21.61
C GLU D 155 9.71 -10.11 22.36
N LEU D 156 8.97 -9.00 22.23
CA LEU D 156 7.67 -8.84 22.86
C LEU D 156 6.56 -9.46 22.01
N ASN D 157 6.89 -9.89 20.80
CA ASN D 157 5.95 -10.57 19.95
C ASN D 157 4.72 -9.72 19.59
N ILE D 158 4.96 -8.44 19.28
CA ILE D 158 3.90 -7.55 18.85
C ILE D 158 3.44 -7.96 17.45
N ASP D 159 2.13 -8.16 17.29
CA ASP D 159 1.54 -8.34 15.97
C ASP D 159 1.46 -6.97 15.34
N PRO D 160 2.27 -6.69 14.29
CA PRO D 160 2.25 -5.36 13.68
C PRO D 160 0.87 -4.92 13.19
N ARG D 161 0.02 -5.88 12.85
CA ARG D 161 -1.33 -5.58 12.40
C ARG D 161 -2.23 -5.11 13.55
N ARG D 162 -1.78 -5.31 14.79
CA ARG D 162 -2.57 -4.98 15.98
C ARG D 162 -1.96 -3.85 16.80
N ILE D 163 -1.18 -2.99 16.16
CA ILE D 163 -0.66 -1.77 16.78
C ILE D 163 -1.77 -0.73 16.74
N THR D 164 -2.21 -0.26 17.91
CA THR D 164 -3.25 0.75 17.99
C THR D 164 -2.67 2.16 18.05
N TRP D 165 -1.38 2.27 18.40
CA TRP D 165 -0.73 3.57 18.48
C TRP D 165 -0.59 4.19 17.09
N LYS D 166 -0.88 5.49 17.00
CA LYS D 166 -0.83 6.17 15.71
C LYS D 166 0.19 7.31 15.74
N ARG D 167 0.73 7.62 14.57
CA ARG D 167 1.61 8.77 14.44
C ARG D 167 0.79 10.06 14.43
N CYS D 168 1.44 11.20 14.53
CA CYS D 168 0.73 12.47 14.56
C CYS D 168 1.51 13.62 13.97
N VAL D 169 0.78 14.68 13.65
CA VAL D 169 1.34 15.91 13.12
C VAL D 169 0.30 16.99 13.39
N ASP D 170 0.74 18.24 13.61
CA ASP D 170 -0.22 19.32 13.90
C ASP D 170 -0.49 20.12 12.63
N MET D 171 -1.09 19.43 11.65
CA MET D 171 -1.51 20.01 10.39
C MET D 171 -2.83 19.34 10.02
N ASN D 172 -3.65 20.05 9.25
CA ASN D 172 -4.90 19.48 8.75
C ASN D 172 -4.60 18.70 7.46
N ASP D 173 -4.18 17.44 7.61
CA ASP D 173 -3.71 16.66 6.47
C ASP D 173 -4.48 15.35 6.31
N ARG D 174 -5.56 15.38 5.53
CA ARG D 174 -6.37 14.17 5.29
C ARG D 174 -5.59 13.04 4.62
N GLN D 175 -4.56 13.39 3.84
CA GLN D 175 -3.70 12.44 3.14
C GLN D 175 -3.04 11.43 4.07
N LEU D 176 -2.89 11.79 5.36
CA LEU D 176 -2.25 10.91 6.33
C LEU D 176 -3.24 10.14 7.19
N ARG D 177 -4.54 10.21 6.89
CA ARG D 177 -5.54 9.47 7.67
C ARG D 177 -5.32 7.97 7.61
N PHE D 178 -5.12 7.43 6.40
CA PHE D 178 -4.83 6.01 6.22
C PHE D 178 -3.60 5.84 5.32
N VAL D 179 -2.57 5.21 5.86
CA VAL D 179 -1.33 4.99 5.12
C VAL D 179 -0.89 3.54 5.26
N VAL D 180 0.04 3.16 4.40
CA VAL D 180 0.82 1.95 4.59
C VAL D 180 2.26 2.41 4.66
N ASP D 181 2.97 2.03 5.73
CA ASP D 181 4.37 2.39 5.89
C ASP D 181 5.22 1.13 6.14
N GLY D 182 6.53 1.33 6.20
CA GLY D 182 7.48 0.23 6.34
C GLY D 182 7.75 -0.49 5.04
N LEU D 183 7.57 0.21 3.91
CA LEU D 183 7.76 -0.37 2.58
C LEU D 183 9.20 -0.20 2.09
N GLY D 184 9.47 -0.67 0.88
CA GLY D 184 10.78 -0.54 0.25
C GLY D 184 11.76 -1.62 0.66
N GLY D 185 11.27 -2.82 0.92
CA GLY D 185 12.13 -3.95 1.26
C GLY D 185 12.49 -4.06 2.73
N LYS D 186 13.12 -5.18 3.09
CA LYS D 186 13.39 -5.50 4.49
C LYS D 186 14.39 -4.55 5.16
N ALA D 187 15.21 -3.85 4.39
CA ALA D 187 16.13 -2.86 4.96
C ALA D 187 15.40 -1.64 5.55
N ASN D 188 14.13 -1.45 5.17
CA ASN D 188 13.44 -0.20 5.46
C ASN D 188 12.18 -0.34 6.34
N GLY D 189 11.97 -1.50 6.93
CA GLY D 189 10.93 -1.67 7.95
C GLY D 189 10.16 -2.97 7.87
N THR D 190 8.95 -2.94 8.42
CA THR D 190 8.01 -4.05 8.35
C THR D 190 6.69 -3.47 7.89
N PRO D 191 6.22 -3.86 6.70
CA PRO D 191 5.00 -3.24 6.16
C PRO D 191 3.80 -3.38 7.09
N ARG D 192 3.06 -2.29 7.29
CA ARG D 192 1.84 -2.31 8.06
C ARG D 192 0.91 -1.14 7.73
N GLU D 193 -0.37 -1.31 8.06
CA GLU D 193 -1.35 -0.26 7.92
C GLU D 193 -1.23 0.68 9.13
N ASP D 194 -1.30 1.98 8.87
CA ASP D 194 -1.03 2.99 9.88
C ASP D 194 -1.87 4.23 9.58
N GLY D 195 -1.77 5.22 10.45
CA GLY D 195 -2.48 6.47 10.22
C GLY D 195 -2.03 7.56 11.18
N TYR D 196 -2.38 8.79 10.84
CA TYR D 196 -2.01 9.95 11.63
C TYR D 196 -3.27 10.59 12.22
N ASP D 197 -3.16 10.95 13.49
CA ASP D 197 -4.12 11.83 14.13
C ASP D 197 -3.50 13.21 14.10
N ILE D 198 -4.31 14.26 14.21
CA ILE D 198 -3.78 15.59 14.51
C ILE D 198 -3.27 15.54 15.95
N THR D 199 -2.17 16.23 16.23
CA THR D 199 -1.46 16.08 17.52
C THR D 199 -2.37 16.13 18.75
N VAL D 200 -3.33 17.05 18.75
CA VAL D 200 -4.23 17.21 19.89
C VAL D 200 -5.09 15.98 20.19
N ALA D 201 -5.28 15.12 19.19
CA ALA D 201 -6.03 13.86 19.39
C ALA D 201 -5.18 12.71 19.96
N SER D 202 -3.86 12.86 19.98
CA SER D 202 -2.99 11.80 20.54
C SER D 202 -3.29 11.55 22.02
N GLU D 203 -3.12 10.30 22.46
CA GLU D 203 -3.28 9.97 23.89
C GLU D 203 -2.22 10.64 24.76
N ILE D 204 -1.10 11.03 24.15
CA ILE D 204 -0.09 11.79 24.87
C ILE D 204 -0.71 13.08 25.42
N MET D 205 -1.57 13.71 24.63
CA MET D 205 -2.23 14.95 25.03
C MET D 205 -3.13 14.76 26.26
N ALA D 206 -3.95 13.71 26.25
CA ALA D 206 -4.80 13.39 27.40
C ALA D 206 -3.98 13.07 28.66
N VAL D 207 -2.88 12.34 28.47
CA VAL D 207 -1.96 11.99 29.56
C VAL D 207 -1.28 13.26 30.10
N PHE D 208 -0.85 14.12 29.18
CA PHE D 208 -0.26 15.42 29.49
C PHE D 208 -1.21 16.26 30.35
N CYS D 209 -2.48 16.28 29.95
CA CYS D 209 -3.51 17.10 30.61
C CYS D 209 -4.08 16.50 31.89
N LEU D 210 -3.85 15.21 32.14
CA LEU D 210 -4.38 14.56 33.34
C LEU D 210 -3.32 14.19 34.39
N ALA D 211 -2.05 14.48 34.09
CA ALA D 211 -0.97 14.18 35.01
C ALA D 211 -0.96 15.18 36.18
N ASN D 212 -0.92 14.67 37.41
CA ASN D 212 -0.81 15.51 38.60
C ASN D 212 0.58 16.11 38.77
N ASP D 213 1.61 15.33 38.43
CA ASP D 213 3.01 15.78 38.53
C ASP D 213 3.92 14.95 37.61
N MET D 214 5.19 15.32 37.57
CA MET D 214 6.18 14.68 36.69
C MET D 214 6.29 13.16 36.93
N GLU D 215 6.15 12.74 38.18
CA GLU D 215 6.16 11.32 38.52
C GLU D 215 4.95 10.62 37.91
N ASP D 216 3.77 11.19 38.13
CA ASP D 216 2.52 10.65 37.61
C ASP D 216 2.50 10.66 36.09
N LEU D 217 3.10 11.68 35.49
CA LEU D 217 3.22 11.77 34.03
C LEU D 217 3.95 10.55 33.48
N LYS D 218 5.11 10.25 34.06
CA LYS D 218 5.93 9.12 33.64
C LYS D 218 5.20 7.80 33.84
N ASN D 219 4.49 7.66 34.96
CA ASN D 219 3.71 6.45 35.24
C ASN D 219 2.61 6.22 34.22
N ARG D 220 1.86 7.28 33.90
CA ARG D 220 0.80 7.21 32.90
C ARG D 220 1.36 6.86 31.52
N LEU D 221 2.48 7.49 31.14
CA LEU D 221 3.14 7.19 29.86
C LEU D 221 3.49 5.71 29.75
N ALA D 222 4.16 5.17 30.77
CA ALA D 222 4.54 3.76 30.82
C ALA D 222 3.33 2.84 30.67
N ARG D 223 2.19 3.32 31.18
CA ARG D 223 0.93 2.58 31.21
C ARG D 223 0.24 2.47 29.84
N ILE D 224 0.62 3.35 28.91
CA ILE D 224 0.00 3.41 27.58
C ILE D 224 0.07 2.04 26.88
N ILE D 225 -1.07 1.58 26.37
CA ILE D 225 -1.12 0.36 25.58
C ILE D 225 -0.97 0.75 24.10
N ILE D 226 0.13 0.28 23.49
CA ILE D 226 0.47 0.63 22.11
C ILE D 226 -0.08 -0.37 21.09
N GLY D 227 -0.47 -1.54 21.56
CA GLY D 227 -0.94 -2.60 20.67
C GLY D 227 -1.03 -3.95 21.36
N TYR D 228 -1.07 -5.00 20.57
CA TYR D 228 -1.27 -6.35 21.10
C TYR D 228 -0.36 -7.38 20.45
N THR D 229 -0.08 -8.44 21.20
CA THR D 229 0.74 -9.54 20.71
C THR D 229 -0.06 -10.39 19.72
N TYR D 230 0.60 -11.37 19.11
CA TYR D 230 -0.09 -12.31 18.22
C TYR D 230 -1.17 -13.09 18.96
N ASP D 231 -0.98 -13.37 20.25
CA ASP D 231 -2.03 -14.04 21.04
C ASP D 231 -2.93 -13.06 21.81
N GLY D 232 -2.86 -11.78 21.49
CA GLY D 232 -3.85 -10.79 21.94
C GLY D 232 -3.60 -10.19 23.31
N LYS D 233 -2.34 -10.17 23.74
CA LYS D 233 -1.96 -9.61 25.03
C LYS D 233 -1.49 -8.17 24.86
N PRO D 234 -1.93 -7.27 25.74
CA PRO D 234 -1.52 -5.87 25.61
C PRO D 234 -0.02 -5.70 25.74
N VAL D 235 0.53 -4.74 25.00
CA VAL D 235 1.94 -4.39 25.08
C VAL D 235 1.99 -2.90 25.38
N THR D 236 2.79 -2.52 26.38
CA THR D 236 2.80 -1.15 26.84
C THR D 236 4.08 -0.42 26.45
N ALA D 237 4.02 0.90 26.51
CA ALA D 237 5.18 1.75 26.32
C ALA D 237 6.28 1.49 27.36
N GLY D 238 5.88 1.08 28.56
CA GLY D 238 6.83 0.70 29.61
C GLY D 238 7.65 -0.51 29.21
N GLN D 239 6.99 -1.52 28.66
CA GLN D 239 7.72 -2.70 28.12
C GLN D 239 8.74 -2.31 27.06
N LEU D 240 8.48 -1.22 26.34
CA LEU D 240 9.42 -0.69 25.34
C LEU D 240 10.45 0.28 25.94
N LYS D 241 10.34 0.54 27.25
CA LYS D 241 11.25 1.46 27.94
C LYS D 241 11.27 2.84 27.28
N ALA D 242 10.08 3.36 27.01
CA ALA D 242 9.93 4.63 26.29
C ALA D 242 9.54 5.80 27.19
N GLN D 243 8.99 5.51 28.37
CA GLN D 243 8.39 6.53 29.24
C GLN D 243 9.39 7.59 29.71
N GLY D 244 10.61 7.17 30.01
CA GLY D 244 11.65 8.07 30.45
C GLY D 244 11.96 9.12 29.39
N ALA D 245 12.12 8.67 28.14
CA ALA D 245 12.45 9.57 27.04
C ALA D 245 11.29 10.50 26.67
N MET D 246 10.07 9.98 26.74
CA MET D 246 8.88 10.77 26.44
C MET D 246 8.68 11.87 27.48
N ALA D 247 8.81 11.51 28.76
CA ALA D 247 8.77 12.49 29.84
C ALA D 247 9.86 13.56 29.67
N ALA D 248 11.05 13.14 29.26
CA ALA D 248 12.15 14.07 28.98
C ALA D 248 11.80 15.10 27.93
N LEU D 249 11.10 14.67 26.88
CA LEU D 249 10.66 15.56 25.82
C LEU D 249 9.56 16.52 26.29
N LEU D 250 8.84 16.13 27.35
CA LEU D 250 7.75 16.92 27.90
C LEU D 250 8.14 17.70 29.17
N LYS D 251 9.44 17.76 29.47
CA LYS D 251 9.92 18.35 30.72
C LYS D 251 9.56 19.84 30.83
N ASP D 252 9.92 20.61 29.80
CA ASP D 252 9.60 22.03 29.76
C ASP D 252 8.13 22.28 29.45
N ALA D 253 7.58 21.50 28.51
CA ALA D 253 6.19 21.69 28.06
C ALA D 253 5.19 21.56 29.20
N PHE D 254 5.47 20.65 30.14
CA PHE D 254 4.59 20.39 31.28
C PHE D 254 4.48 21.59 32.27
N LYS D 255 5.38 22.56 32.15
CA LYS D 255 5.28 23.81 32.92
C LYS D 255 4.18 24.68 32.31
N PRO D 256 3.14 25.03 33.10
CA PRO D 256 2.05 25.86 32.59
C PRO D 256 2.51 27.21 32.04
N ASN D 257 1.78 27.73 31.05
CA ASN D 257 2.15 28.98 30.38
C ASN D 257 1.33 30.14 30.94
N LEU D 258 2.03 31.18 31.39
CA LEU D 258 1.39 32.38 31.92
C LEU D 258 1.30 33.46 30.84
N VAL D 259 0.07 33.86 30.53
CA VAL D 259 -0.21 35.01 29.68
C VAL D 259 -1.18 35.90 30.45
N GLN D 260 -1.93 36.75 29.75
CA GLN D 260 -2.88 37.65 30.42
C GLN D 260 -4.06 38.01 29.53
N THR D 261 -5.13 38.47 30.15
CA THR D 261 -6.27 39.03 29.42
C THR D 261 -5.94 40.46 29.02
N LEU D 262 -6.83 41.08 28.26
CA LEU D 262 -6.63 42.47 27.85
C LEU D 262 -6.55 43.40 29.08
N GLU D 263 -7.32 43.08 30.12
CA GLU D 263 -7.33 43.87 31.35
C GLU D 263 -6.31 43.38 32.39
N GLY D 264 -5.33 42.58 31.94
CA GLY D 264 -4.22 42.17 32.79
C GLY D 264 -4.51 41.05 33.78
N THR D 265 -5.65 40.37 33.63
CA THR D 265 -5.98 39.23 34.49
C THR D 265 -5.05 38.06 34.14
N PRO D 266 -4.35 37.49 35.16
CA PRO D 266 -3.49 36.33 34.91
C PRO D 266 -4.24 35.16 34.28
N ALA D 267 -3.60 34.50 33.31
CA ALA D 267 -4.21 33.41 32.57
C ALA D 267 -3.20 32.30 32.25
N PHE D 268 -3.53 31.08 32.67
CA PHE D 268 -2.79 29.89 32.22
C PHE D 268 -3.43 29.35 30.94
N VAL D 269 -2.62 29.21 29.89
CA VAL D 269 -3.04 28.55 28.65
C VAL D 269 -2.19 27.29 28.48
N HIS D 270 -2.78 26.13 28.71
CA HIS D 270 -2.00 24.88 28.82
C HIS D 270 -2.79 23.63 28.44
N GLY D 271 -2.34 22.94 27.39
CA GLY D 271 -2.97 21.70 26.93
C GLY D 271 -4.17 21.97 26.04
N GLY D 272 -4.64 20.94 25.35
CA GLY D 272 -5.79 21.10 24.46
C GLY D 272 -6.26 19.82 23.80
N PRO D 273 -6.87 18.90 24.58
CA PRO D 273 -7.47 17.69 24.03
C PRO D 273 -8.88 17.92 23.53
N PHE D 274 -9.40 16.97 22.75
CA PHE D 274 -10.80 17.01 22.30
C PHE D 274 -11.77 16.78 23.47
N ALA D 275 -13.03 17.15 23.26
CA ALA D 275 -14.09 16.95 24.26
C ALA D 275 -14.98 15.74 23.96
N ASN D 276 -14.65 14.96 22.93
CA ASN D 276 -15.43 13.75 22.59
C ASN D 276 -14.66 12.46 22.90
N ILE D 277 -13.53 12.26 22.23
CA ILE D 277 -12.67 11.09 22.49
C ILE D 277 -11.74 11.35 23.68
N ALA D 278 -11.78 12.57 24.20
CA ALA D 278 -11.12 12.90 25.46
C ALA D 278 -12.04 13.80 26.30
N HIS D 279 -11.48 14.49 27.28
CA HIS D 279 -12.27 15.14 28.34
C HIS D 279 -12.46 16.65 28.16
N GLY D 280 -11.74 17.25 27.22
CA GLY D 280 -12.00 18.61 26.78
C GLY D 280 -11.59 19.75 27.71
N CYS D 281 -10.67 19.47 28.64
CA CYS D 281 -10.25 20.44 29.64
C CYS D 281 -8.78 20.82 29.44
N ASN D 282 -8.35 21.93 30.04
CA ASN D 282 -6.91 22.27 30.08
C ASN D 282 -6.22 21.41 31.13
N SER D 283 -4.90 21.51 31.22
CA SER D 283 -4.13 20.59 32.06
C SER D 283 -4.50 20.67 33.54
N ILE D 284 -4.46 19.51 34.20
CA ILE D 284 -4.65 19.44 35.64
C ILE D 284 -3.54 20.22 36.34
N ILE D 285 -2.31 20.09 35.84
CA ILE D 285 -1.18 20.81 36.45
C ILE D 285 -1.43 22.31 36.48
N ALA D 286 -1.98 22.87 35.40
CA ALA D 286 -2.28 24.30 35.33
C ALA D 286 -3.43 24.69 36.27
N THR D 287 -4.49 23.89 36.28
CA THR D 287 -5.63 24.14 37.16
C THR D 287 -5.24 24.08 38.65
N LYS D 288 -4.52 23.02 39.03
CA LYS D 288 -4.11 22.84 40.42
C LYS D 288 -3.18 23.95 40.88
N MET D 289 -2.30 24.39 39.99
CA MET D 289 -1.33 25.44 40.31
C MET D 289 -2.03 26.79 40.44
N ALA D 290 -3.01 27.03 39.56
CA ALA D 290 -3.84 28.24 39.65
C ALA D 290 -4.68 28.26 40.93
N LEU D 291 -5.10 27.08 41.39
CA LEU D 291 -5.89 26.96 42.62
C LEU D 291 -5.08 27.25 43.89
N LYS D 292 -3.75 27.20 43.79
CA LYS D 292 -2.88 27.59 44.90
C LYS D 292 -2.48 29.06 44.84
N LEU D 293 -2.24 29.57 43.62
CA LEU D 293 -1.67 30.91 43.43
C LEU D 293 -2.69 32.06 43.40
N ALA D 294 -3.97 31.76 43.59
CA ALA D 294 -5.02 32.77 43.54
C ALA D 294 -6.17 32.43 44.48
N ASP D 295 -7.16 33.31 44.56
CA ASP D 295 -8.33 33.10 45.42
C ASP D 295 -9.56 32.64 44.63
N TYR D 296 -9.64 33.04 43.36
CA TYR D 296 -10.67 32.58 42.45
C TYR D 296 -10.03 32.09 41.15
N VAL D 297 -10.53 30.98 40.61
CA VAL D 297 -10.08 30.48 39.32
C VAL D 297 -11.28 30.14 38.45
N VAL D 298 -11.32 30.73 37.25
CA VAL D 298 -12.33 30.41 36.26
C VAL D 298 -11.70 29.58 35.15
N THR D 299 -12.21 28.36 34.98
CA THR D 299 -11.78 27.49 33.88
C THR D 299 -13.01 27.06 33.08
N GLU D 300 -12.80 26.15 32.12
CA GLU D 300 -13.87 25.73 31.22
C GLU D 300 -13.62 24.34 30.63
N ALA D 301 -14.66 23.77 30.01
CA ALA D 301 -14.55 22.51 29.27
C ALA D 301 -15.26 22.64 27.92
N GLY D 302 -14.74 21.93 26.91
CA GLY D 302 -15.22 22.07 25.54
C GLY D 302 -16.65 21.62 25.32
N PHE D 303 -17.28 22.18 24.27
CA PHE D 303 -18.67 21.89 23.90
C PHE D 303 -19.66 22.13 25.06
N GLY D 304 -20.87 21.58 24.94
CA GLY D 304 -21.91 21.77 25.95
C GLY D 304 -21.67 21.01 27.24
N ALA D 305 -22.56 21.24 28.22
CA ALA D 305 -22.41 20.66 29.55
C ALA D 305 -22.69 19.16 29.58
N ASP D 306 -23.33 18.65 28.54
CA ASP D 306 -23.53 17.20 28.37
C ASP D 306 -22.23 16.44 28.11
N LEU D 307 -21.22 17.13 27.56
CA LEU D 307 -19.93 16.51 27.24
C LEU D 307 -18.79 17.04 28.14
N GLY D 308 -18.38 18.29 27.91
CA GLY D 308 -17.22 18.86 28.60
C GLY D 308 -17.38 18.96 30.11
N ALA D 309 -18.51 19.50 30.55
CA ALA D 309 -18.78 19.62 31.99
C ALA D 309 -18.91 18.24 32.63
N GLU D 310 -19.66 17.35 31.99
CA GLU D 310 -19.82 15.98 32.48
C GLU D 310 -18.46 15.34 32.72
N LYS D 311 -17.55 15.52 31.76
CA LYS D 311 -16.20 14.95 31.85
C LYS D 311 -15.28 15.71 32.79
N PHE D 312 -15.45 17.03 32.90
CA PHE D 312 -14.73 17.83 33.89
C PHE D 312 -15.04 17.31 35.31
N LEU D 313 -16.31 17.02 35.56
CA LEU D 313 -16.79 16.66 36.89
C LEU D 313 -16.60 15.19 37.23
N ASP D 314 -16.79 14.32 36.24
CA ASP D 314 -16.70 12.87 36.47
C ASP D 314 -15.32 12.27 36.17
N ILE D 315 -14.47 13.02 35.47
CA ILE D 315 -13.10 12.54 35.17
C ILE D 315 -12.05 13.42 35.84
N LYS D 316 -11.99 14.69 35.46
CA LYS D 316 -10.91 15.58 35.90
C LYS D 316 -10.90 15.83 37.41
N CYS D 317 -12.04 16.30 37.95
CA CYS D 317 -12.14 16.63 39.38
C CYS D 317 -11.65 15.50 40.28
N ARG D 318 -12.07 14.27 39.95
CA ARG D 318 -11.72 13.10 40.74
C ARG D 318 -10.25 12.71 40.59
N MET D 319 -9.70 12.85 39.39
CA MET D 319 -8.28 12.60 39.15
C MET D 319 -7.40 13.69 39.74
N ALA D 320 -7.89 14.93 39.71
CA ALA D 320 -7.16 16.09 40.25
C ALA D 320 -7.39 16.29 41.74
N ASP D 321 -8.40 15.61 42.29
CA ASP D 321 -8.82 15.79 43.69
C ASP D 321 -9.19 17.26 43.98
N ILE D 322 -10.00 17.83 43.09
CA ILE D 322 -10.50 19.20 43.24
C ILE D 322 -12.02 19.19 43.23
N ARG D 323 -12.61 20.28 43.73
CA ARG D 323 -14.05 20.36 43.96
C ARG D 323 -14.56 21.71 43.43
N PRO D 324 -15.53 21.69 42.51
CA PRO D 324 -16.03 22.93 41.94
C PRO D 324 -16.97 23.65 42.91
N ASP D 325 -16.81 24.97 43.01
CA ASP D 325 -17.63 25.79 43.90
C ASP D 325 -18.77 26.49 43.17
N ALA D 326 -18.65 26.61 41.85
CA ALA D 326 -19.66 27.28 41.03
C ALA D 326 -19.59 26.85 39.56
N VAL D 327 -20.74 26.88 38.89
CA VAL D 327 -20.82 26.59 37.47
C VAL D 327 -21.59 27.72 36.76
N VAL D 328 -21.04 28.18 35.64
CA VAL D 328 -21.68 29.20 34.81
C VAL D 328 -22.08 28.57 33.48
N ILE D 329 -23.38 28.36 33.28
CA ILE D 329 -23.89 27.80 32.03
C ILE D 329 -24.20 28.92 31.05
N VAL D 330 -23.35 29.09 30.04
CA VAL D 330 -23.49 30.13 29.04
C VAL D 330 -24.57 29.75 28.02
N ALA D 331 -25.31 30.75 27.55
CA ALA D 331 -26.39 30.53 26.60
C ALA D 331 -26.79 31.83 25.91
N THR D 332 -27.60 31.71 24.86
CA THR D 332 -28.16 32.86 24.16
C THR D 332 -29.62 32.60 23.78
N ILE D 333 -30.36 33.68 23.55
CA ILE D 333 -31.76 33.61 23.13
C ILE D 333 -31.83 32.97 21.75
N ARG D 334 -30.94 33.40 20.86
CA ARG D 334 -30.88 32.90 19.49
C ARG D 334 -30.71 31.38 19.45
N ALA D 335 -29.75 30.89 20.24
CA ALA D 335 -29.46 29.45 20.30
C ALA D 335 -30.67 28.64 20.76
N LEU D 336 -31.41 29.17 21.73
CA LEU D 336 -32.59 28.48 22.25
C LEU D 336 -33.76 28.49 21.27
N LYS D 337 -33.87 29.55 20.47
CA LYS D 337 -34.87 29.60 19.40
C LYS D 337 -34.52 28.58 18.31
N TYR D 338 -33.22 28.44 18.01
CA TYR D 338 -32.74 27.39 17.12
C TYR D 338 -33.14 26.00 17.64
N ASN D 339 -33.00 25.79 18.95
CA ASN D 339 -33.44 24.54 19.58
C ASN D 339 -34.96 24.33 19.53
N GLY D 340 -35.70 25.43 19.34
CA GLY D 340 -37.16 25.38 19.21
C GLY D 340 -37.65 25.12 17.80
N GLY D 341 -36.80 25.38 16.80
CA GLY D 341 -37.14 25.13 15.41
C GLY D 341 -36.85 26.27 14.43
N VAL D 342 -36.38 27.42 14.94
CA VAL D 342 -36.14 28.59 14.10
C VAL D 342 -34.88 28.40 13.25
N LYS D 343 -34.96 28.81 11.99
CA LYS D 343 -33.87 28.61 11.03
C LYS D 343 -32.78 29.65 11.24
N LYS D 344 -31.55 29.25 10.91
CA LYS D 344 -30.35 30.11 11.04
C LYS D 344 -30.60 31.54 10.56
N GLU D 345 -31.28 31.66 9.42
CA GLU D 345 -31.49 32.96 8.77
C GLU D 345 -32.54 33.81 9.48
N ASP D 346 -33.44 33.17 10.23
CA ASP D 346 -34.60 33.86 10.81
C ASP D 346 -34.45 34.18 12.30
N LEU D 347 -33.24 34.09 12.84
CA LEU D 347 -33.01 34.22 14.28
C LEU D 347 -33.15 35.64 14.85
N ASN D 348 -33.11 36.66 13.99
CA ASN D 348 -33.20 38.05 14.42
C ASN D 348 -34.62 38.53 14.78
N GLN D 349 -35.62 37.67 14.62
CA GLN D 349 -36.99 38.04 14.93
C GLN D 349 -37.44 37.43 16.26
N GLU D 350 -38.40 38.08 16.91
CA GLU D 350 -38.89 37.64 18.21
C GLU D 350 -39.82 36.44 18.06
N ASN D 351 -39.66 35.47 18.96
CA ASN D 351 -40.47 34.25 18.91
C ASN D 351 -40.47 33.53 20.26
N LEU D 352 -41.44 33.88 21.10
CA LEU D 352 -41.60 33.27 22.42
C LEU D 352 -41.97 31.79 22.35
N ASP D 353 -42.75 31.42 21.33
CA ASP D 353 -43.23 30.04 21.18
C ASP D 353 -42.09 29.09 20.84
N ALA D 354 -41.18 29.53 19.98
CA ALA D 354 -39.97 28.76 19.66
C ALA D 354 -39.01 28.75 20.85
N LEU D 355 -38.82 29.93 21.46
CA LEU D 355 -38.00 30.04 22.67
C LEU D 355 -38.54 29.13 23.78
N LYS D 356 -39.87 29.05 23.89
CA LYS D 356 -40.51 28.15 24.86
C LYS D 356 -40.25 26.68 24.55
N LYS D 357 -40.24 26.34 23.25
CA LYS D 357 -40.03 24.96 22.82
C LYS D 357 -38.57 24.51 22.91
N GLY D 358 -37.64 25.45 22.71
CA GLY D 358 -36.21 25.15 22.72
C GLY D 358 -35.50 25.45 24.03
N LEU D 359 -36.20 26.10 24.95
CA LEU D 359 -35.64 26.44 26.26
C LEU D 359 -35.31 25.22 27.14
N PRO D 360 -36.09 24.13 27.01
CA PRO D 360 -35.79 22.92 27.79
C PRO D 360 -34.36 22.37 27.66
N ASN D 361 -33.65 22.72 26.59
CA ASN D 361 -32.24 22.36 26.46
C ASN D 361 -31.41 22.96 27.59
N LEU D 362 -31.55 24.27 27.79
CA LEU D 362 -30.91 24.97 28.89
C LEU D 362 -31.38 24.42 30.23
N LEU D 363 -32.68 24.20 30.37
CA LEU D 363 -33.25 23.74 31.64
C LEU D 363 -32.73 22.36 32.03
N LYS D 364 -32.54 21.49 31.04
CA LYS D 364 -31.96 20.17 31.29
C LYS D 364 -30.53 20.29 31.82
N HIS D 365 -29.75 21.20 31.24
CA HIS D 365 -28.38 21.44 31.70
C HIS D 365 -28.37 22.05 33.10
N VAL D 366 -29.15 23.10 33.29
CA VAL D 366 -29.28 23.75 34.60
C VAL D 366 -29.69 22.71 35.64
N GLU D 367 -30.65 21.87 35.27
CA GLU D 367 -31.13 20.79 36.13
C GLU D 367 -30.02 19.79 36.46
N ASN D 368 -29.21 19.43 35.47
CA ASN D 368 -28.13 18.46 35.66
C ASN D 368 -27.09 18.92 36.68
N ILE D 369 -26.67 20.19 36.57
CA ILE D 369 -25.65 20.73 37.47
C ILE D 369 -26.20 20.89 38.90
N THR D 370 -27.39 21.47 39.02
CA THR D 370 -27.99 21.73 40.34
C THR D 370 -28.51 20.47 41.02
N GLU D 371 -29.24 19.66 40.28
CA GLU D 371 -29.96 18.52 40.86
C GLU D 371 -29.15 17.22 40.86
N LYS D 372 -28.41 16.95 39.79
CA LYS D 372 -27.65 15.70 39.67
C LYS D 372 -26.27 15.79 40.32
N TYR D 373 -25.54 16.87 40.04
CA TYR D 373 -24.20 17.06 40.59
C TYR D 373 -24.22 17.76 41.94
N GLY D 374 -25.19 18.66 42.15
CA GLY D 374 -25.34 19.36 43.42
C GLY D 374 -24.37 20.51 43.58
N ILE D 375 -24.23 21.32 42.53
CA ILE D 375 -23.30 22.45 42.52
C ILE D 375 -24.06 23.75 42.29
N PRO D 376 -23.69 24.82 43.04
CA PRO D 376 -24.27 26.14 42.79
C PRO D 376 -24.09 26.57 41.34
N THR D 377 -25.17 27.03 40.71
CA THR D 377 -25.18 27.32 39.29
C THR D 377 -25.78 28.69 38.99
N VAL D 378 -25.18 29.38 38.02
CA VAL D 378 -25.75 30.59 37.45
C VAL D 378 -25.75 30.45 35.93
N VAL D 379 -26.72 31.07 35.27
CA VAL D 379 -26.81 31.06 33.81
C VAL D 379 -26.38 32.41 33.28
N ALA D 380 -25.43 32.41 32.34
CA ALA D 380 -24.93 33.63 31.74
C ALA D 380 -25.54 33.82 30.35
N ILE D 381 -26.33 34.88 30.20
CA ILE D 381 -26.98 35.19 28.93
C ILE D 381 -26.16 36.27 28.22
N ASN D 382 -25.49 35.90 27.14
CA ASN D 382 -24.74 36.88 26.35
C ASN D 382 -25.69 37.74 25.54
N GLN D 383 -25.56 39.06 25.69
CA GLN D 383 -26.50 40.02 25.11
C GLN D 383 -26.36 40.12 23.59
N PHE D 384 -27.49 40.19 22.91
CA PHE D 384 -27.53 40.41 21.46
C PHE D 384 -28.64 41.42 21.13
N PRO D 385 -28.36 42.39 20.23
CA PRO D 385 -29.32 43.45 19.88
C PRO D 385 -30.76 42.95 19.63
N THR D 386 -30.90 41.88 18.85
CA THR D 386 -32.20 41.25 18.56
C THR D 386 -33.06 41.00 19.79
N ASP D 387 -32.43 40.57 20.88
CA ASP D 387 -33.15 40.12 22.07
C ASP D 387 -34.12 41.18 22.62
N THR D 388 -35.32 40.74 22.98
CA THR D 388 -36.33 41.62 23.56
C THR D 388 -36.52 41.26 25.03
N GLU D 389 -37.22 42.12 25.75
CA GLU D 389 -37.43 41.93 27.20
C GLU D 389 -38.25 40.69 27.47
N ARG D 390 -39.30 40.47 26.68
CA ARG D 390 -40.17 39.30 26.81
C ARG D 390 -39.40 37.99 26.67
N GLU D 391 -38.50 37.94 25.69
CA GLU D 391 -37.65 36.78 25.48
C GLU D 391 -36.75 36.56 26.71
N LEU D 392 -36.03 37.61 27.09
CA LEU D 392 -35.12 37.58 28.23
C LEU D 392 -35.84 37.24 29.55
N ALA D 393 -37.08 37.70 29.68
CA ALA D 393 -37.87 37.48 30.90
C ALA D 393 -38.28 36.02 31.08
N LEU D 394 -38.72 35.39 29.98
CA LEU D 394 -39.13 33.99 30.00
C LEU D 394 -38.00 33.06 30.44
N VAL D 395 -36.78 33.36 29.99
CA VAL D 395 -35.60 32.59 30.37
C VAL D 395 -35.36 32.72 31.87
N GLN D 396 -35.27 33.96 32.34
CA GLN D 396 -35.15 34.24 33.77
C GLN D 396 -36.25 33.58 34.58
N GLU D 397 -37.48 33.65 34.06
CA GLU D 397 -38.64 33.05 34.72
C GLU D 397 -38.46 31.54 34.91
N GLU D 398 -38.13 30.84 33.83
CA GLU D 398 -37.98 29.38 33.86
C GLU D 398 -36.77 28.93 34.68
N CYS D 399 -35.69 29.71 34.65
CA CYS D 399 -34.51 29.43 35.47
C CYS D 399 -34.84 29.57 36.96
N ASN D 400 -35.64 30.58 37.29
CA ASN D 400 -36.08 30.79 38.67
C ASN D 400 -36.92 29.64 39.22
N ARG D 401 -37.66 28.96 38.34
CA ARG D 401 -38.43 27.77 38.73
C ARG D 401 -37.51 26.63 39.19
N LEU D 402 -36.29 26.59 38.65
CA LEU D 402 -35.28 25.63 39.09
C LEU D 402 -34.41 26.19 40.22
N GLY D 403 -34.73 27.40 40.67
CA GLY D 403 -34.00 28.03 41.78
C GLY D 403 -32.68 28.64 41.33
N VAL D 404 -32.67 29.18 40.12
CA VAL D 404 -31.43 29.64 39.48
C VAL D 404 -31.65 31.00 38.80
N ASN D 405 -30.66 31.87 38.92
CA ASN D 405 -30.70 33.19 38.28
C ASN D 405 -30.06 33.19 36.91
N ALA D 406 -30.68 33.94 35.98
CA ALA D 406 -30.15 34.11 34.64
C ALA D 406 -29.73 35.56 34.44
N VAL D 407 -28.42 35.80 34.52
CA VAL D 407 -27.86 37.15 34.49
C VAL D 407 -27.39 37.53 33.09
N LEU D 408 -27.67 38.76 32.67
CA LEU D 408 -27.23 39.28 31.38
C LEU D 408 -25.73 39.54 31.43
N SER D 409 -25.05 39.35 30.29
CA SER D 409 -23.62 39.56 30.20
C SER D 409 -23.28 40.29 28.91
N GLU D 410 -22.39 41.28 29.02
CA GLU D 410 -21.96 42.08 27.86
C GLU D 410 -20.44 42.14 27.82
N VAL D 411 -19.81 41.02 28.16
CA VAL D 411 -18.34 40.96 28.22
C VAL D 411 -17.66 41.17 26.87
N TRP D 412 -18.35 40.80 25.79
CA TRP D 412 -17.81 40.96 24.45
C TRP D 412 -17.62 42.44 24.11
N ALA D 413 -18.67 43.22 24.33
CA ALA D 413 -18.64 44.66 24.01
C ALA D 413 -18.00 45.51 25.11
N LYS D 414 -18.27 45.17 26.37
CA LYS D 414 -17.88 46.02 27.51
C LYS D 414 -16.83 45.40 28.45
N GLY D 415 -16.20 44.31 28.02
CA GLY D 415 -15.14 43.69 28.82
C GLY D 415 -15.57 43.28 30.21
N GLY D 416 -14.73 43.56 31.20
CA GLY D 416 -14.99 43.18 32.59
C GLY D 416 -16.20 43.89 33.20
N GLU D 417 -16.48 45.10 32.73
CA GLU D 417 -17.67 45.83 33.19
C GLU D 417 -18.92 45.04 32.85
N GLY D 418 -18.96 44.49 31.64
CA GLY D 418 -20.09 43.67 31.18
C GLY D 418 -20.31 42.38 31.96
N GLY D 419 -19.32 41.98 32.76
CA GLY D 419 -19.43 40.78 33.58
C GLY D 419 -19.58 41.04 35.08
N LEU D 420 -19.66 42.31 35.48
CA LEU D 420 -19.76 42.67 36.90
C LEU D 420 -20.95 42.00 37.58
N GLU D 421 -22.12 42.09 36.95
CA GLU D 421 -23.34 41.51 37.52
C GLU D 421 -23.26 39.99 37.58
N LEU D 422 -22.70 39.38 36.53
CA LEU D 422 -22.43 37.94 36.54
C LEU D 422 -21.48 37.61 37.70
N ALA D 423 -20.37 38.33 37.76
CA ALA D 423 -19.35 38.12 38.81
C ALA D 423 -19.93 38.28 40.22
N LYS D 424 -20.76 39.30 40.42
CA LYS D 424 -21.45 39.51 41.69
C LYS D 424 -22.27 38.29 42.07
N GLU D 425 -23.07 37.80 41.12
CA GLU D 425 -23.91 36.62 41.36
C GLU D 425 -23.09 35.35 41.60
N VAL D 426 -21.97 35.21 40.89
CA VAL D 426 -21.08 34.06 41.09
C VAL D 426 -20.55 34.04 42.52
N VAL D 427 -20.09 35.19 43.01
CA VAL D 427 -19.58 35.30 44.38
C VAL D 427 -20.70 34.99 45.38
N ARG D 428 -21.92 35.42 45.07
CA ARG D 428 -23.07 35.19 45.94
C ARG D 428 -23.38 33.71 46.09
N ILE D 429 -23.43 32.98 44.98
CA ILE D 429 -23.77 31.54 45.02
C ILE D 429 -22.64 30.69 45.62
N ILE D 430 -21.41 31.21 45.58
CA ILE D 430 -20.31 30.57 46.28
C ILE D 430 -20.52 30.70 47.79
N GLU D 431 -20.81 31.91 48.24
CA GLU D 431 -21.03 32.18 49.67
C GLU D 431 -22.33 31.58 50.21
N GLU D 432 -23.42 31.77 49.47
CA GLU D 432 -24.76 31.43 49.96
C GLU D 432 -25.30 30.09 49.45
N GLY D 433 -25.06 29.80 48.17
CA GLY D 433 -25.60 28.59 47.52
C GLY D 433 -25.11 27.30 48.14
N LYS D 434 -25.99 26.31 48.20
CA LYS D 434 -25.67 25.00 48.76
C LYS D 434 -24.91 24.14 47.75
N ASN D 435 -23.79 23.55 48.21
CA ASN D 435 -22.97 22.68 47.37
C ASN D 435 -22.89 21.28 47.97
N ASN D 436 -23.44 20.31 47.26
CA ASN D 436 -23.35 18.91 47.65
C ASN D 436 -22.74 18.09 46.51
N PHE D 437 -21.58 18.54 46.03
CA PHE D 437 -20.95 17.96 44.84
C PHE D 437 -20.52 16.51 45.04
N LYS D 438 -20.89 15.67 44.07
CA LYS D 438 -20.24 14.37 43.89
C LYS D 438 -20.40 13.92 42.43
N PRO D 439 -19.44 13.13 41.91
CA PRO D 439 -19.58 12.56 40.57
C PRO D 439 -20.85 11.70 40.42
N ILE D 440 -21.39 11.67 39.21
CA ILE D 440 -22.69 11.02 38.96
C ILE D 440 -22.62 9.48 39.04
N TYR D 441 -21.40 8.92 39.03
CA TYR D 441 -21.21 7.48 39.24
C TYR D 441 -19.97 7.20 40.08
N ASP D 442 -19.95 6.05 40.74
CA ASP D 442 -18.78 5.60 41.50
C ASP D 442 -17.83 4.82 40.60
N LEU D 443 -16.53 4.91 40.91
CA LEU D 443 -15.51 4.23 40.11
C LEU D 443 -15.66 2.71 40.09
N ASP D 444 -16.14 2.13 41.20
CA ASP D 444 -16.28 0.67 41.31
C ASP D 444 -17.49 0.10 40.55
N MET D 445 -18.30 0.97 39.95
CA MET D 445 -19.38 0.54 39.07
C MET D 445 -18.81 -0.11 37.80
N GLY D 446 -19.59 -0.97 37.15
CA GLY D 446 -19.19 -1.60 35.90
C GLY D 446 -19.18 -0.60 34.75
N ILE D 447 -18.33 -0.85 33.76
CA ILE D 447 -18.17 0.07 32.61
C ILE D 447 -19.50 0.31 31.90
N ALA D 448 -20.23 -0.77 31.63
CA ALA D 448 -21.52 -0.68 30.93
C ALA D 448 -22.52 0.16 31.73
N ASP D 449 -22.61 -0.13 33.03
CA ASP D 449 -23.48 0.61 33.95
C ASP D 449 -23.11 2.10 34.02
N LYS D 450 -21.81 2.40 34.03
CA LYS D 450 -21.35 3.79 34.01
C LYS D 450 -21.81 4.52 32.75
N ILE D 451 -21.67 3.86 31.60
CA ILE D 451 -22.10 4.43 30.32
C ILE D 451 -23.61 4.62 30.34
N THR D 452 -24.33 3.66 30.93
CA THR D 452 -25.78 3.75 31.08
C THR D 452 -26.17 4.92 32.00
N THR D 453 -25.46 5.05 33.13
CA THR D 453 -25.73 6.13 34.08
C THR D 453 -25.62 7.51 33.44
N ILE D 454 -24.51 7.76 32.75
CA ILE D 454 -24.28 9.04 32.08
C ILE D 454 -25.34 9.28 31.01
N ALA D 455 -25.67 8.23 30.26
CA ALA D 455 -26.68 8.30 29.21
C ALA D 455 -28.06 8.68 29.77
N LYS D 456 -28.47 8.00 30.83
CA LYS D 456 -29.76 8.26 31.44
C LYS D 456 -29.77 9.59 32.21
N GLU D 457 -28.84 9.74 33.15
CA GLU D 457 -28.85 10.89 34.05
C GLU D 457 -28.52 12.23 33.39
N ILE D 458 -27.52 12.25 32.52
CA ILE D 458 -27.04 13.50 31.92
C ILE D 458 -27.74 13.83 30.59
N TYR D 459 -27.80 12.85 29.67
CA TYR D 459 -28.39 13.10 28.35
C TYR D 459 -29.92 13.05 28.39
N GLY D 460 -30.46 12.23 29.31
CA GLY D 460 -31.92 12.04 29.42
C GLY D 460 -32.41 10.88 28.56
N ALA D 461 -31.58 9.85 28.44
CA ALA D 461 -31.90 8.68 27.60
C ALA D 461 -32.67 7.64 28.40
N ASP D 462 -33.47 6.84 27.69
CA ASP D 462 -34.17 5.71 28.30
C ASP D 462 -33.18 4.61 28.65
N GLY D 463 -32.08 4.55 27.92
CA GLY D 463 -31.03 3.57 28.16
C GLY D 463 -30.00 3.57 27.06
N VAL D 464 -29.11 2.58 27.09
CA VAL D 464 -28.07 2.44 26.08
C VAL D 464 -28.24 1.12 25.34
N GLU D 465 -28.09 1.18 24.02
CA GLU D 465 -28.06 -0.01 23.18
C GLU D 465 -26.62 -0.32 22.83
N PHE D 466 -26.04 -1.32 23.50
CA PHE D 466 -24.68 -1.77 23.21
C PHE D 466 -24.68 -2.77 22.06
N ALA D 467 -23.77 -2.56 21.11
CA ALA D 467 -23.55 -3.52 20.03
C ALA D 467 -22.78 -4.72 20.58
N PRO D 468 -22.88 -5.90 19.92
CA PRO D 468 -22.16 -7.10 20.34
C PRO D 468 -20.65 -6.90 20.52
N ALA D 469 -20.03 -6.16 19.59
CA ALA D 469 -18.60 -5.84 19.69
C ALA D 469 -18.29 -5.00 20.92
N ALA D 470 -19.18 -4.05 21.24
CA ALA D 470 -19.02 -3.21 22.42
C ALA D 470 -19.08 -4.05 23.70
N LEU D 471 -20.06 -4.94 23.78
CA LEU D 471 -20.22 -5.83 24.93
C LEU D 471 -18.99 -6.72 25.11
N LYS D 472 -18.51 -7.30 24.02
CA LYS D 472 -17.30 -8.12 24.03
C LYS D 472 -16.07 -7.33 24.51
N GLU D 473 -15.89 -6.11 23.97
CA GLU D 473 -14.75 -5.28 24.32
C GLU D 473 -14.76 -4.91 25.80
N ILE D 474 -15.93 -4.53 26.31
CA ILE D 474 -16.09 -4.20 27.72
C ILE D 474 -15.64 -5.37 28.60
N ASN D 475 -16.10 -6.58 28.27
CA ASN D 475 -15.73 -7.77 29.03
C ASN D 475 -14.23 -8.02 29.01
N THR D 476 -13.61 -7.87 27.84
CA THR D 476 -12.17 -8.02 27.70
C THR D 476 -11.42 -6.98 28.52
N LEU D 477 -11.89 -5.73 28.49
CA LEU D 477 -11.26 -4.66 29.24
C LEU D 477 -11.38 -4.85 30.76
N GLU D 478 -12.54 -5.32 31.20
CA GLU D 478 -12.73 -5.66 32.62
C GLU D 478 -11.90 -6.88 33.01
N GLU D 479 -11.77 -7.84 32.08
CA GLU D 479 -10.88 -8.98 32.28
C GLU D 479 -9.40 -8.54 32.42
N LEU D 480 -9.01 -7.51 31.66
CA LEU D 480 -7.65 -6.97 31.74
C LEU D 480 -7.43 -6.09 32.99
N GLY D 481 -8.50 -5.77 33.71
CA GLY D 481 -8.40 -5.04 34.97
C GLY D 481 -8.73 -3.56 34.91
N PHE D 482 -9.55 -3.16 33.93
CA PHE D 482 -9.91 -1.75 33.75
C PHE D 482 -11.35 -1.42 34.14
N LYS D 483 -11.99 -2.29 34.92
CA LYS D 483 -13.40 -2.10 35.30
C LYS D 483 -13.63 -0.81 36.09
N ASN D 484 -12.65 -0.42 36.90
CA ASN D 484 -12.82 0.66 37.88
C ASN D 484 -12.31 2.03 37.42
N VAL D 485 -12.22 2.24 36.10
CA VAL D 485 -11.82 3.54 35.55
C VAL D 485 -13.05 4.31 35.06
N PRO D 486 -12.92 5.65 34.93
CA PRO D 486 -14.05 6.45 34.43
C PRO D 486 -14.33 6.30 32.93
N VAL D 487 -15.43 6.91 32.48
CA VAL D 487 -15.96 6.72 31.13
C VAL D 487 -15.98 8.02 30.34
N CYS D 488 -15.52 7.96 29.10
CA CYS D 488 -15.47 9.11 28.21
C CYS D 488 -16.27 8.84 26.93
N ILE D 489 -17.53 9.28 26.92
CA ILE D 489 -18.43 9.00 25.80
C ILE D 489 -18.18 9.96 24.66
N ALA D 490 -17.88 9.41 23.48
CA ALA D 490 -17.68 10.20 22.28
C ALA D 490 -18.99 10.23 21.49
N LYS D 491 -19.59 11.42 21.42
CA LYS D 491 -20.82 11.62 20.65
C LYS D 491 -20.87 13.05 20.12
N THR D 492 -21.92 13.34 19.36
CA THR D 492 -22.12 14.67 18.79
C THR D 492 -22.31 15.72 19.88
N GLN D 493 -21.87 16.93 19.59
CA GLN D 493 -21.99 18.06 20.52
C GLN D 493 -23.29 18.82 20.30
N TYR D 494 -23.88 18.69 19.11
CA TYR D 494 -25.03 19.50 18.70
C TYR D 494 -26.36 19.04 19.31
N SER D 495 -26.35 17.88 19.97
CA SER D 495 -27.56 17.34 20.58
C SER D 495 -27.23 16.54 21.82
N LEU D 496 -28.18 16.48 22.75
CA LEU D 496 -28.06 15.65 23.94
C LEU D 496 -28.02 14.17 23.56
N THR D 497 -28.69 13.83 22.46
CA THR D 497 -28.68 12.45 21.92
C THR D 497 -27.41 12.23 21.10
N ASP D 498 -27.26 11.02 20.56
CA ASP D 498 -26.16 10.74 19.62
C ASP D 498 -26.55 11.08 18.18
N ASP D 499 -27.78 11.53 17.97
CA ASP D 499 -28.23 12.07 16.68
C ASP D 499 -28.15 13.59 16.74
N PRO D 500 -27.34 14.21 15.86
CA PRO D 500 -27.19 15.67 15.88
C PRO D 500 -28.45 16.48 15.51
N LYS D 501 -29.43 15.83 14.89
CA LYS D 501 -30.65 16.52 14.43
C LYS D 501 -31.65 16.79 15.57
N LEU D 502 -31.60 15.97 16.62
CA LEU D 502 -32.60 16.03 17.69
C LEU D 502 -32.27 17.12 18.71
N LEU D 503 -32.78 18.33 18.44
CA LEU D 503 -32.52 19.51 19.27
C LEU D 503 -33.50 19.60 20.44
N GLY D 504 -33.31 20.61 21.29
CA GLY D 504 -34.21 20.87 22.42
C GLY D 504 -33.93 19.99 23.61
N ARG D 505 -34.96 19.29 24.10
CA ARG D 505 -34.82 18.30 25.16
C ARG D 505 -35.48 16.99 24.72
N PRO D 506 -34.80 16.22 23.85
CA PRO D 506 -35.39 14.97 23.34
C PRO D 506 -35.67 13.94 24.42
N THR D 507 -36.70 13.13 24.21
CA THR D 507 -37.07 12.05 25.11
C THR D 507 -37.40 10.81 24.27
N GLY D 508 -37.62 9.69 24.95
CA GLY D 508 -37.96 8.44 24.27
C GLY D 508 -36.85 7.92 23.36
N PHE D 509 -35.61 8.22 23.70
CA PHE D 509 -34.46 7.82 22.88
C PHE D 509 -33.47 6.97 23.67
N LYS D 510 -32.61 6.27 22.94
CA LYS D 510 -31.51 5.50 23.53
C LYS D 510 -30.22 5.79 22.78
N ILE D 511 -29.09 5.64 23.46
CA ILE D 511 -27.77 5.85 22.86
C ILE D 511 -27.24 4.53 22.32
N ASN D 512 -26.65 4.58 21.12
CA ASN D 512 -26.02 3.42 20.50
C ASN D 512 -24.51 3.46 20.63
N VAL D 513 -23.96 2.55 21.42
CA VAL D 513 -22.51 2.43 21.59
C VAL D 513 -21.99 1.30 20.71
N ARG D 514 -21.28 1.66 19.64
CA ARG D 514 -20.78 0.67 18.69
C ARG D 514 -19.52 -0.04 19.19
N ASN D 515 -18.62 0.71 19.82
CA ASN D 515 -17.35 0.15 20.30
C ASN D 515 -16.90 0.79 21.61
N VAL D 516 -15.96 0.11 22.29
CA VAL D 516 -15.38 0.61 23.52
C VAL D 516 -13.87 0.36 23.48
N LYS D 517 -13.09 1.42 23.72
CA LYS D 517 -11.63 1.36 23.65
C LYS D 517 -10.97 2.01 24.86
N ILE D 518 -9.94 1.36 25.40
CA ILE D 518 -9.21 1.89 26.56
C ILE D 518 -8.11 2.88 26.14
N SER D 519 -7.98 3.96 26.91
CA SER D 519 -6.80 4.80 26.88
C SER D 519 -6.10 4.62 28.23
N ALA D 520 -5.19 3.66 28.29
CA ALA D 520 -4.60 3.24 29.57
C ALA D 520 -3.76 4.33 30.22
N GLY D 521 -3.04 5.10 29.42
CA GLY D 521 -2.28 6.23 29.94
C GLY D 521 -3.23 7.27 30.53
N ALA D 522 -4.19 7.71 29.72
CA ALA D 522 -5.20 8.67 30.16
C ALA D 522 -5.95 8.15 31.39
N GLY D 523 -6.22 6.84 31.41
CA GLY D 523 -6.86 6.19 32.53
C GLY D 523 -8.38 6.25 32.45
N PHE D 524 -8.90 6.31 31.23
CA PHE D 524 -10.34 6.19 31.02
C PHE D 524 -10.66 5.36 29.77
N VAL D 525 -11.89 4.86 29.75
CA VAL D 525 -12.42 4.08 28.64
C VAL D 525 -13.21 5.00 27.71
N VAL D 526 -12.94 4.93 26.41
CA VAL D 526 -13.68 5.70 25.42
C VAL D 526 -14.81 4.84 24.84
N ALA D 527 -16.04 5.34 24.95
CA ALA D 527 -17.21 4.67 24.38
C ALA D 527 -17.61 5.39 23.10
N LEU D 528 -17.61 4.67 21.98
CA LEU D 528 -17.82 5.29 20.68
C LEU D 528 -19.25 5.07 20.19
N THR D 529 -19.84 6.11 19.60
CA THR D 529 -21.22 6.05 19.10
C THR D 529 -21.22 6.07 17.57
N GLY D 530 -20.84 7.20 16.99
CA GLY D 530 -20.81 7.36 15.53
C GLY D 530 -19.39 7.39 15.00
N ALA D 531 -19.21 8.00 13.84
CA ALA D 531 -17.90 8.17 13.24
C ALA D 531 -17.16 9.29 13.95
N ILE D 532 -15.84 9.14 14.07
CA ILE D 532 -14.99 10.15 14.71
C ILE D 532 -13.96 10.67 13.71
N MET D 533 -13.80 11.99 13.69
CA MET D 533 -12.73 12.62 12.92
C MET D 533 -11.59 13.00 13.86
N THR D 534 -10.43 12.41 13.65
CA THR D 534 -9.23 12.74 14.42
C THR D 534 -8.20 13.50 13.58
N MET D 535 -8.47 13.65 12.29
CA MET D 535 -7.59 14.40 11.40
C MET D 535 -8.41 15.25 10.42
N PRO D 536 -8.62 16.55 10.75
CA PRO D 536 -9.37 17.41 9.84
C PRO D 536 -8.56 17.75 8.60
N GLY D 537 -9.27 18.03 7.51
CA GLY D 537 -8.65 18.38 6.24
C GLY D 537 -8.75 19.86 5.95
N LEU D 538 -8.07 20.29 4.90
CA LEU D 538 -8.12 21.67 4.45
C LEU D 538 -9.27 21.86 3.44
N PRO D 539 -9.77 23.11 3.31
CA PRO D 539 -10.80 23.42 2.33
C PRO D 539 -10.17 23.80 0.98
N LYS D 540 -11.00 24.09 -0.02
CA LYS D 540 -10.51 24.44 -1.35
C LYS D 540 -9.61 25.68 -1.34
N ARG D 541 -9.95 26.65 -0.50
CA ARG D 541 -9.15 27.86 -0.37
C ARG D 541 -8.67 27.98 1.07
N PRO D 542 -7.53 27.33 1.40
CA PRO D 542 -7.04 27.39 2.77
C PRO D 542 -6.64 28.80 3.16
N ALA D 543 -6.92 29.17 4.40
CA ALA D 543 -6.52 30.47 4.94
C ALA D 543 -5.03 30.72 4.80
N ALA D 544 -4.24 29.64 4.76
CA ALA D 544 -2.80 29.71 4.49
C ALA D 544 -2.45 30.59 3.29
N GLU D 545 -3.31 30.57 2.28
CA GLU D 545 -3.07 31.34 1.06
C GLU D 545 -3.01 32.85 1.31
N LYS D 546 -3.70 33.31 2.36
CA LYS D 546 -3.72 34.74 2.68
C LYS D 546 -2.90 35.11 3.91
N ILE D 547 -2.15 34.16 4.47
CA ILE D 547 -1.19 34.44 5.54
C ILE D 547 0.11 34.93 4.91
N ASP D 548 0.72 35.97 5.50
CA ASP D 548 1.89 36.63 4.91
C ASP D 548 2.74 37.34 5.98
N VAL D 549 3.92 37.84 5.61
CA VAL D 549 4.86 38.44 6.58
C VAL D 549 5.49 39.78 6.15
N ASP D 550 6.58 39.71 5.38
CA ASP D 550 7.54 40.82 5.14
C ASP D 550 7.81 41.84 6.28
N VAL D 551 8.25 43.06 5.93
CA VAL D 551 9.05 43.92 6.83
C VAL D 551 8.53 43.97 8.27
N ASN D 552 9.45 43.74 9.21
CA ASN D 552 9.13 43.45 10.61
C ASN D 552 8.66 42.00 10.77
N GLY D 553 7.49 41.69 10.21
CA GLY D 553 6.81 40.43 10.48
C GLY D 553 6.37 40.39 11.94
N LYS D 554 5.15 40.81 12.30
CA LYS D 554 4.10 41.31 11.40
C LYS D 554 3.52 40.22 10.49
N ILE D 555 2.88 39.25 11.11
CA ILE D 555 2.18 38.21 10.37
C ILE D 555 0.74 38.67 10.12
N ALA D 556 0.41 38.91 8.86
CA ALA D 556 -0.96 39.28 8.47
C ALA D 556 -1.74 38.03 8.07
N GLY D 557 -3.05 38.20 7.94
CA GLY D 557 -3.92 37.16 7.38
C GLY D 557 -4.26 36.00 8.29
N LEU D 558 -3.80 36.03 9.53
CA LEU D 558 -4.14 34.97 10.49
C LEU D 558 -5.60 35.06 10.89
N PHE D 559 -6.08 36.29 11.12
CA PHE D 559 -7.44 36.53 11.61
C PHE D 559 -8.20 37.48 10.68
C1 EDO E . -24.14 -22.57 -2.67
O1 EDO E . -25.44 -22.48 -3.26
C2 EDO E . -23.41 -21.24 -2.81
O2 EDO E . -24.04 -20.45 -3.82
C1 EDO F . -15.37 -7.82 0.39
O1 EDO F . -15.67 -7.99 -1.00
C2 EDO F . -13.87 -7.90 0.65
O2 EDO F . -13.35 -9.14 0.16
C1 EDO G . -20.18 -21.17 -32.48
O1 EDO G . -20.70 -22.49 -32.25
C2 EDO G . -18.80 -20.99 -31.86
O2 EDO G . -17.88 -21.98 -32.36
C1 PEG H . -51.42 -28.00 -6.70
O1 PEG H . -50.58 -29.17 -6.62
C2 PEG H . -50.61 -26.74 -7.04
O2 PEG H . -51.37 -25.54 -6.98
C3 PEG H . -51.10 -24.71 -5.85
C4 PEG H . -51.71 -25.33 -4.60
O4 PEG H . -50.81 -26.27 -4.00
O1 TAR I . -10.25 -13.52 11.32
O11 TAR I . -12.25 -14.20 10.73
C1 TAR I . -11.03 -14.05 10.49
C2 TAR I . -10.44 -14.54 9.20
O2 TAR I . -9.86 -15.83 9.40
C3 TAR I . -11.45 -14.58 8.05
O3 TAR I . -12.72 -15.11 8.47
C4 TAR I . -10.93 -15.47 6.95
O4 TAR I . -10.27 -14.95 6.03
O41 TAR I . -11.14 -16.70 7.02
C1 GOL J . -26.43 -27.82 -3.35
O1 GOL J . -26.46 -29.21 -2.97
C2 GOL J . -26.13 -26.96 -2.12
O2 GOL J . -27.23 -27.00 -1.22
C3 GOL J . -25.80 -25.52 -2.53
O3 GOL J . -26.92 -24.65 -2.25
C1 GOL K . -28.56 -38.73 3.86
O1 GOL K . -28.66 -38.16 2.55
C2 GOL K . -27.86 -40.07 3.80
O2 GOL K . -26.47 -39.87 4.11
C3 GOL K . -28.48 -41.10 4.76
O3 GOL K . -27.48 -41.93 5.38
K K L . -14.53 -26.54 -11.51
K K M . -11.68 0.16 -6.06
C1 EDO N . 10.68 -15.96 -26.45
O1 EDO N . 10.91 -15.91 -27.86
C2 EDO N . 10.65 -14.56 -25.86
O2 EDO N . 11.58 -14.46 -24.77
C1 EDO O . -8.95 -21.45 -37.79
O1 EDO O . -8.72 -21.17 -36.40
C2 EDO O . -7.69 -21.20 -38.59
O2 EDO O . -6.71 -22.21 -38.35
C1 EDO P . 27.99 -31.02 -42.14
O1 EDO P . 28.82 -31.80 -41.27
C2 EDO P . 28.18 -29.52 -41.90
O2 EDO P . 28.12 -29.24 -40.51
C1 PEG Q . 13.42 -9.82 -2.64
O1 PEG Q . 12.20 -10.26 -2.03
C2 PEG Q . 14.53 -10.87 -2.49
O2 PEG Q . 14.55 -11.39 -1.16
C3 PEG Q . 15.56 -12.39 -0.97
C4 PEG Q . 16.07 -12.34 0.47
O4 PEG Q . 16.98 -13.42 0.68
C ACT R . 5.14 0.45 -20.06
O ACT R . 4.60 -0.30 -19.22
OXT ACT R . 4.70 0.53 -21.23
CH3 ACT R . 6.33 1.28 -19.66
O1 TAR S . 35.70 -27.30 -13.31
O11 TAR S . 36.75 -25.42 -13.73
C1 TAR S . 36.02 -26.14 -12.99
C2 TAR S . 35.55 -25.61 -11.66
O2 TAR S . 36.31 -26.24 -10.63
C3 TAR S . 35.65 -24.09 -11.56
O3 TAR S . 36.94 -23.64 -11.99
C4 TAR S . 35.42 -23.62 -10.15
O4 TAR S . 34.44 -22.89 -9.91
O41 TAR S . 36.23 -23.97 -9.26
K K T . -2.53 -19.63 -26.09
K K U . 8.30 -10.05 -2.40
O1 TAR V . -15.87 14.38 2.87
O11 TAR V . -14.47 13.69 4.43
C1 TAR V . -14.71 14.28 3.36
C2 TAR V . -13.56 14.89 2.62
O2 TAR V . -14.00 15.48 1.38
C3 TAR V . -12.81 15.93 3.46
O3 TAR V . -12.38 15.38 4.70
C4 TAR V . -13.61 17.19 3.71
O4 TAR V . -13.32 17.88 4.71
O41 TAR V . -14.52 17.51 2.91
C1 GOL W . 20.39 -1.37 8.05
O1 GOL W . 20.44 -2.39 7.04
C2 GOL W . 19.05 -0.62 7.99
O2 GOL W . 18.74 -0.27 6.64
C3 GOL W . 19.14 0.65 8.83
O3 GOL W . 17.86 1.29 8.81
K K X . 6.76 10.78 -4.49
K K Y . 18.07 20.31 18.81
C1 GOL Z . -16.12 27.57 21.52
O1 GOL Z . -15.70 28.94 21.63
C2 GOL Z . -15.91 26.84 22.84
O2 GOL Z . -14.96 27.56 23.63
C3 GOL Z . -15.44 25.39 22.63
O3 GOL Z . -16.51 24.48 22.91
K K AA . -2.59 0.13 13.04
K K BA . -0.87 26.86 19.11
#